data_6D42
# 
_entry.id   6D42 
# 
_audit_conform.dict_name       mmcif_pdbx.dic 
_audit_conform.dict_version    5.399 
_audit_conform.dict_location   http://mmcif.pdb.org/dictionaries/ascii/mmcif_pdbx.dic 
# 
loop_
_database_2.database_id 
_database_2.database_code 
_database_2.pdbx_database_accession 
_database_2.pdbx_DOI 
PDB   6D42         pdb_00006d42 10.2210/pdb6d42/pdb 
WWPDB D_1000233953 ?            ?                   
# 
loop_
_pdbx_audit_revision_history.ordinal 
_pdbx_audit_revision_history.data_content_type 
_pdbx_audit_revision_history.major_revision 
_pdbx_audit_revision_history.minor_revision 
_pdbx_audit_revision_history.revision_date 
1 'Structure model' 1 0 2018-07-11 
2 'Structure model' 1 1 2019-12-18 
3 'Structure model' 1 2 2024-11-20 
# 
_pdbx_audit_revision_details.ordinal             1 
_pdbx_audit_revision_details.revision_ordinal    1 
_pdbx_audit_revision_details.data_content_type   'Structure model' 
_pdbx_audit_revision_details.provider            repository 
_pdbx_audit_revision_details.type                'Initial release' 
_pdbx_audit_revision_details.description         ? 
_pdbx_audit_revision_details.details             ? 
# 
loop_
_pdbx_audit_revision_group.ordinal 
_pdbx_audit_revision_group.revision_ordinal 
_pdbx_audit_revision_group.data_content_type 
_pdbx_audit_revision_group.group 
1 2 'Structure model' 'Author supporting evidence' 
2 3 'Structure model' 'Data collection'            
3 3 'Structure model' 'Database references'        
4 3 'Structure model' 'Derived calculations'       
5 3 'Structure model' 'Structure summary'          
# 
loop_
_pdbx_audit_revision_category.ordinal 
_pdbx_audit_revision_category.revision_ordinal 
_pdbx_audit_revision_category.data_content_type 
_pdbx_audit_revision_category.category 
1 2 'Structure model' pdbx_audit_support        
2 3 'Structure model' chem_comp_atom            
3 3 'Structure model' chem_comp_bond            
4 3 'Structure model' database_2                
5 3 'Structure model' pdbx_entry_details        
6 3 'Structure model' pdbx_modification_feature 
7 3 'Structure model' pdbx_struct_conn_angle    
8 3 'Structure model' struct_conn               
# 
loop_
_pdbx_audit_revision_item.ordinal 
_pdbx_audit_revision_item.revision_ordinal 
_pdbx_audit_revision_item.data_content_type 
_pdbx_audit_revision_item.item 
1  2 'Structure model' '_pdbx_audit_support.funding_organization'    
2  3 'Structure model' '_database_2.pdbx_DOI'                        
3  3 'Structure model' '_database_2.pdbx_database_accession'         
4  3 'Structure model' '_pdbx_struct_conn_angle.ptnr1_auth_comp_id'  
5  3 'Structure model' '_pdbx_struct_conn_angle.ptnr1_auth_seq_id'   
6  3 'Structure model' '_pdbx_struct_conn_angle.ptnr1_label_asym_id' 
7  3 'Structure model' '_pdbx_struct_conn_angle.ptnr1_label_atom_id' 
8  3 'Structure model' '_pdbx_struct_conn_angle.ptnr1_label_comp_id' 
9  3 'Structure model' '_pdbx_struct_conn_angle.ptnr1_label_seq_id'  
10 3 'Structure model' '_pdbx_struct_conn_angle.ptnr3_auth_comp_id'  
11 3 'Structure model' '_pdbx_struct_conn_angle.ptnr3_auth_seq_id'   
12 3 'Structure model' '_pdbx_struct_conn_angle.ptnr3_label_asym_id' 
13 3 'Structure model' '_pdbx_struct_conn_angle.ptnr3_label_atom_id' 
14 3 'Structure model' '_pdbx_struct_conn_angle.ptnr3_label_comp_id' 
15 3 'Structure model' '_pdbx_struct_conn_angle.ptnr3_label_seq_id'  
16 3 'Structure model' '_pdbx_struct_conn_angle.value'               
17 3 'Structure model' '_struct_conn.conn_type_id'                   
18 3 'Structure model' '_struct_conn.id'                             
19 3 'Structure model' '_struct_conn.pdbx_dist_value'                
20 3 'Structure model' '_struct_conn.pdbx_leaving_atom_flag'         
21 3 'Structure model' '_struct_conn.ptnr1_auth_asym_id'             
22 3 'Structure model' '_struct_conn.ptnr1_auth_comp_id'             
23 3 'Structure model' '_struct_conn.ptnr1_auth_seq_id'              
24 3 'Structure model' '_struct_conn.ptnr1_label_asym_id'            
25 3 'Structure model' '_struct_conn.ptnr1_label_atom_id'            
26 3 'Structure model' '_struct_conn.ptnr1_label_comp_id'            
27 3 'Structure model' '_struct_conn.ptnr1_label_seq_id'             
28 3 'Structure model' '_struct_conn.ptnr2_auth_asym_id'             
29 3 'Structure model' '_struct_conn.ptnr2_auth_comp_id'             
30 3 'Structure model' '_struct_conn.ptnr2_auth_seq_id'              
31 3 'Structure model' '_struct_conn.ptnr2_label_asym_id'            
32 3 'Structure model' '_struct_conn.ptnr2_label_atom_id'            
33 3 'Structure model' '_struct_conn.ptnr2_label_comp_id'            
34 3 'Structure model' '_struct_conn.ptnr2_label_seq_id'             
35 3 'Structure model' '_struct_conn.ptnr2_symmetry'                 
# 
_pdbx_database_status.status_code                     REL 
_pdbx_database_status.status_code_sf                  REL 
_pdbx_database_status.status_code_mr                  ? 
_pdbx_database_status.entry_id                        6D42 
_pdbx_database_status.recvd_initial_deposition_date   2018-04-17 
_pdbx_database_status.SG_entry                        N 
_pdbx_database_status.deposit_site                    RCSB 
_pdbx_database_status.process_site                    RCSB 
_pdbx_database_status.status_code_cs                  ? 
_pdbx_database_status.methods_development_category    ? 
_pdbx_database_status.pdb_format_compatible           Y 
_pdbx_database_status.status_code_nmr_data            ? 
# 
loop_
_audit_author.name 
_audit_author.pdbx_ordinal 
_audit_author.identifier_ORCID 
'Hubbard, S.R.' 1 0000-0002-2707-9383 
'Ji, T.'        2 ?                   
# 
_citation.abstract                  ? 
_citation.abstract_id_CAS           ? 
_citation.book_id_ISBN              ? 
_citation.book_publisher            ? 
_citation.book_publisher_city       ? 
_citation.book_title                ? 
_citation.coordinate_linkage        ? 
_citation.country                   US 
_citation.database_id_Medline       ? 
_citation.details                   ? 
_citation.id                        primary 
_citation.journal_abbrev            'PLoS ONE' 
_citation.journal_id_ASTM           ? 
_citation.journal_id_CSD            ? 
_citation.journal_id_ISSN           1932-6203 
_citation.journal_full              ? 
_citation.journal_issue             ? 
_citation.journal_volume            13 
_citation.language                  ? 
_citation.page_first                e0199942 
_citation.page_last                 e0199942 
_citation.title                     'Crystal structure of the C-terminal four-helix bundle of the potassium channel KCa3.1.' 
_citation.year                      2018 
_citation.database_id_CSD           ? 
_citation.pdbx_database_id_DOI      10.1371/journal.pone.0199942 
_citation.pdbx_database_id_PubMed   29953543 
_citation.unpublished_flag          ? 
# 
loop_
_citation_author.citation_id 
_citation_author.name 
_citation_author.ordinal 
_citation_author.identifier_ORCID 
primary 'Ji, T.'              1 ? 
primary 'Corbalan-Garcia, S.' 2 ? 
primary 'Hubbard, S.R.'       3 ? 
# 
loop_
_entity.id 
_entity.type 
_entity.src_method 
_entity.pdbx_description 
_entity.formula_weight 
_entity.pdbx_number_of_molecules 
_entity.pdbx_ec 
_entity.pdbx_mutation 
_entity.pdbx_fragment 
_entity.details 
1 polymer     man 'Intermediate conductance calcium-activated potassium channel protein 4' 4567.021 2  ? ? ? ? 
2 non-polymer syn 'COPPER (II) ION'                                                        63.546   2  ? ? ? ? 
3 water       nat water                                                                    18.015   42 ? ? ? ? 
# 
_entity_name_com.entity_id   1 
_entity_name_com.name        'SKCa4,IKCa1,IK1,KCa3.1,KCa4,Putative Gardos channel' 
# 
_entity_poly.entity_id                      1 
_entity_poly.type                           'polypeptide(L)' 
_entity_poly.nstd_linkage                   no 
_entity_poly.nstd_monomer                   yes 
_entity_poly.pdbx_seq_one_letter_code       'GS(MSE)ILYDLQQNLSSSHRALEKQIDTLAGKLDALTELLSTALG' 
_entity_poly.pdbx_seq_one_letter_code_can   GSMILYDLQQNLSSSHRALEKQIDTLAGKLDALTELLSTALG 
_entity_poly.pdbx_strand_id                 A,B 
_entity_poly.pdbx_target_identifier         ? 
# 
loop_
_pdbx_entity_nonpoly.entity_id 
_pdbx_entity_nonpoly.name 
_pdbx_entity_nonpoly.comp_id 
2 'COPPER (II) ION' CU  
3 water             HOH 
# 
loop_
_entity_poly_seq.entity_id 
_entity_poly_seq.num 
_entity_poly_seq.mon_id 
_entity_poly_seq.hetero 
1 1  GLY n 
1 2  SER n 
1 3  MSE n 
1 4  ILE n 
1 5  LEU n 
1 6  TYR n 
1 7  ASP n 
1 8  LEU n 
1 9  GLN n 
1 10 GLN n 
1 11 ASN n 
1 12 LEU n 
1 13 SER n 
1 14 SER n 
1 15 SER n 
1 16 HIS n 
1 17 ARG n 
1 18 ALA n 
1 19 LEU n 
1 20 GLU n 
1 21 LYS n 
1 22 GLN n 
1 23 ILE n 
1 24 ASP n 
1 25 THR n 
1 26 LEU n 
1 27 ALA n 
1 28 GLY n 
1 29 LYS n 
1 30 LEU n 
1 31 ASP n 
1 32 ALA n 
1 33 LEU n 
1 34 THR n 
1 35 GLU n 
1 36 LEU n 
1 37 LEU n 
1 38 SER n 
1 39 THR n 
1 40 ALA n 
1 41 LEU n 
1 42 GLY n 
# 
_entity_src_gen.entity_id                          1 
_entity_src_gen.pdbx_src_id                        1 
_entity_src_gen.pdbx_alt_source_flag               sample 
_entity_src_gen.pdbx_seq_type                      'Biological sequence' 
_entity_src_gen.pdbx_beg_seq_num                   1 
_entity_src_gen.pdbx_end_seq_num                   42 
_entity_src_gen.gene_src_common_name               Human 
_entity_src_gen.gene_src_genus                     ? 
_entity_src_gen.pdbx_gene_src_gene                 'KCNN4, IK1, IKCA1, KCA4, SK4' 
_entity_src_gen.gene_src_species                   ? 
_entity_src_gen.gene_src_strain                    ? 
_entity_src_gen.gene_src_tissue                    ? 
_entity_src_gen.gene_src_tissue_fraction           ? 
_entity_src_gen.gene_src_details                   ? 
_entity_src_gen.pdbx_gene_src_fragment             ? 
_entity_src_gen.pdbx_gene_src_scientific_name      'Homo sapiens' 
_entity_src_gen.pdbx_gene_src_ncbi_taxonomy_id     9606 
_entity_src_gen.pdbx_gene_src_variant              ? 
_entity_src_gen.pdbx_gene_src_cell_line            ? 
_entity_src_gen.pdbx_gene_src_atcc                 ? 
_entity_src_gen.pdbx_gene_src_organ                ? 
_entity_src_gen.pdbx_gene_src_organelle            ? 
_entity_src_gen.pdbx_gene_src_cell                 ? 
_entity_src_gen.pdbx_gene_src_cellular_location    ? 
_entity_src_gen.host_org_common_name               ? 
_entity_src_gen.pdbx_host_org_scientific_name      'Escherichia coli' 
_entity_src_gen.pdbx_host_org_ncbi_taxonomy_id     562 
_entity_src_gen.host_org_genus                     ? 
_entity_src_gen.pdbx_host_org_gene                 ? 
_entity_src_gen.pdbx_host_org_organ                ? 
_entity_src_gen.host_org_species                   ? 
_entity_src_gen.pdbx_host_org_tissue               ? 
_entity_src_gen.pdbx_host_org_tissue_fraction      ? 
_entity_src_gen.pdbx_host_org_strain               ? 
_entity_src_gen.pdbx_host_org_variant              ? 
_entity_src_gen.pdbx_host_org_cell_line            ? 
_entity_src_gen.pdbx_host_org_atcc                 ? 
_entity_src_gen.pdbx_host_org_culture_collection   ? 
_entity_src_gen.pdbx_host_org_cell                 ? 
_entity_src_gen.pdbx_host_org_organelle            ? 
_entity_src_gen.pdbx_host_org_cellular_location    ? 
_entity_src_gen.pdbx_host_org_vector_type          ? 
_entity_src_gen.pdbx_host_org_vector               ? 
_entity_src_gen.host_org_details                   ? 
_entity_src_gen.expression_system_id               ? 
_entity_src_gen.plasmid_name                       ? 
_entity_src_gen.plasmid_details                    ? 
_entity_src_gen.pdbx_description                   ? 
# 
loop_
_chem_comp.id 
_chem_comp.type 
_chem_comp.mon_nstd_flag 
_chem_comp.name 
_chem_comp.pdbx_synonyms 
_chem_comp.formula 
_chem_comp.formula_weight 
ALA 'L-peptide linking' y ALANINE           ? 'C3 H7 N O2'     89.093  
ARG 'L-peptide linking' y ARGININE          ? 'C6 H15 N4 O2 1' 175.209 
ASN 'L-peptide linking' y ASPARAGINE        ? 'C4 H8 N2 O3'    132.118 
ASP 'L-peptide linking' y 'ASPARTIC ACID'   ? 'C4 H7 N O4'     133.103 
CU  non-polymer         . 'COPPER (II) ION' ? 'Cu 2'           63.546  
GLN 'L-peptide linking' y GLUTAMINE         ? 'C5 H10 N2 O3'   146.144 
GLU 'L-peptide linking' y 'GLUTAMIC ACID'   ? 'C5 H9 N O4'     147.129 
GLY 'peptide linking'   y GLYCINE           ? 'C2 H5 N O2'     75.067  
HIS 'L-peptide linking' y HISTIDINE         ? 'C6 H10 N3 O2 1' 156.162 
HOH non-polymer         . WATER             ? 'H2 O'           18.015  
ILE 'L-peptide linking' y ISOLEUCINE        ? 'C6 H13 N O2'    131.173 
LEU 'L-peptide linking' y LEUCINE           ? 'C6 H13 N O2'    131.173 
LYS 'L-peptide linking' y LYSINE            ? 'C6 H15 N2 O2 1' 147.195 
MSE 'L-peptide linking' n SELENOMETHIONINE  ? 'C5 H11 N O2 Se' 196.106 
SER 'L-peptide linking' y SERINE            ? 'C3 H7 N O3'     105.093 
THR 'L-peptide linking' y THREONINE         ? 'C4 H9 N O3'     119.119 
TYR 'L-peptide linking' y TYROSINE          ? 'C9 H11 N O3'    181.189 
# 
loop_
_pdbx_poly_seq_scheme.asym_id 
_pdbx_poly_seq_scheme.entity_id 
_pdbx_poly_seq_scheme.seq_id 
_pdbx_poly_seq_scheme.mon_id 
_pdbx_poly_seq_scheme.ndb_seq_num 
_pdbx_poly_seq_scheme.pdb_seq_num 
_pdbx_poly_seq_scheme.auth_seq_num 
_pdbx_poly_seq_scheme.pdb_mon_id 
_pdbx_poly_seq_scheme.auth_mon_id 
_pdbx_poly_seq_scheme.pdb_strand_id 
_pdbx_poly_seq_scheme.pdb_ins_code 
_pdbx_poly_seq_scheme.hetero 
A 1 1  GLY 1  374 ?   ?   ?   A . n 
A 1 2  SER 2  375 ?   ?   ?   A . n 
A 1 3  MSE 3  376 376 MSE MSE A . n 
A 1 4  ILE 4  377 377 ILE ILE A . n 
A 1 5  LEU 5  378 378 LEU LEU A . n 
A 1 6  TYR 6  379 379 TYR TYR A . n 
A 1 7  ASP 7  380 380 ASP ASP A . n 
A 1 8  LEU 8  381 381 LEU LEU A . n 
A 1 9  GLN 9  382 382 GLN GLN A . n 
A 1 10 GLN 10 383 383 GLN GLN A . n 
A 1 11 ASN 11 384 384 ASN ASN A . n 
A 1 12 LEU 12 385 385 LEU LEU A . n 
A 1 13 SER 13 386 386 SER SER A . n 
A 1 14 SER 14 387 387 SER SER A . n 
A 1 15 SER 15 388 388 SER SER A . n 
A 1 16 HIS 16 389 389 HIS HIS A . n 
A 1 17 ARG 17 390 390 ARG ARG A . n 
A 1 18 ALA 18 391 391 ALA ALA A . n 
A 1 19 LEU 19 392 392 LEU LEU A . n 
A 1 20 GLU 20 393 393 GLU GLU A . n 
A 1 21 LYS 21 394 394 LYS LYS A . n 
A 1 22 GLN 22 395 395 GLN GLN A . n 
A 1 23 ILE 23 396 396 ILE ILE A . n 
A 1 24 ASP 24 397 397 ASP ASP A . n 
A 1 25 THR 25 398 398 THR THR A . n 
A 1 26 LEU 26 399 399 LEU LEU A . n 
A 1 27 ALA 27 400 400 ALA ALA A . n 
A 1 28 GLY 28 401 401 GLY GLY A . n 
A 1 29 LYS 29 402 402 LYS LYS A . n 
A 1 30 LEU 30 403 403 LEU LEU A . n 
A 1 31 ASP 31 404 404 ASP ASP A . n 
A 1 32 ALA 32 405 405 ALA ALA A . n 
A 1 33 LEU 33 406 406 LEU LEU A . n 
A 1 34 THR 34 407 407 THR THR A . n 
A 1 35 GLU 35 408 408 GLU GLU A . n 
A 1 36 LEU 36 409 409 LEU LEU A . n 
A 1 37 LEU 37 410 410 LEU LEU A . n 
A 1 38 SER 38 411 411 SER SER A . n 
A 1 39 THR 39 412 412 THR THR A . n 
A 1 40 ALA 40 413 413 ALA ALA A . n 
A 1 41 LEU 41 414 414 LEU LEU A . n 
A 1 42 GLY 42 415 ?   ?   ?   A . n 
B 1 1  GLY 1  374 ?   ?   ?   B . n 
B 1 2  SER 2  375 ?   ?   ?   B . n 
B 1 3  MSE 3  376 376 MSE MSE B . n 
B 1 4  ILE 4  377 377 ILE ILE B . n 
B 1 5  LEU 5  378 378 LEU LEU B . n 
B 1 6  TYR 6  379 379 TYR TYR B . n 
B 1 7  ASP 7  380 380 ASP ASP B . n 
B 1 8  LEU 8  381 381 LEU LEU B . n 
B 1 9  GLN 9  382 382 GLN GLN B . n 
B 1 10 GLN 10 383 383 GLN GLN B . n 
B 1 11 ASN 11 384 384 ASN ASN B . n 
B 1 12 LEU 12 385 385 LEU LEU B . n 
B 1 13 SER 13 386 386 SER SER B . n 
B 1 14 SER 14 387 387 SER SER B . n 
B 1 15 SER 15 388 388 SER SER B . n 
B 1 16 HIS 16 389 389 HIS HIS B . n 
B 1 17 ARG 17 390 390 ARG ARG B . n 
B 1 18 ALA 18 391 391 ALA ALA B . n 
B 1 19 LEU 19 392 392 LEU LEU B . n 
B 1 20 GLU 20 393 393 GLU GLU B . n 
B 1 21 LYS 21 394 394 LYS LYS B . n 
B 1 22 GLN 22 395 395 GLN GLN B . n 
B 1 23 ILE 23 396 396 ILE ILE B . n 
B 1 24 ASP 24 397 397 ASP ASP B . n 
B 1 25 THR 25 398 398 THR THR B . n 
B 1 26 LEU 26 399 399 LEU LEU B . n 
B 1 27 ALA 27 400 400 ALA ALA B . n 
B 1 28 GLY 28 401 401 GLY GLY B . n 
B 1 29 LYS 29 402 402 LYS LYS B . n 
B 1 30 LEU 30 403 403 LEU LEU B . n 
B 1 31 ASP 31 404 404 ASP ASP B . n 
B 1 32 ALA 32 405 405 ALA ALA B . n 
B 1 33 LEU 33 406 406 LEU LEU B . n 
B 1 34 THR 34 407 407 THR THR B . n 
B 1 35 GLU 35 408 408 GLU GLU B . n 
B 1 36 LEU 36 409 409 LEU LEU B . n 
B 1 37 LEU 37 410 410 LEU LEU B . n 
B 1 38 SER 38 411 411 SER SER B . n 
B 1 39 THR 39 412 412 THR THR B . n 
B 1 40 ALA 40 413 413 ALA ALA B . n 
B 1 41 LEU 41 414 414 LEU LEU B . n 
B 1 42 GLY 42 415 ?   ?   ?   B . n 
# 
loop_
_pdbx_nonpoly_scheme.asym_id 
_pdbx_nonpoly_scheme.entity_id 
_pdbx_nonpoly_scheme.mon_id 
_pdbx_nonpoly_scheme.ndb_seq_num 
_pdbx_nonpoly_scheme.pdb_seq_num 
_pdbx_nonpoly_scheme.auth_seq_num 
_pdbx_nonpoly_scheme.pdb_mon_id 
_pdbx_nonpoly_scheme.auth_mon_id 
_pdbx_nonpoly_scheme.pdb_strand_id 
_pdbx_nonpoly_scheme.pdb_ins_code 
C 2 CU  1  501 1  CU  CU  A . 
D 2 CU  1  501 2  CU  CU  B . 
E 3 HOH 1  601 58 HOH HOH A . 
E 3 HOH 2  602 26 HOH HOH A . 
E 3 HOH 3  603 12 HOH HOH A . 
E 3 HOH 4  604 9  HOH HOH A . 
E 3 HOH 5  605 48 HOH HOH A . 
E 3 HOH 6  606 13 HOH HOH A . 
E 3 HOH 7  607 28 HOH HOH A . 
E 3 HOH 8  608 14 HOH HOH A . 
E 3 HOH 9  609 38 HOH HOH A . 
E 3 HOH 10 610 10 HOH HOH A . 
E 3 HOH 11 611 22 HOH HOH A . 
E 3 HOH 12 612 4  HOH HOH A . 
E 3 HOH 13 613 16 HOH HOH A . 
E 3 HOH 14 614 29 HOH HOH A . 
E 3 HOH 15 615 1  HOH HOH A . 
E 3 HOH 16 616 19 HOH HOH A . 
E 3 HOH 17 617 34 HOH HOH A . 
E 3 HOH 18 618 53 HOH HOH A . 
E 3 HOH 19 619 23 HOH HOH A . 
E 3 HOH 20 620 52 HOH HOH A . 
E 3 HOH 21 621 37 HOH HOH A . 
E 3 HOH 22 622 11 HOH HOH A . 
E 3 HOH 23 623 3  HOH HOH A . 
E 3 HOH 24 624 49 HOH HOH A . 
E 3 HOH 25 625 56 HOH HOH A . 
E 3 HOH 26 626 24 HOH HOH A . 
E 3 HOH 27 627 39 HOH HOH A . 
E 3 HOH 28 628 50 HOH HOH A . 
F 3 HOH 1  601 35 HOH HOH B . 
F 3 HOH 2  602 7  HOH HOH B . 
F 3 HOH 3  603 42 HOH HOH B . 
F 3 HOH 4  604 15 HOH HOH B . 
F 3 HOH 5  605 6  HOH HOH B . 
F 3 HOH 6  606 5  HOH HOH B . 
F 3 HOH 7  607 43 HOH HOH B . 
F 3 HOH 8  608 27 HOH HOH B . 
F 3 HOH 9  609 17 HOH HOH B . 
F 3 HOH 10 610 2  HOH HOH B . 
F 3 HOH 11 611 55 HOH HOH B . 
F 3 HOH 12 612 30 HOH HOH B . 
F 3 HOH 13 613 51 HOH HOH B . 
F 3 HOH 14 614 21 HOH HOH B . 
# 
loop_
_pdbx_unobs_or_zero_occ_atoms.id 
_pdbx_unobs_or_zero_occ_atoms.PDB_model_num 
_pdbx_unobs_or_zero_occ_atoms.polymer_flag 
_pdbx_unobs_or_zero_occ_atoms.occupancy_flag 
_pdbx_unobs_or_zero_occ_atoms.auth_asym_id 
_pdbx_unobs_or_zero_occ_atoms.auth_comp_id 
_pdbx_unobs_or_zero_occ_atoms.auth_seq_id 
_pdbx_unobs_or_zero_occ_atoms.PDB_ins_code 
_pdbx_unobs_or_zero_occ_atoms.auth_atom_id 
_pdbx_unobs_or_zero_occ_atoms.label_alt_id 
_pdbx_unobs_or_zero_occ_atoms.label_asym_id 
_pdbx_unobs_or_zero_occ_atoms.label_comp_id 
_pdbx_unobs_or_zero_occ_atoms.label_seq_id 
_pdbx_unobs_or_zero_occ_atoms.label_atom_id 
1 1 Y 1 A LYS 394 ? CG ? A LYS 21 CG 
2 1 Y 1 A LYS 394 ? CD ? A LYS 21 CD 
3 1 Y 1 A LYS 394 ? CE ? A LYS 21 CE 
4 1 Y 1 A LYS 394 ? NZ ? A LYS 21 NZ 
# 
loop_
_software.citation_id 
_software.classification 
_software.compiler_name 
_software.compiler_version 
_software.contact_author 
_software.contact_author_email 
_software.date 
_software.description 
_software.dependencies 
_software.hardware 
_software.language 
_software.location 
_software.mods 
_software.name 
_software.os 
_software.os_version 
_software.type 
_software.version 
_software.pdbx_ordinal 
? 'data reduction' ? ? ? ? ? ? ? ? ? ? ? HKL-2000 ? ? ? .           1 
? 'data scaling'   ? ? ? ? ? ? ? ? ? ? ? HKL-2000 ? ? ? .           2 
? phasing          ? ? ? ? ? ? ? ? ? ? ? PHENIX   ? ? ? 1.11.1_2575 3 
? 'model building' ? ? ? ? ? ? ? ? ? ? ? Coot     ? ? ? .           4 
? refinement       ? ? ? ? ? ? ? ? ? ? ? PHENIX   ? ? ? 1.11.1_2575 5 
# 
_cell.angle_alpha                  90.000 
_cell.angle_alpha_esd              ? 
_cell.angle_beta                   90.000 
_cell.angle_beta_esd               ? 
_cell.angle_gamma                  90.000 
_cell.angle_gamma_esd              ? 
_cell.entry_id                     6D42 
_cell.details                      ? 
_cell.formula_units_Z              ? 
_cell.length_a                     37.590 
_cell.length_a_esd                 ? 
_cell.length_b                     37.590 
_cell.length_b_esd                 ? 
_cell.length_c                     116.946 
_cell.length_c_esd                 ? 
_cell.volume                       165245.645 
_cell.volume_esd                   ? 
_cell.Z_PDB                        16 
_cell.reciprocal_angle_alpha       ? 
_cell.reciprocal_angle_beta        ? 
_cell.reciprocal_angle_gamma       ? 
_cell.reciprocal_angle_alpha_esd   ? 
_cell.reciprocal_angle_beta_esd    ? 
_cell.reciprocal_angle_gamma_esd   ? 
_cell.reciprocal_length_a          ? 
_cell.reciprocal_length_b          ? 
_cell.reciprocal_length_c          ? 
_cell.reciprocal_length_a_esd      ? 
_cell.reciprocal_length_b_esd      ? 
_cell.reciprocal_length_c_esd      ? 
_cell.pdbx_unique_axis             ? 
# 
_symmetry.entry_id                         6D42 
_symmetry.cell_setting                     ? 
_symmetry.Int_Tables_number                90 
_symmetry.space_group_name_Hall            'P 4ab 2ab' 
_symmetry.space_group_name_H-M             'P 4 21 2' 
_symmetry.pdbx_full_space_group_name_H-M   ? 
# 
_exptl.absorpt_coefficient_mu     ? 
_exptl.absorpt_correction_T_max   ? 
_exptl.absorpt_correction_T_min   ? 
_exptl.absorpt_correction_type    ? 
_exptl.absorpt_process_details    ? 
_exptl.entry_id                   6D42 
_exptl.crystals_number            1 
_exptl.details                    ? 
_exptl.method                     'X-RAY DIFFRACTION' 
_exptl.method_details             ? 
# 
_exptl_crystal.colour                      ? 
_exptl_crystal.density_diffrn              ? 
_exptl_crystal.density_Matthews            2.37 
_exptl_crystal.density_method              ? 
_exptl_crystal.density_percent_sol         48.00 
_exptl_crystal.description                 ? 
_exptl_crystal.F_000                       ? 
_exptl_crystal.id                          1 
_exptl_crystal.preparation                 ? 
_exptl_crystal.size_max                    ? 
_exptl_crystal.size_mid                    ? 
_exptl_crystal.size_min                    ? 
_exptl_crystal.size_rad                    ? 
_exptl_crystal.colour_lustre               ? 
_exptl_crystal.colour_modifier             ? 
_exptl_crystal.colour_primary              ? 
_exptl_crystal.density_meas                ? 
_exptl_crystal.density_meas_esd            ? 
_exptl_crystal.density_meas_gt             ? 
_exptl_crystal.density_meas_lt             ? 
_exptl_crystal.density_meas_temp           ? 
_exptl_crystal.density_meas_temp_esd       ? 
_exptl_crystal.density_meas_temp_gt        ? 
_exptl_crystal.density_meas_temp_lt        ? 
_exptl_crystal.pdbx_crystal_image_url      ? 
_exptl_crystal.pdbx_crystal_image_format   ? 
_exptl_crystal.pdbx_mosaicity              ? 
_exptl_crystal.pdbx_mosaicity_esd          ? 
# 
_exptl_crystal_grow.apparatus       ? 
_exptl_crystal_grow.atmosphere      ? 
_exptl_crystal_grow.crystal_id      1 
_exptl_crystal_grow.details         ? 
_exptl_crystal_grow.method          'VAPOR DIFFUSION, HANGING DROP' 
_exptl_crystal_grow.method_ref      ? 
_exptl_crystal_grow.pH              6.5 
_exptl_crystal_grow.pressure        ? 
_exptl_crystal_grow.pressure_esd    ? 
_exptl_crystal_grow.seeding         ? 
_exptl_crystal_grow.seeding_ref     ? 
_exptl_crystal_grow.temp            290 
_exptl_crystal_grow.temp_details    ? 
_exptl_crystal_grow.temp_esd        ? 
_exptl_crystal_grow.time            ? 
_exptl_crystal_grow.pdbx_details    
;0.1 M imidazole, pH 6.5
1.0 M sodium acetate
;
_exptl_crystal_grow.pdbx_pH_range   ? 
# 
_diffrn.ambient_environment    ? 
_diffrn.ambient_temp           100 
_diffrn.ambient_temp_details   ? 
_diffrn.ambient_temp_esd       ? 
_diffrn.crystal_id             1 
_diffrn.crystal_support        ? 
_diffrn.crystal_treatment      ? 
_diffrn.details                ? 
_diffrn.id                     1 
_diffrn.ambient_pressure       ? 
_diffrn.ambient_pressure_esd   ? 
_diffrn.ambient_pressure_gt    ? 
_diffrn.ambient_pressure_lt    ? 
_diffrn.ambient_temp_gt        ? 
_diffrn.ambient_temp_lt        ? 
# 
_diffrn_detector.details                      ? 
_diffrn_detector.detector                     CCD 
_diffrn_detector.diffrn_id                    1 
_diffrn_detector.type                         'ADSC QUANTUM 315' 
_diffrn_detector.area_resol_mean              ? 
_diffrn_detector.dtime                        ? 
_diffrn_detector.pdbx_frames_total            ? 
_diffrn_detector.pdbx_collection_time_total   ? 
_diffrn_detector.pdbx_collection_date         2015-07-09 
# 
_diffrn_radiation.collimation                      ? 
_diffrn_radiation.diffrn_id                        1 
_diffrn_radiation.filter_edge                      ? 
_diffrn_radiation.inhomogeneity                    ? 
_diffrn_radiation.monochromator                    ? 
_diffrn_radiation.polarisn_norm                    ? 
_diffrn_radiation.polarisn_ratio                   ? 
_diffrn_radiation.probe                            ? 
_diffrn_radiation.type                             ? 
_diffrn_radiation.xray_symbol                      ? 
_diffrn_radiation.wavelength_id                    1 
_diffrn_radiation.pdbx_monochromatic_or_laue_m_l   M 
_diffrn_radiation.pdbx_wavelength_list             ? 
_diffrn_radiation.pdbx_wavelength                  ? 
_diffrn_radiation.pdbx_diffrn_protocol             'SINGLE WAVELENGTH' 
_diffrn_radiation.pdbx_analyzer                    ? 
_diffrn_radiation.pdbx_scattering_type             x-ray 
# 
_diffrn_radiation_wavelength.id           1 
_diffrn_radiation_wavelength.wavelength   0.9792 
_diffrn_radiation_wavelength.wt           1.0 
# 
_diffrn_source.current                     ? 
_diffrn_source.details                     ? 
_diffrn_source.diffrn_id                   1 
_diffrn_source.power                       ? 
_diffrn_source.size                        ? 
_diffrn_source.source                      SYNCHROTRON 
_diffrn_source.target                      ? 
_diffrn_source.type                        'APS BEAMLINE 24-ID-E' 
_diffrn_source.voltage                     ? 
_diffrn_source.take-off_angle              ? 
_diffrn_source.pdbx_wavelength_list        0.9792 
_diffrn_source.pdbx_wavelength             ? 
_diffrn_source.pdbx_synchrotron_beamline   24-ID-E 
_diffrn_source.pdbx_synchrotron_site       APS 
# 
_reflns.B_iso_Wilson_estimate            27.5831463069 
_reflns.entry_id                         6D42 
_reflns.data_reduction_details           ? 
_reflns.data_reduction_method            ? 
_reflns.d_resolution_high                1.75 
_reflns.d_resolution_low                 35 
_reflns.details                          ? 
_reflns.limit_h_max                      ? 
_reflns.limit_h_min                      ? 
_reflns.limit_k_max                      ? 
_reflns.limit_k_min                      ? 
_reflns.limit_l_max                      ? 
_reflns.limit_l_min                      ? 
_reflns.number_all                       ? 
_reflns.number_obs                       16141 
_reflns.observed_criterion               ? 
_reflns.observed_criterion_F_max         ? 
_reflns.observed_criterion_F_min         ? 
_reflns.observed_criterion_I_max         ? 
_reflns.observed_criterion_I_min         ? 
_reflns.observed_criterion_sigma_F       ? 
_reflns.observed_criterion_sigma_I       ? 
_reflns.percent_possible_obs             99.1 
_reflns.R_free_details                   ? 
_reflns.Rmerge_F_all                     ? 
_reflns.Rmerge_F_obs                     ? 
_reflns.Friedel_coverage                 ? 
_reflns.number_gt                        ? 
_reflns.threshold_expression             ? 
_reflns.pdbx_redundancy                  4.8 
_reflns.pdbx_Rmerge_I_obs                0.063 
_reflns.pdbx_Rmerge_I_all                ? 
_reflns.pdbx_Rsym_value                  ? 
_reflns.pdbx_netI_over_av_sigmaI         ? 
_reflns.pdbx_netI_over_sigmaI            34.8 
_reflns.pdbx_res_netI_over_av_sigmaI_2   ? 
_reflns.pdbx_res_netI_over_sigmaI_2      ? 
_reflns.pdbx_chi_squared                 ? 
_reflns.pdbx_scaling_rejects             ? 
_reflns.pdbx_d_res_high_opt              ? 
_reflns.pdbx_d_res_low_opt               ? 
_reflns.pdbx_d_res_opt_method            ? 
_reflns.phase_calculation_details        ? 
_reflns.pdbx_Rrim_I_all                  ? 
_reflns.pdbx_Rpim_I_all                  0.032 
_reflns.pdbx_d_opt                       ? 
_reflns.pdbx_number_measured_all         ? 
_reflns.pdbx_diffrn_id                   1 
_reflns.pdbx_ordinal                     1 
_reflns.pdbx_CC_half                     ? 
_reflns.pdbx_R_split                     ? 
# 
_reflns_shell.d_res_high                  1.75 
_reflns_shell.d_res_low                   1.78 
_reflns_shell.meanI_over_sigI_all         ? 
_reflns_shell.meanI_over_sigI_obs         2.0 
_reflns_shell.number_measured_all         ? 
_reflns_shell.number_measured_obs         ? 
_reflns_shell.number_possible             ? 
_reflns_shell.number_unique_all           ? 
_reflns_shell.number_unique_obs           788 
_reflns_shell.percent_possible_all        95.4 
_reflns_shell.percent_possible_obs        ? 
_reflns_shell.Rmerge_F_all                ? 
_reflns_shell.Rmerge_F_obs                ? 
_reflns_shell.Rmerge_I_all                ? 
_reflns_shell.Rmerge_I_obs                0.723 
_reflns_shell.meanI_over_sigI_gt          ? 
_reflns_shell.meanI_over_uI_all           ? 
_reflns_shell.meanI_over_uI_gt            ? 
_reflns_shell.number_measured_gt          ? 
_reflns_shell.number_unique_gt            ? 
_reflns_shell.percent_possible_gt         ? 
_reflns_shell.Rmerge_F_gt                 ? 
_reflns_shell.Rmerge_I_gt                 ? 
_reflns_shell.pdbx_redundancy             3.3 
_reflns_shell.pdbx_Rsym_value             ? 
_reflns_shell.pdbx_chi_squared            ? 
_reflns_shell.pdbx_netI_over_sigmaI_all   ? 
_reflns_shell.pdbx_netI_over_sigmaI_obs   ? 
_reflns_shell.pdbx_Rrim_I_all             0.845 
_reflns_shell.pdbx_Rpim_I_all             0.427 
_reflns_shell.pdbx_rejects                ? 
_reflns_shell.pdbx_ordinal                1 
_reflns_shell.pdbx_diffrn_id              1 
_reflns_shell.pdbx_CC_half                0.845 
_reflns_shell.pdbx_R_split                ? 
# 
_refine.aniso_B[1][1]                            ? 
_refine.aniso_B[1][2]                            ? 
_refine.aniso_B[1][3]                            ? 
_refine.aniso_B[2][2]                            ? 
_refine.aniso_B[2][3]                            ? 
_refine.aniso_B[3][3]                            ? 
_refine.B_iso_max                                ? 
_refine.B_iso_mean                               48.013495998 
_refine.B_iso_min                                ? 
_refine.correlation_coeff_Fo_to_Fc               ? 
_refine.correlation_coeff_Fo_to_Fc_free          ? 
_refine.details                                  ? 
_refine.diff_density_max                         ? 
_refine.diff_density_max_esd                     ? 
_refine.diff_density_min                         ? 
_refine.diff_density_min_esd                     ? 
_refine.diff_density_rms                         ? 
_refine.diff_density_rms_esd                     ? 
_refine.entry_id                                 6D42 
_refine.pdbx_refine_id                           'X-RAY DIFFRACTION' 
_refine.ls_abs_structure_details                 ? 
_refine.ls_abs_structure_Flack                   ? 
_refine.ls_abs_structure_Flack_esd               ? 
_refine.ls_abs_structure_Rogers                  ? 
_refine.ls_abs_structure_Rogers_esd              ? 
_refine.ls_d_res_high                            1.75013644453 
_refine.ls_d_res_low                             27.058872742 
_refine.ls_extinction_coef                       ? 
_refine.ls_extinction_coef_esd                   ? 
_refine.ls_extinction_expression                 ? 
_refine.ls_extinction_method                     ? 
_refine.ls_goodness_of_fit_all                   ? 
_refine.ls_goodness_of_fit_all_esd               ? 
_refine.ls_goodness_of_fit_obs                   ? 
_refine.ls_goodness_of_fit_obs_esd               ? 
_refine.ls_hydrogen_treatment                    ? 
_refine.ls_matrix_type                           ? 
_refine.ls_number_constraints                    ? 
_refine.ls_number_parameters                     ? 
_refine.ls_number_reflns_all                     ? 
_refine.ls_number_reflns_obs                     16015 
_refine.ls_number_reflns_R_free                  901 
_refine.ls_number_reflns_R_work                  ? 
_refine.ls_number_restraints                     ? 
_refine.ls_percent_reflns_obs                    98.8519227208 
_refine.ls_percent_reflns_R_free                 10.1280049953 
_refine.ls_R_factor_all                          ? 
_refine.ls_R_factor_obs                          0.25945919616 
_refine.ls_R_factor_R_free                       0.322583786566 
_refine.ls_R_factor_R_free_error                 ? 
_refine.ls_R_factor_R_free_error_details         ? 
_refine.ls_R_factor_R_work                       0.252131398762 
_refine.ls_R_Fsqd_factor_obs                     ? 
_refine.ls_R_I_factor_obs                        ? 
_refine.ls_redundancy_reflns_all                 ? 
_refine.ls_redundancy_reflns_obs                 ? 
_refine.ls_restrained_S_all                      ? 
_refine.ls_restrained_S_obs                      ? 
_refine.ls_shift_over_esd_max                    ? 
_refine.ls_shift_over_esd_mean                   ? 
_refine.ls_structure_factor_coef                 ? 
_refine.ls_weighting_details                     ? 
_refine.ls_weighting_scheme                      ? 
_refine.ls_wR_factor_all                         ? 
_refine.ls_wR_factor_obs                         ? 
_refine.ls_wR_factor_R_free                      ? 
_refine.ls_wR_factor_R_work                      ? 
_refine.occupancy_max                            ? 
_refine.occupancy_min                            ? 
_refine.solvent_model_details                    ? 
_refine.solvent_model_param_bsol                 ? 
_refine.solvent_model_param_ksol                 ? 
_refine.ls_R_factor_gt                           ? 
_refine.ls_goodness_of_fit_gt                    ? 
_refine.ls_goodness_of_fit_ref                   ? 
_refine.ls_shift_over_su_max                     ? 
_refine.ls_shift_over_su_max_lt                  ? 
_refine.ls_shift_over_su_mean                    ? 
_refine.ls_shift_over_su_mean_lt                 ? 
_refine.pdbx_ls_sigma_I                          ? 
_refine.pdbx_ls_sigma_F                          1.33794288181 
_refine.pdbx_ls_sigma_Fsqd                       ? 
_refine.pdbx_data_cutoff_high_absF               ? 
_refine.pdbx_data_cutoff_high_rms_absF           ? 
_refine.pdbx_data_cutoff_low_absF                ? 
_refine.pdbx_isotropic_thermal_model             ? 
_refine.pdbx_ls_cross_valid_method               'FREE R-VALUE' 
_refine.pdbx_method_to_determine_struct          SAD 
_refine.pdbx_starting_model                      ? 
_refine.pdbx_stereochemistry_target_values       ? 
_refine.pdbx_R_Free_selection_details            ? 
_refine.pdbx_stereochem_target_val_spec_case     ? 
_refine.pdbx_overall_ESU_R                       ? 
_refine.pdbx_overall_ESU_R_Free                  ? 
_refine.pdbx_solvent_vdw_probe_radii             1.11 
_refine.pdbx_solvent_ion_probe_radii             ? 
_refine.pdbx_solvent_shrinkage_radii             0.9 
_refine.pdbx_real_space_R                        ? 
_refine.pdbx_density_correlation                 ? 
_refine.pdbx_pd_number_of_powder_patterns        ? 
_refine.pdbx_pd_number_of_points                 ? 
_refine.pdbx_pd_meas_number_of_points            ? 
_refine.pdbx_pd_proc_ls_prof_R_factor            ? 
_refine.pdbx_pd_proc_ls_prof_wR_factor           ? 
_refine.pdbx_pd_Marquardt_correlation_coeff      ? 
_refine.pdbx_pd_Fsqrd_R_factor                   ? 
_refine.pdbx_pd_ls_matrix_band_width             ? 
_refine.pdbx_overall_phase_error                 38.7197825537 
_refine.pdbx_overall_SU_R_free_Cruickshank_DPI   ? 
_refine.pdbx_overall_SU_R_free_Blow_DPI          ? 
_refine.pdbx_overall_SU_R_Blow_DPI               ? 
_refine.pdbx_TLS_residual_ADP_flag               ? 
_refine.pdbx_diffrn_id                           1 
_refine.overall_SU_B                             ? 
_refine.overall_SU_ML                            0.248410581534 
_refine.overall_SU_R_Cruickshank_DPI             ? 
_refine.overall_SU_R_free                        ? 
_refine.overall_FOM_free_R_set                   ? 
_refine.overall_FOM_work_R_set                   ? 
_refine.pdbx_average_fsc_overall                 ? 
_refine.pdbx_average_fsc_work                    ? 
_refine.pdbx_average_fsc_free                    ? 
# 
_refine_hist.pdbx_refine_id                   'X-RAY DIFFRACTION' 
_refine_hist.cycle_id                         LAST 
_refine_hist.pdbx_number_atoms_protein        598 
_refine_hist.pdbx_number_atoms_nucleic_acid   0 
_refine_hist.pdbx_number_atoms_ligand         2 
_refine_hist.number_atoms_solvent             42 
_refine_hist.number_atoms_total               642 
_refine_hist.d_res_high                       1.75013644453 
_refine_hist.d_res_low                        27.058872742 
# 
loop_
_refine_ls_restr.pdbx_refine_id 
_refine_ls_restr.criterion 
_refine_ls_restr.dev_ideal 
_refine_ls_restr.dev_ideal_target 
_refine_ls_restr.number 
_refine_ls_restr.rejects 
_refine_ls_restr.type 
_refine_ls_restr.weight 
_refine_ls_restr.pdbx_restraint_function 
'X-RAY DIFFRACTION' ? 0.00765745909663 ? 600 ? f_bond_d           ? ? 
'X-RAY DIFFRACTION' ? 0.984054669311   ? 810 ? f_angle_d          ? ? 
'X-RAY DIFFRACTION' ? 0.0413494056666  ? 106 ? f_chiral_restr     ? ? 
'X-RAY DIFFRACTION' ? 0.00445032672892 ? 100 ? f_plane_restr      ? ? 
'X-RAY DIFFRACTION' ? 2.59093543253    ? 374 ? f_dihedral_angle_d ? ? 
# 
loop_
_refine_ls_shell.pdbx_refine_id 
_refine_ls_shell.d_res_high 
_refine_ls_shell.d_res_low 
_refine_ls_shell.number_reflns_all 
_refine_ls_shell.number_reflns_obs 
_refine_ls_shell.number_reflns_R_free 
_refine_ls_shell.number_reflns_R_work 
_refine_ls_shell.percent_reflns_obs 
_refine_ls_shell.percent_reflns_R_free 
_refine_ls_shell.R_factor_all 
_refine_ls_shell.R_factor_obs 
_refine_ls_shell.R_factor_R_free 
_refine_ls_shell.R_factor_R_free_error 
_refine_ls_shell.R_factor_R_work 
_refine_ls_shell.redundancy_reflns_all 
_refine_ls_shell.redundancy_reflns_obs 
_refine_ls_shell.wR_factor_all 
_refine_ls_shell.wR_factor_obs 
_refine_ls_shell.wR_factor_R_free 
_refine_ls_shell.wR_factor_R_work 
_refine_ls_shell.pdbx_total_number_of_bins_used 
_refine_ls_shell.pdbx_phase_error 
_refine_ls_shell.pdbx_fsc_work 
_refine_ls_shell.pdbx_fsc_free 
'X-RAY DIFFRACTION' 1.7501 1.8016  . . 128 1185 96.7575534267 . . . 0.47277400867  . 0.377416256805 . . . . . . . . . . 
'X-RAY DIFFRACTION' 1.8016 1.8598  . . 136 1205 99.4807121662 . . . 0.372233238699 . 0.338744885638 . . . . . . . . . . 
'X-RAY DIFFRACTION' 1.8598 1.9262  . . 131 1187 99.3966817496 . . . 0.454441463045 . 0.308147268394 . . . . . . . . . . 
'X-RAY DIFFRACTION' 1.9262 2.0033  . . 136 1223 99.5604395604 . . . 0.362139864742 . 0.306530182336 . . . . . . . . . . 
'X-RAY DIFFRACTION' 2.0033 2.0945  . . 137 1210 99.8517420311 . . . 0.356853757606 . 0.284149662688 . . . . . . . . . . 
'X-RAY DIFFRACTION' 2.0945 2.2048  . . 138 1214 99.92609017   . . . 0.354289026112 . 0.241976494307 . . . . . . . . . . 
'X-RAY DIFFRACTION' 2.2048 2.3429  . . 135 1204 99.6279761905 . . . 0.315431903762 . 0.25021507189  . . . . . . . . . . 
'X-RAY DIFFRACTION' 2.3429 2.5237  . . 136 1217 99.7052321297 . . . 0.322988027277 . 0.244537443337 . . . . . . . . . . 
'X-RAY DIFFRACTION' 2.5237 2.7774  . . 137 1184 99.4728915663 . . . 0.30862699648  . 0.245145945783 . . . . . . . . . . 
'X-RAY DIFFRACTION' 2.7774 3.1788  . . 135 1198 99.2553983619 . . . 0.333289620946 . 0.255704480533 . . . . . . . . . . 
'X-RAY DIFFRACTION' 3.1788 4.0028  . . 138 1217 99.4860499266 . . . 0.294213820391 . 0.21859179961  . . . . . . . . . . 
'X-RAY DIFFRACTION' 4.0028 27.0621 . . 135 1149 94.0659340659 . . . 0.294860212525 . 0.248802119523 . . . . . . . . . . 
# 
_struct.entry_id                     6D42 
_struct.title                        'Crystal structure of the KCa3.1 C-terminal four-helix bundle (with copper)' 
_struct.pdbx_model_details           ? 
_struct.pdbx_formula_weight          ? 
_struct.pdbx_formula_weight_method   ? 
_struct.pdbx_model_type_details      ? 
_struct.pdbx_CASP_flag               N 
# 
_struct_keywords.entry_id        6D42 
_struct_keywords.text            'Four-helix bundle, copper, MEMBRANE PROTEIN' 
_struct_keywords.pdbx_keywords   'MEMBRANE PROTEIN' 
# 
loop_
_struct_asym.id 
_struct_asym.pdbx_blank_PDB_chainid_flag 
_struct_asym.pdbx_modified 
_struct_asym.entity_id 
_struct_asym.details 
A N N 1 ? 
B N N 1 ? 
C N N 2 ? 
D N N 2 ? 
E N N 3 ? 
F N N 3 ? 
# 
_struct_ref.id                         1 
_struct_ref.db_name                    UNP 
_struct_ref.db_code                    KCNN4_HUMAN 
_struct_ref.pdbx_db_accession          O15554 
_struct_ref.pdbx_db_isoform            ? 
_struct_ref.entity_id                  1 
_struct_ref.pdbx_seq_one_letter_code   MILYDLQQNLSSSHRALEKQIDTLAGKLDALTELLSTALG 
_struct_ref.pdbx_align_begin           376 
# 
loop_
_struct_ref_seq.align_id 
_struct_ref_seq.ref_id 
_struct_ref_seq.pdbx_PDB_id_code 
_struct_ref_seq.pdbx_strand_id 
_struct_ref_seq.seq_align_beg 
_struct_ref_seq.pdbx_seq_align_beg_ins_code 
_struct_ref_seq.seq_align_end 
_struct_ref_seq.pdbx_seq_align_end_ins_code 
_struct_ref_seq.pdbx_db_accession 
_struct_ref_seq.db_align_beg 
_struct_ref_seq.pdbx_db_align_beg_ins_code 
_struct_ref_seq.db_align_end 
_struct_ref_seq.pdbx_db_align_end_ins_code 
_struct_ref_seq.pdbx_auth_seq_align_beg 
_struct_ref_seq.pdbx_auth_seq_align_end 
1 1 6D42 A 3 ? 42 ? O15554 376 ? 415 ? 376 415 
2 1 6D42 B 3 ? 42 ? O15554 376 ? 415 ? 376 415 
# 
loop_
_struct_ref_seq_dif.align_id 
_struct_ref_seq_dif.pdbx_pdb_id_code 
_struct_ref_seq_dif.mon_id 
_struct_ref_seq_dif.pdbx_pdb_strand_id 
_struct_ref_seq_dif.seq_num 
_struct_ref_seq_dif.pdbx_pdb_ins_code 
_struct_ref_seq_dif.pdbx_seq_db_name 
_struct_ref_seq_dif.pdbx_seq_db_accession_code 
_struct_ref_seq_dif.db_mon_id 
_struct_ref_seq_dif.pdbx_seq_db_seq_num 
_struct_ref_seq_dif.details 
_struct_ref_seq_dif.pdbx_auth_seq_num 
_struct_ref_seq_dif.pdbx_ordinal 
1 6D42 GLY A 1 ? UNP O15554 ? ? 'expression tag' 374 1 
1 6D42 SER A 2 ? UNP O15554 ? ? 'expression tag' 375 2 
2 6D42 GLY B 1 ? UNP O15554 ? ? 'expression tag' 374 3 
2 6D42 SER B 2 ? UNP O15554 ? ? 'expression tag' 375 4 
# 
loop_
_pdbx_struct_assembly.id 
_pdbx_struct_assembly.details 
_pdbx_struct_assembly.method_details 
_pdbx_struct_assembly.oligomeric_details 
_pdbx_struct_assembly.oligomeric_count 
1 author_and_software_defined_assembly PISA tetrameric 4 
2 author_and_software_defined_assembly PISA tetrameric 4 
# 
loop_
_pdbx_struct_assembly_prop.biol_id 
_pdbx_struct_assembly_prop.type 
_pdbx_struct_assembly_prop.value 
_pdbx_struct_assembly_prop.details 
1 'ABSA (A^2)' 6830 ? 
1 MORE         -95  ? 
1 'SSA (A^2)'  8690 ? 
2 'ABSA (A^2)' 6470 ? 
2 MORE         -89  ? 
2 'SSA (A^2)'  8960 ? 
# 
loop_
_pdbx_struct_assembly_gen.assembly_id 
_pdbx_struct_assembly_gen.oper_expression 
_pdbx_struct_assembly_gen.asym_id_list 
1 1,2,4,6 A,C,E 
2 1,3,5,7 B,D,F 
# 
_pdbx_struct_assembly_auth_evidence.id                     1 
_pdbx_struct_assembly_auth_evidence.assembly_id            1 
_pdbx_struct_assembly_auth_evidence.experimental_support   'light scattering' 
_pdbx_struct_assembly_auth_evidence.details                ? 
# 
loop_
_pdbx_struct_oper_list.id 
_pdbx_struct_oper_list.type 
_pdbx_struct_oper_list.name 
_pdbx_struct_oper_list.symmetry_operation 
_pdbx_struct_oper_list.matrix[1][1] 
_pdbx_struct_oper_list.matrix[1][2] 
_pdbx_struct_oper_list.matrix[1][3] 
_pdbx_struct_oper_list.vector[1] 
_pdbx_struct_oper_list.matrix[2][1] 
_pdbx_struct_oper_list.matrix[2][2] 
_pdbx_struct_oper_list.matrix[2][3] 
_pdbx_struct_oper_list.vector[2] 
_pdbx_struct_oper_list.matrix[3][1] 
_pdbx_struct_oper_list.matrix[3][2] 
_pdbx_struct_oper_list.matrix[3][3] 
_pdbx_struct_oper_list.vector[3] 
1 'identity operation'         1_555 x,y,z          1.0000000000  0.0000000000  0.0000000000  0.0000000000   0.0000000000  1.0000000000 0.0000000000  0.0000000000  0.0000000000  0.0000000000  1.0000000000  0.0000000000   
2 'crystal symmetry operation' 2_655 -x+1,-y,z      -0.8971290680 -0.4414887588 0.0157197710  -13.8525954270 -0.4414887588 0.8947269200 -0.0674641714 -2.4360248827 0.0157197710  -0.0674641714 -0.9975978520 22.2364435560  
3 'crystal symmetry operation' 2_765 -x+2,-y+1,z    -0.8971290680 -0.4414887588 0.0157197710  11.8134949097  -0.4414887588 0.8947269200 -0.0674641714 1.8939832613  0.0157197710  -0.0674641714 -0.9975978520 -24.1156765282 
4 'crystal symmetry operation' 3_545 -y+1/2,x-1/2,z 0.0514354660  -0.2554008937 -0.9654660928 3.8531443097   -0.1860878651 0.9473634600 -0.2605259701 1.5435735993  0.9811858638  0.1930617987  0.0012010740  18.1360050487  
5 'crystal symmetry operation' 3_645 -y+3/2,x-1/2,z 0.0514354660  -0.2554008937 -0.9654660928 -5.7966403406  -0.1860878651 0.9473634600 -0.2605259701 -1.9923596247 0.9811858638  0.1930617987  0.0012010740  -18.0218009195 
6 'crystal symmetry operation' 4_555 y+1/2,-x+1/2,z 0.0514354660  -0.1860878651 0.9811858638  -17.7057397368 -0.2554008937 0.9473634600 0.1930617987  -3.9795984820 -0.9654660928 -0.2605259701 0.0012010740  4.1004385072   
7 'crystal symmetry operation' 4_565 y+1/2,-x+3/2,z 0.0514354660  -0.1860878651 0.9811858638  17.6101352503  -0.2554008937 0.9473634600 0.1930617987  3.8863428859  -0.9654660928 -0.2605259701 0.0012010740  -6.0938756087 
# 
loop_
_struct_conf.conf_type_id 
_struct_conf.id 
_struct_conf.pdbx_PDB_helix_id 
_struct_conf.beg_label_comp_id 
_struct_conf.beg_label_asym_id 
_struct_conf.beg_label_seq_id 
_struct_conf.pdbx_beg_PDB_ins_code 
_struct_conf.end_label_comp_id 
_struct_conf.end_label_asym_id 
_struct_conf.end_label_seq_id 
_struct_conf.pdbx_end_PDB_ins_code 
_struct_conf.beg_auth_comp_id 
_struct_conf.beg_auth_asym_id 
_struct_conf.beg_auth_seq_id 
_struct_conf.end_auth_comp_id 
_struct_conf.end_auth_asym_id 
_struct_conf.end_auth_seq_id 
_struct_conf.pdbx_PDB_helix_class 
_struct_conf.details 
_struct_conf.pdbx_PDB_helix_length 
HELX_P HELX_P1 AA1 ILE A 4 ? LEU A 41 ? ILE A 377 LEU A 414 1 ? 38 
HELX_P HELX_P2 AA2 ILE B 4 ? LEU B 41 ? ILE B 377 LEU B 414 1 ? 38 
# 
_struct_conf_type.id          HELX_P 
_struct_conf_type.criteria    ? 
_struct_conf_type.reference   ? 
# 
loop_
_struct_conn.id 
_struct_conn.conn_type_id 
_struct_conn.pdbx_leaving_atom_flag 
_struct_conn.pdbx_PDB_id 
_struct_conn.ptnr1_label_asym_id 
_struct_conn.ptnr1_label_comp_id 
_struct_conn.ptnr1_label_seq_id 
_struct_conn.ptnr1_label_atom_id 
_struct_conn.pdbx_ptnr1_label_alt_id 
_struct_conn.pdbx_ptnr1_PDB_ins_code 
_struct_conn.pdbx_ptnr1_standard_comp_id 
_struct_conn.ptnr1_symmetry 
_struct_conn.ptnr2_label_asym_id 
_struct_conn.ptnr2_label_comp_id 
_struct_conn.ptnr2_label_seq_id 
_struct_conn.ptnr2_label_atom_id 
_struct_conn.pdbx_ptnr2_label_alt_id 
_struct_conn.pdbx_ptnr2_PDB_ins_code 
_struct_conn.ptnr1_auth_asym_id 
_struct_conn.ptnr1_auth_comp_id 
_struct_conn.ptnr1_auth_seq_id 
_struct_conn.ptnr2_auth_asym_id 
_struct_conn.ptnr2_auth_comp_id 
_struct_conn.ptnr2_auth_seq_id 
_struct_conn.ptnr2_symmetry 
_struct_conn.pdbx_ptnr3_label_atom_id 
_struct_conn.pdbx_ptnr3_label_seq_id 
_struct_conn.pdbx_ptnr3_label_comp_id 
_struct_conn.pdbx_ptnr3_label_asym_id 
_struct_conn.pdbx_ptnr3_label_alt_id 
_struct_conn.pdbx_ptnr3_PDB_ins_code 
_struct_conn.details 
_struct_conn.pdbx_dist_value 
_struct_conn.pdbx_value_order 
_struct_conn.pdbx_role 
covale1 covale both ? A MSE 3  C   ? ? ? 1_555 A ILE 4 N  ? ? A MSE 376 A ILE 377 1_555 ? ? ? ? ? ? ? 1.329 ? ? 
covale2 covale both ? B MSE 3  C   ? ? ? 1_555 B ILE 4 N  ? ? B MSE 376 B ILE 377 1_555 ? ? ? ? ? ? ? 1.333 ? ? 
metalc1 metalc ?    ? A HIS 16 NE2 ? ? ? 1_555 C CU  . CU ? ? A HIS 389 A CU  501 1_555 ? ? ? ? ? ? ? 2.093 ? ? 
metalc2 metalc ?    ? A HIS 16 NE2 ? ? ? 1_555 C CU  . CU ? ? A HIS 389 A CU  501 3_545 ? ? ? ? ? ? ? 2.093 ? ? 
metalc3 metalc ?    ? C CU  .  CU  ? ? ? 1_555 E HOH . O  ? ? A CU  501 A HOH 623 1_555 ? ? ? ? ? ? ? 2.418 ? ? 
metalc4 metalc ?    ? C CU  .  CU  ? ? ? 1_555 E HOH . O  ? ? A CU  501 A HOH 623 3_545 ? ? ? ? ? ? ? 2.418 ? ? 
metalc5 metalc ?    ? B HIS 16 NE2 ? ? ? 1_555 D CU  . CU ? ? B HIS 389 B CU  501 1_555 ? ? ? ? ? ? ? 2.005 ? ? 
metalc6 metalc ?    ? B HIS 16 NE2 ? ? ? 1_555 D CU  . CU ? ? B HIS 389 B CU  501 4_565 ? ? ? ? ? ? ? 2.005 ? ? 
metalc7 metalc ?    ? D CU  .  CU  ? ? ? 1_555 F HOH . O  ? ? B CU  501 B HOH 610 1_555 ? ? ? ? ? ? ? 2.422 ? ? 
metalc8 metalc ?    ? D CU  .  CU  ? ? ? 1_555 F HOH . O  ? ? B CU  501 B HOH 610 4_565 ? ? ? ? ? ? ? 2.422 ? ? 
# 
loop_
_struct_conn_type.id 
_struct_conn_type.criteria 
_struct_conn_type.reference 
covale ? ? 
metalc ? ? 
# 
loop_
_pdbx_struct_conn_angle.id 
_pdbx_struct_conn_angle.ptnr1_label_atom_id 
_pdbx_struct_conn_angle.ptnr1_label_alt_id 
_pdbx_struct_conn_angle.ptnr1_label_asym_id 
_pdbx_struct_conn_angle.ptnr1_label_comp_id 
_pdbx_struct_conn_angle.ptnr1_label_seq_id 
_pdbx_struct_conn_angle.ptnr1_auth_atom_id 
_pdbx_struct_conn_angle.ptnr1_auth_asym_id 
_pdbx_struct_conn_angle.ptnr1_auth_comp_id 
_pdbx_struct_conn_angle.ptnr1_auth_seq_id 
_pdbx_struct_conn_angle.ptnr1_PDB_ins_code 
_pdbx_struct_conn_angle.ptnr1_symmetry 
_pdbx_struct_conn_angle.ptnr2_label_atom_id 
_pdbx_struct_conn_angle.ptnr2_label_alt_id 
_pdbx_struct_conn_angle.ptnr2_label_asym_id 
_pdbx_struct_conn_angle.ptnr2_label_comp_id 
_pdbx_struct_conn_angle.ptnr2_label_seq_id 
_pdbx_struct_conn_angle.ptnr2_auth_atom_id 
_pdbx_struct_conn_angle.ptnr2_auth_asym_id 
_pdbx_struct_conn_angle.ptnr2_auth_comp_id 
_pdbx_struct_conn_angle.ptnr2_auth_seq_id 
_pdbx_struct_conn_angle.ptnr2_PDB_ins_code 
_pdbx_struct_conn_angle.ptnr2_symmetry 
_pdbx_struct_conn_angle.ptnr3_label_atom_id 
_pdbx_struct_conn_angle.ptnr3_label_alt_id 
_pdbx_struct_conn_angle.ptnr3_label_asym_id 
_pdbx_struct_conn_angle.ptnr3_label_comp_id 
_pdbx_struct_conn_angle.ptnr3_label_seq_id 
_pdbx_struct_conn_angle.ptnr3_auth_atom_id 
_pdbx_struct_conn_angle.ptnr3_auth_asym_id 
_pdbx_struct_conn_angle.ptnr3_auth_comp_id 
_pdbx_struct_conn_angle.ptnr3_auth_seq_id 
_pdbx_struct_conn_angle.ptnr3_PDB_ins_code 
_pdbx_struct_conn_angle.ptnr3_symmetry 
_pdbx_struct_conn_angle.value 
_pdbx_struct_conn_angle.value_esd 
1  NE2 ? A HIS 16 ? A HIS 389 ? 1_555 CU ? C CU . ? A CU 501 ? 1_555 NE2 ? A HIS 16 ? A HIS 389 ? 1_555 0.0  ? 
2  NE2 ? A HIS 16 ? A HIS 389 ? 1_555 CU ? C CU . ? A CU 501 ? 1_555 O   ? E HOH .  ? A HOH 623 ? 1_555 92.5 ? 
3  NE2 ? A HIS 16 ? A HIS 389 ? 1_555 CU ? C CU . ? A CU 501 ? 1_555 O   ? E HOH .  ? A HOH 623 ? 1_555 92.5 ? 
4  NE2 ? A HIS 16 ? A HIS 389 ? 1_555 CU ? C CU . ? A CU 501 ? 1_555 O   ? E HOH .  ? A HOH 623 ? 3_545 92.5 ? 
5  NE2 ? A HIS 16 ? A HIS 389 ? 1_555 CU ? C CU . ? A CU 501 ? 1_555 O   ? E HOH .  ? A HOH 623 ? 3_545 92.5 ? 
6  O   ? E HOH .  ? A HOH 623 ? 1_555 CU ? C CU . ? A CU 501 ? 1_555 O   ? E HOH .  ? A HOH 623 ? 3_545 0.0  ? 
7  NE2 ? B HIS 16 ? B HIS 389 ? 1_555 CU ? D CU . ? B CU 501 ? 1_555 NE2 ? B HIS 16 ? B HIS 389 ? 1_555 0.0  ? 
8  NE2 ? B HIS 16 ? B HIS 389 ? 1_555 CU ? D CU . ? B CU 501 ? 1_555 O   ? F HOH .  ? B HOH 610 ? 1_555 92.4 ? 
9  NE2 ? B HIS 16 ? B HIS 389 ? 1_555 CU ? D CU . ? B CU 501 ? 1_555 O   ? F HOH .  ? B HOH 610 ? 1_555 92.4 ? 
10 NE2 ? B HIS 16 ? B HIS 389 ? 1_555 CU ? D CU . ? B CU 501 ? 1_555 O   ? F HOH .  ? B HOH 610 ? 4_565 92.4 ? 
11 NE2 ? B HIS 16 ? B HIS 389 ? 1_555 CU ? D CU . ? B CU 501 ? 1_555 O   ? F HOH .  ? B HOH 610 ? 4_565 92.4 ? 
12 O   ? F HOH .  ? B HOH 610 ? 1_555 CU ? D CU . ? B CU 501 ? 1_555 O   ? F HOH .  ? B HOH 610 ? 4_565 0.0  ? 
# 
loop_
_pdbx_modification_feature.ordinal 
_pdbx_modification_feature.label_comp_id 
_pdbx_modification_feature.label_asym_id 
_pdbx_modification_feature.label_seq_id 
_pdbx_modification_feature.label_alt_id 
_pdbx_modification_feature.modified_residue_label_comp_id 
_pdbx_modification_feature.modified_residue_label_asym_id 
_pdbx_modification_feature.modified_residue_label_seq_id 
_pdbx_modification_feature.modified_residue_label_alt_id 
_pdbx_modification_feature.auth_comp_id 
_pdbx_modification_feature.auth_asym_id 
_pdbx_modification_feature.auth_seq_id 
_pdbx_modification_feature.PDB_ins_code 
_pdbx_modification_feature.symmetry 
_pdbx_modification_feature.modified_residue_auth_comp_id 
_pdbx_modification_feature.modified_residue_auth_asym_id 
_pdbx_modification_feature.modified_residue_auth_seq_id 
_pdbx_modification_feature.modified_residue_PDB_ins_code 
_pdbx_modification_feature.modified_residue_symmetry 
_pdbx_modification_feature.comp_id_linking_atom 
_pdbx_modification_feature.modified_residue_id_linking_atom 
_pdbx_modification_feature.modified_residue_id 
_pdbx_modification_feature.ref_pcm_id 
_pdbx_modification_feature.ref_comp_id 
_pdbx_modification_feature.type 
_pdbx_modification_feature.category 
1 MSE A 3 ? . . . . MSE A 376 ? 1_555 . . . . . . . MET 1 MSE Selenomethionine 'Named protein modification' 
2 MSE B 3 ? . . . . MSE B 376 ? 1_555 . . . . . . . MET 1 MSE Selenomethionine 'Named protein modification' 
# 
loop_
_struct_site.id 
_struct_site.pdbx_evidence_code 
_struct_site.pdbx_auth_asym_id 
_struct_site.pdbx_auth_comp_id 
_struct_site.pdbx_auth_seq_id 
_struct_site.pdbx_auth_ins_code 
_struct_site.pdbx_num_residues 
_struct_site.details 
AC1 Software A CU 501 ? 8 'binding site for residue CU A 501' 
AC2 Software B CU 501 ? 8 'binding site for residue CU B 501' 
# 
loop_
_struct_site_gen.id 
_struct_site_gen.site_id 
_struct_site_gen.pdbx_num_res 
_struct_site_gen.label_comp_id 
_struct_site_gen.label_asym_id 
_struct_site_gen.label_seq_id 
_struct_site_gen.pdbx_auth_ins_code 
_struct_site_gen.auth_comp_id 
_struct_site_gen.auth_asym_id 
_struct_site_gen.auth_seq_id 
_struct_site_gen.label_atom_id 
_struct_site_gen.label_alt_id 
_struct_site_gen.symmetry 
_struct_site_gen.details 
1  AC1 8 HIS A 16 ? HIS A 389 . ? 2_655 ? 
2  AC1 8 HIS A 16 ? HIS A 389 . ? 3_545 ? 
3  AC1 8 HIS A 16 ? HIS A 389 . ? 4_555 ? 
4  AC1 8 HIS A 16 ? HIS A 389 . ? 1_555 ? 
5  AC1 8 HOH E .  ? HOH A 623 . ? 4_555 ? 
6  AC1 8 HOH E .  ? HOH A 623 . ? 3_545 ? 
7  AC1 8 HOH E .  ? HOH A 623 . ? 2_655 ? 
8  AC1 8 HOH E .  ? HOH A 623 . ? 1_555 ? 
9  AC2 8 HIS B 16 ? HIS B 389 . ? 4_565 ? 
10 AC2 8 HIS B 16 ? HIS B 389 . ? 1_555 ? 
11 AC2 8 HIS B 16 ? HIS B 389 . ? 3_645 ? 
12 AC2 8 HIS B 16 ? HIS B 389 . ? 2_765 ? 
13 AC2 8 HOH F .  ? HOH B 610 . ? 2_765 ? 
14 AC2 8 HOH F .  ? HOH B 610 . ? 3_645 ? 
15 AC2 8 HOH F .  ? HOH B 610 . ? 4_565 ? 
16 AC2 8 HOH F .  ? HOH B 610 . ? 1_555 ? 
# 
_pdbx_entry_details.entry_id                   6D42 
_pdbx_entry_details.compound_details           ? 
_pdbx_entry_details.source_details             ? 
_pdbx_entry_details.nonpolymer_details         ? 
_pdbx_entry_details.sequence_details           ? 
_pdbx_entry_details.has_ligand_of_interest     ? 
_pdbx_entry_details.has_protein_modification   Y 
# 
loop_
_pdbx_struct_mod_residue.id 
_pdbx_struct_mod_residue.label_asym_id 
_pdbx_struct_mod_residue.label_comp_id 
_pdbx_struct_mod_residue.label_seq_id 
_pdbx_struct_mod_residue.auth_asym_id 
_pdbx_struct_mod_residue.auth_comp_id 
_pdbx_struct_mod_residue.auth_seq_id 
_pdbx_struct_mod_residue.PDB_ins_code 
_pdbx_struct_mod_residue.parent_comp_id 
_pdbx_struct_mod_residue.details 
1 A MSE 3 A MSE 376 ? MET 'modified residue' 
2 B MSE 3 B MSE 376 ? MET 'modified residue' 
# 
loop_
_pdbx_struct_special_symmetry.id 
_pdbx_struct_special_symmetry.PDB_model_num 
_pdbx_struct_special_symmetry.auth_asym_id 
_pdbx_struct_special_symmetry.auth_comp_id 
_pdbx_struct_special_symmetry.auth_seq_id 
_pdbx_struct_special_symmetry.PDB_ins_code 
_pdbx_struct_special_symmetry.label_asym_id 
_pdbx_struct_special_symmetry.label_comp_id 
_pdbx_struct_special_symmetry.label_seq_id 
1 1 A CU  501 ? C CU  . 
2 1 B CU  501 ? D CU  . 
3 1 A HOH 623 ? E HOH . 
4 1 B HOH 610 ? F HOH . 
# 
loop_
_space_group_symop.id 
_space_group_symop.operation_xyz 
1 x,y,z           
2 -y+1/2,x+1/2,z  
3 y+1/2,-x+1/2,z  
4 x+1/2,-y+1/2,-z 
5 -x+1/2,y+1/2,-z 
6 -x,-y,z         
7 y,x,-z          
8 -y,-x,-z        
# 
loop_
_pdbx_refine_tls.id 
_pdbx_refine_tls.details 
_pdbx_refine_tls.method 
_pdbx_refine_tls.origin_x 
_pdbx_refine_tls.origin_y 
_pdbx_refine_tls.origin_z 
_pdbx_refine_tls.T[1][1] 
_pdbx_refine_tls.T[2][2] 
_pdbx_refine_tls.T[3][3] 
_pdbx_refine_tls.T[1][2] 
_pdbx_refine_tls.T[1][3] 
_pdbx_refine_tls.T[2][3] 
_pdbx_refine_tls.L[1][1] 
_pdbx_refine_tls.L[2][2] 
_pdbx_refine_tls.L[3][3] 
_pdbx_refine_tls.L[1][2] 
_pdbx_refine_tls.L[1][3] 
_pdbx_refine_tls.L[2][3] 
_pdbx_refine_tls.S[1][1] 
_pdbx_refine_tls.S[1][2] 
_pdbx_refine_tls.S[1][3] 
_pdbx_refine_tls.S[2][1] 
_pdbx_refine_tls.S[2][2] 
_pdbx_refine_tls.S[2][3] 
_pdbx_refine_tls.S[3][1] 
_pdbx_refine_tls.S[3][2] 
_pdbx_refine_tls.S[3][3] 
_pdbx_refine_tls.pdbx_refine_id 
1 ? refined -4.0592007162 13.50956069264 6.5951535165  0.235571880897 0.356916233709 0.229114231792 -0.017660389546 0.054963300452 -0.007305001827 3.13896052828 7.25599564814  1.58470036065 2.1163628583    0.17733666252 1.62441403144   0.249102259874  0.206031074748  0.173248359479  -1.349737442015 -0.061392605998 -1.956787313841 -0.0492720638  0.138478544213 -0.187707829414 'X-RAY DIFFRACTION' 
2 ? refined 3.9681101579  -13.6020498075 -6.2406533949 0.274111171759 0.385068891766 0.311501553460 -0.011563513016 0.071700782392 0.045979132002  1.56542060663 2.053225847834 3.74034596775 -0.988221482440 1.32706818562 -2.452499531935 -0.585823353861 -0.439406587451 -0.265493737902 1.581525597325  0.842151467974  0.952206892352  -0.42191253926 -0.32206471775 -0.329981810974 'X-RAY DIFFRACTION' 
# 
loop_
_pdbx_refine_tls_group.id 
_pdbx_refine_tls_group.refine_tls_id 
_pdbx_refine_tls_group.selection 
_pdbx_refine_tls_group.selection_details 
_pdbx_refine_tls_group.pdbx_refine_id 
_pdbx_refine_tls_group.beg_auth_asym_id 
_pdbx_refine_tls_group.beg_auth_seq_id 
_pdbx_refine_tls_group.beg_label_asym_id 
_pdbx_refine_tls_group.beg_label_seq_id 
_pdbx_refine_tls_group.end_auth_asym_id 
_pdbx_refine_tls_group.end_auth_seq_id 
_pdbx_refine_tls_group.end_label_asym_id 
_pdbx_refine_tls_group.end_label_seq_id 
1 1 ? 
;(chain 'A' and resid 376 through 414)
;
'X-RAY DIFFRACTION' ? ? ? ? ? ? ? ? 
2 2 ? 
;(chain 'B' and resid 376 through 414)
;
'X-RAY DIFFRACTION' ? ? ? ? ? ? ? ? 
# 
loop_
_pdbx_unobs_or_zero_occ_residues.id 
_pdbx_unobs_or_zero_occ_residues.PDB_model_num 
_pdbx_unobs_or_zero_occ_residues.polymer_flag 
_pdbx_unobs_or_zero_occ_residues.occupancy_flag 
_pdbx_unobs_or_zero_occ_residues.auth_asym_id 
_pdbx_unobs_or_zero_occ_residues.auth_comp_id 
_pdbx_unobs_or_zero_occ_residues.auth_seq_id 
_pdbx_unobs_or_zero_occ_residues.PDB_ins_code 
_pdbx_unobs_or_zero_occ_residues.label_asym_id 
_pdbx_unobs_or_zero_occ_residues.label_comp_id 
_pdbx_unobs_or_zero_occ_residues.label_seq_id 
1 1 Y 1 A GLY 374 ? A GLY 1  
2 1 Y 1 A SER 375 ? A SER 2  
3 1 Y 1 A GLY 415 ? A GLY 42 
4 1 Y 1 B GLY 374 ? B GLY 1  
5 1 Y 1 B SER 375 ? B SER 2  
6 1 Y 1 B GLY 415 ? B GLY 42 
# 
loop_
_chem_comp_atom.comp_id 
_chem_comp_atom.atom_id 
_chem_comp_atom.type_symbol 
_chem_comp_atom.pdbx_aromatic_flag 
_chem_comp_atom.pdbx_stereo_config 
_chem_comp_atom.pdbx_ordinal 
ALA N    N  N N 1   
ALA CA   C  N S 2   
ALA C    C  N N 3   
ALA O    O  N N 4   
ALA CB   C  N N 5   
ALA OXT  O  N N 6   
ALA H    H  N N 7   
ALA H2   H  N N 8   
ALA HA   H  N N 9   
ALA HB1  H  N N 10  
ALA HB2  H  N N 11  
ALA HB3  H  N N 12  
ALA HXT  H  N N 13  
ARG N    N  N N 14  
ARG CA   C  N S 15  
ARG C    C  N N 16  
ARG O    O  N N 17  
ARG CB   C  N N 18  
ARG CG   C  N N 19  
ARG CD   C  N N 20  
ARG NE   N  N N 21  
ARG CZ   C  N N 22  
ARG NH1  N  N N 23  
ARG NH2  N  N N 24  
ARG OXT  O  N N 25  
ARG H    H  N N 26  
ARG H2   H  N N 27  
ARG HA   H  N N 28  
ARG HB2  H  N N 29  
ARG HB3  H  N N 30  
ARG HG2  H  N N 31  
ARG HG3  H  N N 32  
ARG HD2  H  N N 33  
ARG HD3  H  N N 34  
ARG HE   H  N N 35  
ARG HH11 H  N N 36  
ARG HH12 H  N N 37  
ARG HH21 H  N N 38  
ARG HH22 H  N N 39  
ARG HXT  H  N N 40  
ASN N    N  N N 41  
ASN CA   C  N S 42  
ASN C    C  N N 43  
ASN O    O  N N 44  
ASN CB   C  N N 45  
ASN CG   C  N N 46  
ASN OD1  O  N N 47  
ASN ND2  N  N N 48  
ASN OXT  O  N N 49  
ASN H    H  N N 50  
ASN H2   H  N N 51  
ASN HA   H  N N 52  
ASN HB2  H  N N 53  
ASN HB3  H  N N 54  
ASN HD21 H  N N 55  
ASN HD22 H  N N 56  
ASN HXT  H  N N 57  
ASP N    N  N N 58  
ASP CA   C  N S 59  
ASP C    C  N N 60  
ASP O    O  N N 61  
ASP CB   C  N N 62  
ASP CG   C  N N 63  
ASP OD1  O  N N 64  
ASP OD2  O  N N 65  
ASP OXT  O  N N 66  
ASP H    H  N N 67  
ASP H2   H  N N 68  
ASP HA   H  N N 69  
ASP HB2  H  N N 70  
ASP HB3  H  N N 71  
ASP HD2  H  N N 72  
ASP HXT  H  N N 73  
CU  CU   CU N N 74  
GLN N    N  N N 75  
GLN CA   C  N S 76  
GLN C    C  N N 77  
GLN O    O  N N 78  
GLN CB   C  N N 79  
GLN CG   C  N N 80  
GLN CD   C  N N 81  
GLN OE1  O  N N 82  
GLN NE2  N  N N 83  
GLN OXT  O  N N 84  
GLN H    H  N N 85  
GLN H2   H  N N 86  
GLN HA   H  N N 87  
GLN HB2  H  N N 88  
GLN HB3  H  N N 89  
GLN HG2  H  N N 90  
GLN HG3  H  N N 91  
GLN HE21 H  N N 92  
GLN HE22 H  N N 93  
GLN HXT  H  N N 94  
GLU N    N  N N 95  
GLU CA   C  N S 96  
GLU C    C  N N 97  
GLU O    O  N N 98  
GLU CB   C  N N 99  
GLU CG   C  N N 100 
GLU CD   C  N N 101 
GLU OE1  O  N N 102 
GLU OE2  O  N N 103 
GLU OXT  O  N N 104 
GLU H    H  N N 105 
GLU H2   H  N N 106 
GLU HA   H  N N 107 
GLU HB2  H  N N 108 
GLU HB3  H  N N 109 
GLU HG2  H  N N 110 
GLU HG3  H  N N 111 
GLU HE2  H  N N 112 
GLU HXT  H  N N 113 
GLY N    N  N N 114 
GLY CA   C  N N 115 
GLY C    C  N N 116 
GLY O    O  N N 117 
GLY OXT  O  N N 118 
GLY H    H  N N 119 
GLY H2   H  N N 120 
GLY HA2  H  N N 121 
GLY HA3  H  N N 122 
GLY HXT  H  N N 123 
HIS N    N  N N 124 
HIS CA   C  N S 125 
HIS C    C  N N 126 
HIS O    O  N N 127 
HIS CB   C  N N 128 
HIS CG   C  Y N 129 
HIS ND1  N  Y N 130 
HIS CD2  C  Y N 131 
HIS CE1  C  Y N 132 
HIS NE2  N  Y N 133 
HIS OXT  O  N N 134 
HIS H    H  N N 135 
HIS H2   H  N N 136 
HIS HA   H  N N 137 
HIS HB2  H  N N 138 
HIS HB3  H  N N 139 
HIS HD1  H  N N 140 
HIS HD2  H  N N 141 
HIS HE1  H  N N 142 
HIS HE2  H  N N 143 
HIS HXT  H  N N 144 
HOH O    O  N N 145 
HOH H1   H  N N 146 
HOH H2   H  N N 147 
ILE N    N  N N 148 
ILE CA   C  N S 149 
ILE C    C  N N 150 
ILE O    O  N N 151 
ILE CB   C  N S 152 
ILE CG1  C  N N 153 
ILE CG2  C  N N 154 
ILE CD1  C  N N 155 
ILE OXT  O  N N 156 
ILE H    H  N N 157 
ILE H2   H  N N 158 
ILE HA   H  N N 159 
ILE HB   H  N N 160 
ILE HG12 H  N N 161 
ILE HG13 H  N N 162 
ILE HG21 H  N N 163 
ILE HG22 H  N N 164 
ILE HG23 H  N N 165 
ILE HD11 H  N N 166 
ILE HD12 H  N N 167 
ILE HD13 H  N N 168 
ILE HXT  H  N N 169 
LEU N    N  N N 170 
LEU CA   C  N S 171 
LEU C    C  N N 172 
LEU O    O  N N 173 
LEU CB   C  N N 174 
LEU CG   C  N N 175 
LEU CD1  C  N N 176 
LEU CD2  C  N N 177 
LEU OXT  O  N N 178 
LEU H    H  N N 179 
LEU H2   H  N N 180 
LEU HA   H  N N 181 
LEU HB2  H  N N 182 
LEU HB3  H  N N 183 
LEU HG   H  N N 184 
LEU HD11 H  N N 185 
LEU HD12 H  N N 186 
LEU HD13 H  N N 187 
LEU HD21 H  N N 188 
LEU HD22 H  N N 189 
LEU HD23 H  N N 190 
LEU HXT  H  N N 191 
LYS N    N  N N 192 
LYS CA   C  N S 193 
LYS C    C  N N 194 
LYS O    O  N N 195 
LYS CB   C  N N 196 
LYS CG   C  N N 197 
LYS CD   C  N N 198 
LYS CE   C  N N 199 
LYS NZ   N  N N 200 
LYS OXT  O  N N 201 
LYS H    H  N N 202 
LYS H2   H  N N 203 
LYS HA   H  N N 204 
LYS HB2  H  N N 205 
LYS HB3  H  N N 206 
LYS HG2  H  N N 207 
LYS HG3  H  N N 208 
LYS HD2  H  N N 209 
LYS HD3  H  N N 210 
LYS HE2  H  N N 211 
LYS HE3  H  N N 212 
LYS HZ1  H  N N 213 
LYS HZ2  H  N N 214 
LYS HZ3  H  N N 215 
LYS HXT  H  N N 216 
MSE N    N  N N 217 
MSE CA   C  N S 218 
MSE C    C  N N 219 
MSE O    O  N N 220 
MSE OXT  O  N N 221 
MSE CB   C  N N 222 
MSE CG   C  N N 223 
MSE SE   SE N N 224 
MSE CE   C  N N 225 
MSE H    H  N N 226 
MSE H2   H  N N 227 
MSE HA   H  N N 228 
MSE HXT  H  N N 229 
MSE HB2  H  N N 230 
MSE HB3  H  N N 231 
MSE HG2  H  N N 232 
MSE HG3  H  N N 233 
MSE HE1  H  N N 234 
MSE HE2  H  N N 235 
MSE HE3  H  N N 236 
SER N    N  N N 237 
SER CA   C  N S 238 
SER C    C  N N 239 
SER O    O  N N 240 
SER CB   C  N N 241 
SER OG   O  N N 242 
SER OXT  O  N N 243 
SER H    H  N N 244 
SER H2   H  N N 245 
SER HA   H  N N 246 
SER HB2  H  N N 247 
SER HB3  H  N N 248 
SER HG   H  N N 249 
SER HXT  H  N N 250 
THR N    N  N N 251 
THR CA   C  N S 252 
THR C    C  N N 253 
THR O    O  N N 254 
THR CB   C  N R 255 
THR OG1  O  N N 256 
THR CG2  C  N N 257 
THR OXT  O  N N 258 
THR H    H  N N 259 
THR H2   H  N N 260 
THR HA   H  N N 261 
THR HB   H  N N 262 
THR HG1  H  N N 263 
THR HG21 H  N N 264 
THR HG22 H  N N 265 
THR HG23 H  N N 266 
THR HXT  H  N N 267 
TYR N    N  N N 268 
TYR CA   C  N S 269 
TYR C    C  N N 270 
TYR O    O  N N 271 
TYR CB   C  N N 272 
TYR CG   C  Y N 273 
TYR CD1  C  Y N 274 
TYR CD2  C  Y N 275 
TYR CE1  C  Y N 276 
TYR CE2  C  Y N 277 
TYR CZ   C  Y N 278 
TYR OH   O  N N 279 
TYR OXT  O  N N 280 
TYR H    H  N N 281 
TYR H2   H  N N 282 
TYR HA   H  N N 283 
TYR HB2  H  N N 284 
TYR HB3  H  N N 285 
TYR HD1  H  N N 286 
TYR HD2  H  N N 287 
TYR HE1  H  N N 288 
TYR HE2  H  N N 289 
TYR HH   H  N N 290 
TYR HXT  H  N N 291 
# 
loop_
_chem_comp_bond.comp_id 
_chem_comp_bond.atom_id_1 
_chem_comp_bond.atom_id_2 
_chem_comp_bond.value_order 
_chem_comp_bond.pdbx_aromatic_flag 
_chem_comp_bond.pdbx_stereo_config 
_chem_comp_bond.pdbx_ordinal 
ALA N   CA   sing N N 1   
ALA N   H    sing N N 2   
ALA N   H2   sing N N 3   
ALA CA  C    sing N N 4   
ALA CA  CB   sing N N 5   
ALA CA  HA   sing N N 6   
ALA C   O    doub N N 7   
ALA C   OXT  sing N N 8   
ALA CB  HB1  sing N N 9   
ALA CB  HB2  sing N N 10  
ALA CB  HB3  sing N N 11  
ALA OXT HXT  sing N N 12  
ARG N   CA   sing N N 13  
ARG N   H    sing N N 14  
ARG N   H2   sing N N 15  
ARG CA  C    sing N N 16  
ARG CA  CB   sing N N 17  
ARG CA  HA   sing N N 18  
ARG C   O    doub N N 19  
ARG C   OXT  sing N N 20  
ARG CB  CG   sing N N 21  
ARG CB  HB2  sing N N 22  
ARG CB  HB3  sing N N 23  
ARG CG  CD   sing N N 24  
ARG CG  HG2  sing N N 25  
ARG CG  HG3  sing N N 26  
ARG CD  NE   sing N N 27  
ARG CD  HD2  sing N N 28  
ARG CD  HD3  sing N N 29  
ARG NE  CZ   sing N N 30  
ARG NE  HE   sing N N 31  
ARG CZ  NH1  sing N N 32  
ARG CZ  NH2  doub N N 33  
ARG NH1 HH11 sing N N 34  
ARG NH1 HH12 sing N N 35  
ARG NH2 HH21 sing N N 36  
ARG NH2 HH22 sing N N 37  
ARG OXT HXT  sing N N 38  
ASN N   CA   sing N N 39  
ASN N   H    sing N N 40  
ASN N   H2   sing N N 41  
ASN CA  C    sing N N 42  
ASN CA  CB   sing N N 43  
ASN CA  HA   sing N N 44  
ASN C   O    doub N N 45  
ASN C   OXT  sing N N 46  
ASN CB  CG   sing N N 47  
ASN CB  HB2  sing N N 48  
ASN CB  HB3  sing N N 49  
ASN CG  OD1  doub N N 50  
ASN CG  ND2  sing N N 51  
ASN ND2 HD21 sing N N 52  
ASN ND2 HD22 sing N N 53  
ASN OXT HXT  sing N N 54  
ASP N   CA   sing N N 55  
ASP N   H    sing N N 56  
ASP N   H2   sing N N 57  
ASP CA  C    sing N N 58  
ASP CA  CB   sing N N 59  
ASP CA  HA   sing N N 60  
ASP C   O    doub N N 61  
ASP C   OXT  sing N N 62  
ASP CB  CG   sing N N 63  
ASP CB  HB2  sing N N 64  
ASP CB  HB3  sing N N 65  
ASP CG  OD1  doub N N 66  
ASP CG  OD2  sing N N 67  
ASP OD2 HD2  sing N N 68  
ASP OXT HXT  sing N N 69  
GLN N   CA   sing N N 70  
GLN N   H    sing N N 71  
GLN N   H2   sing N N 72  
GLN CA  C    sing N N 73  
GLN CA  CB   sing N N 74  
GLN CA  HA   sing N N 75  
GLN C   O    doub N N 76  
GLN C   OXT  sing N N 77  
GLN CB  CG   sing N N 78  
GLN CB  HB2  sing N N 79  
GLN CB  HB3  sing N N 80  
GLN CG  CD   sing N N 81  
GLN CG  HG2  sing N N 82  
GLN CG  HG3  sing N N 83  
GLN CD  OE1  doub N N 84  
GLN CD  NE2  sing N N 85  
GLN NE2 HE21 sing N N 86  
GLN NE2 HE22 sing N N 87  
GLN OXT HXT  sing N N 88  
GLU N   CA   sing N N 89  
GLU N   H    sing N N 90  
GLU N   H2   sing N N 91  
GLU CA  C    sing N N 92  
GLU CA  CB   sing N N 93  
GLU CA  HA   sing N N 94  
GLU C   O    doub N N 95  
GLU C   OXT  sing N N 96  
GLU CB  CG   sing N N 97  
GLU CB  HB2  sing N N 98  
GLU CB  HB3  sing N N 99  
GLU CG  CD   sing N N 100 
GLU CG  HG2  sing N N 101 
GLU CG  HG3  sing N N 102 
GLU CD  OE1  doub N N 103 
GLU CD  OE2  sing N N 104 
GLU OE2 HE2  sing N N 105 
GLU OXT HXT  sing N N 106 
GLY N   CA   sing N N 107 
GLY N   H    sing N N 108 
GLY N   H2   sing N N 109 
GLY CA  C    sing N N 110 
GLY CA  HA2  sing N N 111 
GLY CA  HA3  sing N N 112 
GLY C   O    doub N N 113 
GLY C   OXT  sing N N 114 
GLY OXT HXT  sing N N 115 
HIS N   CA   sing N N 116 
HIS N   H    sing N N 117 
HIS N   H2   sing N N 118 
HIS CA  C    sing N N 119 
HIS CA  CB   sing N N 120 
HIS CA  HA   sing N N 121 
HIS C   O    doub N N 122 
HIS C   OXT  sing N N 123 
HIS CB  CG   sing N N 124 
HIS CB  HB2  sing N N 125 
HIS CB  HB3  sing N N 126 
HIS CG  ND1  sing Y N 127 
HIS CG  CD2  doub Y N 128 
HIS ND1 CE1  doub Y N 129 
HIS ND1 HD1  sing N N 130 
HIS CD2 NE2  sing Y N 131 
HIS CD2 HD2  sing N N 132 
HIS CE1 NE2  sing Y N 133 
HIS CE1 HE1  sing N N 134 
HIS NE2 HE2  sing N N 135 
HIS OXT HXT  sing N N 136 
HOH O   H1   sing N N 137 
HOH O   H2   sing N N 138 
ILE N   CA   sing N N 139 
ILE N   H    sing N N 140 
ILE N   H2   sing N N 141 
ILE CA  C    sing N N 142 
ILE CA  CB   sing N N 143 
ILE CA  HA   sing N N 144 
ILE C   O    doub N N 145 
ILE C   OXT  sing N N 146 
ILE CB  CG1  sing N N 147 
ILE CB  CG2  sing N N 148 
ILE CB  HB   sing N N 149 
ILE CG1 CD1  sing N N 150 
ILE CG1 HG12 sing N N 151 
ILE CG1 HG13 sing N N 152 
ILE CG2 HG21 sing N N 153 
ILE CG2 HG22 sing N N 154 
ILE CG2 HG23 sing N N 155 
ILE CD1 HD11 sing N N 156 
ILE CD1 HD12 sing N N 157 
ILE CD1 HD13 sing N N 158 
ILE OXT HXT  sing N N 159 
LEU N   CA   sing N N 160 
LEU N   H    sing N N 161 
LEU N   H2   sing N N 162 
LEU CA  C    sing N N 163 
LEU CA  CB   sing N N 164 
LEU CA  HA   sing N N 165 
LEU C   O    doub N N 166 
LEU C   OXT  sing N N 167 
LEU CB  CG   sing N N 168 
LEU CB  HB2  sing N N 169 
LEU CB  HB3  sing N N 170 
LEU CG  CD1  sing N N 171 
LEU CG  CD2  sing N N 172 
LEU CG  HG   sing N N 173 
LEU CD1 HD11 sing N N 174 
LEU CD1 HD12 sing N N 175 
LEU CD1 HD13 sing N N 176 
LEU CD2 HD21 sing N N 177 
LEU CD2 HD22 sing N N 178 
LEU CD2 HD23 sing N N 179 
LEU OXT HXT  sing N N 180 
LYS N   CA   sing N N 181 
LYS N   H    sing N N 182 
LYS N   H2   sing N N 183 
LYS CA  C    sing N N 184 
LYS CA  CB   sing N N 185 
LYS CA  HA   sing N N 186 
LYS C   O    doub N N 187 
LYS C   OXT  sing N N 188 
LYS CB  CG   sing N N 189 
LYS CB  HB2  sing N N 190 
LYS CB  HB3  sing N N 191 
LYS CG  CD   sing N N 192 
LYS CG  HG2  sing N N 193 
LYS CG  HG3  sing N N 194 
LYS CD  CE   sing N N 195 
LYS CD  HD2  sing N N 196 
LYS CD  HD3  sing N N 197 
LYS CE  NZ   sing N N 198 
LYS CE  HE2  sing N N 199 
LYS CE  HE3  sing N N 200 
LYS NZ  HZ1  sing N N 201 
LYS NZ  HZ2  sing N N 202 
LYS NZ  HZ3  sing N N 203 
LYS OXT HXT  sing N N 204 
MSE N   CA   sing N N 205 
MSE N   H    sing N N 206 
MSE N   H2   sing N N 207 
MSE CA  C    sing N N 208 
MSE CA  CB   sing N N 209 
MSE CA  HA   sing N N 210 
MSE C   O    doub N N 211 
MSE C   OXT  sing N N 212 
MSE OXT HXT  sing N N 213 
MSE CB  CG   sing N N 214 
MSE CB  HB2  sing N N 215 
MSE CB  HB3  sing N N 216 
MSE CG  SE   sing N N 217 
MSE CG  HG2  sing N N 218 
MSE CG  HG3  sing N N 219 
MSE SE  CE   sing N N 220 
MSE CE  HE1  sing N N 221 
MSE CE  HE2  sing N N 222 
MSE CE  HE3  sing N N 223 
SER N   CA   sing N N 224 
SER N   H    sing N N 225 
SER N   H2   sing N N 226 
SER CA  C    sing N N 227 
SER CA  CB   sing N N 228 
SER CA  HA   sing N N 229 
SER C   O    doub N N 230 
SER C   OXT  sing N N 231 
SER CB  OG   sing N N 232 
SER CB  HB2  sing N N 233 
SER CB  HB3  sing N N 234 
SER OG  HG   sing N N 235 
SER OXT HXT  sing N N 236 
THR N   CA   sing N N 237 
THR N   H    sing N N 238 
THR N   H2   sing N N 239 
THR CA  C    sing N N 240 
THR CA  CB   sing N N 241 
THR CA  HA   sing N N 242 
THR C   O    doub N N 243 
THR C   OXT  sing N N 244 
THR CB  OG1  sing N N 245 
THR CB  CG2  sing N N 246 
THR CB  HB   sing N N 247 
THR OG1 HG1  sing N N 248 
THR CG2 HG21 sing N N 249 
THR CG2 HG22 sing N N 250 
THR CG2 HG23 sing N N 251 
THR OXT HXT  sing N N 252 
TYR N   CA   sing N N 253 
TYR N   H    sing N N 254 
TYR N   H2   sing N N 255 
TYR CA  C    sing N N 256 
TYR CA  CB   sing N N 257 
TYR CA  HA   sing N N 258 
TYR C   O    doub N N 259 
TYR C   OXT  sing N N 260 
TYR CB  CG   sing N N 261 
TYR CB  HB2  sing N N 262 
TYR CB  HB3  sing N N 263 
TYR CG  CD1  doub Y N 264 
TYR CG  CD2  sing Y N 265 
TYR CD1 CE1  sing Y N 266 
TYR CD1 HD1  sing N N 267 
TYR CD2 CE2  doub Y N 268 
TYR CD2 HD2  sing N N 269 
TYR CE1 CZ   doub Y N 270 
TYR CE1 HE1  sing N N 271 
TYR CE2 CZ   sing Y N 272 
TYR CE2 HE2  sing N N 273 
TYR CZ  OH   sing N N 274 
TYR OH  HH   sing N N 275 
TYR OXT HXT  sing N N 276 
# 
_pdbx_audit_support.funding_organization   
'National Institutes of Health/National Institute Of Allergy and Infectious Diseases (NIH/NIAID)' 
_pdbx_audit_support.country                'United States' 
_pdbx_audit_support.grant_number           R21AI107443 
_pdbx_audit_support.ordinal                1 
# 
_space_group.name_H-M_alt     'P 4 21 2' 
_space_group.name_Hall        'P 4ab 2ab' 
_space_group.IT_number        90 
_space_group.crystal_system   tetragonal 
_space_group.id               1 
# 
_atom_sites.entry_id                    6D42 
_atom_sites.fract_transf_matrix[1][1]   -0.00682930 
_atom_sites.fract_transf_matrix[1][2]   -0.00250243 
_atom_sites.fract_transf_matrix[1][3]   -0.02558942 
_atom_sites.fract_transf_matrix[2][1]   0.02499357 
_atom_sites.fract_transf_matrix[2][2]   0.00556684 
_atom_sites.fract_transf_matrix[2][3]   -0.00721467 
_atom_sites.fract_transf_matrix[3][1]   0.00193931 
_atom_sites.fract_transf_matrix[3][2]   -0.00832291 
_atom_sites.fract_transf_matrix[3][3]   0.00029635 
_atom_sites.fract_transf_vector[1]      0.734162 
_atom_sites.fract_transf_vector[2]      0.260108 
_atom_sites.fract_transf_vector[3]      0.249085 
# 
loop_
_atom_type.symbol 
_atom_type.scat_dispersion_real 
_atom_type.scat_dispersion_imag 
_atom_type.scat_Cromer_Mann_a1 
_atom_type.scat_Cromer_Mann_a2 
_atom_type.scat_Cromer_Mann_b1 
_atom_type.scat_Cromer_Mann_b2 
_atom_type.scat_Cromer_Mann_c 
_atom_type.scat_source 
_atom_type.scat_dispersion_source 
C  ? ? 3.54356  2.42580 25.62398 1.50364  0.0 
;2-Gaussian fit: Grosse-Kunstleve RW, Sauter NK, Adams PD: Newsletter of the IUCr Commission on Crystallographic Computing 2004, 3, 22-31.
;
? 
CU ? ? 23.42449 5.47274 2.18335  24.96234 0.0 
;2-Gaussian fit: Grosse-Kunstleve RW, Sauter NK, Adams PD: Newsletter of the IUCr Commission on Crystallographic Computing 2004, 3, 22-31.
;
? 
N  ? ? 4.01032  2.96436 19.97189 1.75589  0.0 
;2-Gaussian fit: Grosse-Kunstleve RW, Sauter NK, Adams PD: Newsletter of the IUCr Commission on Crystallographic Computing 2004, 3, 22-31.
;
? 
O  ? ? 4.49882  3.47563 15.80542 1.70748  0.0 
;2-Gaussian fit: Grosse-Kunstleve RW, Sauter NK, Adams PD: Newsletter of the IUCr Commission on Crystallographic Computing 2004, 3, 22-31.
;
? 
SE ? ? 26.02326 7.89457 1.54240  29.12501 0.0 
;2-Gaussian fit: Grosse-Kunstleve RW, Sauter NK, Adams PD: Newsletter of the IUCr Commission on Crystallographic Computing 2004, 3, 22-31.
;
? 
# 
loop_
_atom_site.group_PDB 
_atom_site.id 
_atom_site.type_symbol 
_atom_site.label_atom_id 
_atom_site.label_alt_id 
_atom_site.label_comp_id 
_atom_site.label_asym_id 
_atom_site.label_entity_id 
_atom_site.label_seq_id 
_atom_site.pdbx_PDB_ins_code 
_atom_site.Cartn_x 
_atom_site.Cartn_y 
_atom_site.Cartn_z 
_atom_site.occupancy 
_atom_site.B_iso_or_equiv 
_atom_site.pdbx_formal_charge 
_atom_site.auth_seq_id 
_atom_site.auth_comp_id 
_atom_site.auth_asym_id 
_atom_site.auth_atom_id 
_atom_site.pdbx_PDB_model_num 
HETATM 1   N  N   . MSE A 1 3  ? -7.01914  41.11976  12.65454  1.000 86.59420  ? 376 MSE A N   1 
HETATM 2   C  CA  . MSE A 1 3  ? -7.54759  39.82838  12.22910  1.000 81.12174  ? 376 MSE A CA  1 
HETATM 3   C  C   . MSE A 1 3  ? -7.96799  39.87895  10.76477  1.000 70.48946  ? 376 MSE A C   1 
HETATM 4   O  O   . MSE A 1 3  ? -8.98338  40.48377  10.42384  1.000 74.51399  ? 376 MSE A O   1 
HETATM 5   C  CB  . MSE A 1 3  ? -8.73733  39.40825  13.10116  1.000 93.23174  ? 376 MSE A CB  1 
HETATM 6   C  CG  . MSE A 1 3  ? -8.39394  38.45726  14.25468  1.000 107.94497 ? 376 MSE A CG  1 
HETATM 7   SE SE  . MSE A 1 3  ? -8.20762  36.55994  13.76524  1.000 117.01231 ? 376 MSE A SE  1 
HETATM 8   C  CE  . MSE A 1 3  ? -9.70588  36.41193  12.52362  1.000 120.75098 ? 376 MSE A CE  1 
ATOM   9   N  N   . ILE A 1 4  ? -7.18936  39.24468  9.89494   1.000 60.49472  ? 377 ILE A N   1 
ATOM   10  C  CA  . ILE A 1 4  ? -7.48753  39.20814  8.47107   1.000 50.64452  ? 377 ILE A CA  1 
ATOM   11  C  C   . ILE A 1 4  ? -8.19691  37.90281  8.17090   1.000 51.31179  ? 377 ILE A C   1 
ATOM   12  O  O   . ILE A 1 4  ? -7.60381  36.81644  8.26302   1.000 46.54104  ? 377 ILE A O   1 
ATOM   13  C  CB  . ILE A 1 4  ? -6.22929  39.37912  7.61698   1.000 54.16433  ? 377 ILE A CB  1 
ATOM   14  C  CG1 . ILE A 1 4  ? -5.50256  40.66965  8.02902   1.000 50.92522  ? 377 ILE A CG1 1 
ATOM   15  C  CG2 . ILE A 1 4  ? -6.61430  39.47512  6.15096   1.000 54.59872  ? 377 ILE A CG2 1 
ATOM   16  C  CD1 . ILE A 1 4  ? -4.13454  40.77425  7.45541   1.000 62.60450  ? 377 ILE A CD1 1 
ATOM   17  N  N   . LEU A 1 5  ? -9.47164  38.02274  7.80263   1.000 43.75888  ? 378 LEU A N   1 
ATOM   18  C  CA  . LEU A 1 5  ? -10.26132 36.84537  7.46159   1.000 42.71389  ? 378 LEU A CA  1 
ATOM   19  C  C   . LEU A 1 5  ? -9.53159  35.94437  6.46689   1.000 46.39251  ? 378 LEU A C   1 
ATOM   20  O  O   . LEU A 1 5  ? -9.59966  34.70399  6.56648   1.000 44.80982  ? 378 LEU A O   1 
ATOM   21  C  CB  . LEU A 1 5  ? -11.61562 37.29821  6.91491   1.000 62.01126  ? 378 LEU A CB  1 
ATOM   22  C  CG  . LEU A 1 5  ? -12.69733 37.43438  7.98529   1.000 62.75936  ? 378 LEU A CG  1 
ATOM   23  C  CD1 . LEU A 1 5  ? -14.01167 37.80497  7.34402   1.000 65.41378  ? 378 LEU A CD1 1 
ATOM   24  C  CD2 . LEU A 1 5  ? -12.82131 36.12372  8.74053   1.000 57.44295  ? 378 LEU A CD2 1 
ATOM   25  N  N   . TYR A 1 6  ? -8.79364  36.53876  5.52427   1.000 45.61335  ? 379 TYR A N   1 
ATOM   26  C  CA  . TYR A 1 6  ? -8.06172  35.72840  4.55162   1.000 48.57662  ? 379 TYR A CA  1 
ATOM   27  C  C   . TYR A 1 6  ? -7.03262  34.83556  5.23384   1.000 46.11726  ? 379 TYR A C   1 
ATOM   28  O  O   . TYR A 1 6  ? -6.92034  33.63527  4.91586   1.000 47.23710  ? 379 TYR A O   1 
ATOM   29  C  CB  . TYR A 1 6  ? -7.37475  36.61936  3.52457   1.000 60.07585  ? 379 TYR A CB  1 
ATOM   30  C  CG  . TYR A 1 6  ? -6.41833  35.87977  2.60013   1.000 68.53317  ? 379 TYR A CG  1 
ATOM   31  C  CD1 . TYR A 1 6  ? -6.85638  35.36086  1.38648   1.000 73.46882  ? 379 TYR A CD1 1 
ATOM   32  C  CD2 . TYR A 1 6  ? -5.07916  35.71037  2.93903   1.000 63.04857  ? 379 TYR A CD2 1 
ATOM   33  C  CE1 . TYR A 1 6  ? -5.98953  34.70769  0.53345   1.000 75.36490  ? 379 TYR A CE1 1 
ATOM   34  C  CE2 . TYR A 1 6  ? -4.20605  35.05500  2.08952   1.000 69.51247  ? 379 TYR A CE2 1 
ATOM   35  C  CZ  . TYR A 1 6  ? -4.66899  34.55734  0.88809   1.000 77.28733  ? 379 TYR A CZ  1 
ATOM   36  O  OH  . TYR A 1 6  ? -3.81154  33.90419  0.03024   1.000 85.36611  ? 379 TYR A OH  1 
ATOM   37  N  N   . ASP A 1 7  ? -6.24545  35.40740  6.14877   1.000 43.17119  ? 380 ASP A N   1 
ATOM   38  C  CA  . ASP A 1 7  ? -5.30815  34.60230  6.93452   1.000 53.08533  ? 380 ASP A CA  1 
ATOM   39  C  C   . ASP A 1 7  ? -6.02114  33.47637  7.66930   1.000 42.14755  ? 380 ASP A C   1 
ATOM   40  O  O   . ASP A 1 7  ? -5.52361  32.33475  7.72276   1.000 39.01429  ? 380 ASP A O   1 
ATOM   41  C  CB  . ASP A 1 7  ? -4.57339  35.48763  7.93826   1.000 58.41454  ? 380 ASP A CB  1 
ATOM   42  C  CG  . ASP A 1 7  ? -3.61715  36.44963  7.28454   1.000 60.18597  ? 380 ASP A CG  1 
ATOM   43  O  OD1 . ASP A 1 7  ? -3.55251  36.48125  6.03566   1.000 57.87999  ? 380 ASP A OD1 1 
ATOM   44  O  OD2 . ASP A 1 7  ? -2.91465  37.15760  8.03694   1.000 69.86530  ? 380 ASP A OD2 1 
ATOM   45  N  N   . LEU A 1 8  ? -7.16918  33.79534  8.28260   1.000 37.44070  ? 381 LEU A N   1 
ATOM   46  C  CA  . LEU A 1 8  ? -7.97525  32.80105  8.97473   1.000 33.25830  ? 381 LEU A CA  1 
ATOM   47  C  C   . LEU A 1 8  ? -8.30215  31.65513  8.03371   1.000 33.72783  ? 381 LEU A C   1 
ATOM   48  O  O   . LEU A 1 8  ? -8.12258  30.48708  8.37626   1.000 29.17153  ? 381 LEU A O   1 
ATOM   49  C  CB  . LEU A 1 8  ? -9.26723  33.43148  9.51853   1.000 38.20543  ? 381 LEU A CB  1 
ATOM   50  C  CG  . LEU A 1 8  ? -10.25783 32.46259  10.18570  1.000 46.67376  ? 381 LEU A CG  1 
ATOM   51  C  CD1 . LEU A 1 8  ? -9.59120  31.72988  11.34492  1.000 43.88743  ? 381 LEU A CD1 1 
ATOM   52  C  CD2 . LEU A 1 8  ? -11.53439 33.19097  10.62728  1.000 51.18987  ? 381 LEU A CD2 1 
ATOM   53  N  N   . GLN A 1 9  ? -8.76117  31.97741  6.82679   1.000 33.45539  ? 382 GLN A N   1 
ATOM   54  C  CA  . GLN A 1 9  ? -9.00733  30.94128  5.82650   1.000 35.87934  ? 382 GLN A CA  1 
ATOM   55  C  C   . GLN A 1 9  ? -7.74591  30.13367  5.50948   1.000 33.54339  ? 382 GLN A C   1 
ATOM   56  O  O   . GLN A 1 9  ? -7.81704  28.90800  5.35524   1.000 32.87446  ? 382 GLN A O   1 
ATOM   57  C  CB  . GLN A 1 9  ? -9.56115  31.58162  4.55502   1.000 43.97831  ? 382 GLN A CB  1 
ATOM   58  C  CG  . GLN A 1 9  ? -9.46220  30.72625  3.30675   1.000 54.01763  ? 382 GLN A CG  1 
ATOM   59  C  CD  . GLN A 1 9  ? -10.13545 31.37310  2.11156   1.000 68.56998  ? 382 GLN A CD  1 
ATOM   60  O  OE1 . GLN A 1 9  ? -11.36353 31.47268  2.05306   1.000 73.31887  ? 382 GLN A OE1 1 
ATOM   61  N  NE2 . GLN A 1 9  ? -9.33154  31.83952  1.15797   1.000 72.35269  ? 382 GLN A NE2 1 
ATOM   62  N  N   . GLN A 1 10 ? -6.58856  30.79556  5.35327   1.000 36.85419  ? 383 GLN A N   1 
ATOM   63  C  CA  . GLN A 1 10 ? -5.36730  30.03043  5.02660   1.000 37.07492  ? 383 GLN A CA  1 
ATOM   64  C  C   . GLN A 1 10 ? -4.94076  29.11827  6.17573   1.000 33.64983  ? 383 GLN A C   1 
ATOM   65  O  O   . GLN A 1 10 ? -4.49719  27.96914  5.94312   1.000 33.40722  ? 383 GLN A O   1 
ATOM   66  C  CB  . GLN A 1 10 ? -4.21699  30.97250  4.65870   1.000 50.20759  ? 383 GLN A CB  1 
ATOM   67  C  CG  . GLN A 1 10 ? -4.49289  31.93494  3.51748   1.000 65.17603  ? 383 GLN A CG  1 
ATOM   68  C  CD  . GLN A 1 10 ? -5.37061  31.34767  2.42391   1.000 74.73149  ? 383 GLN A CD  1 
ATOM   69  O  OE1 . GLN A 1 10 ? -6.47375  31.84775  2.16548   1.000 80.83853  ? 383 GLN A OE1 1 
ATOM   70  N  NE2 . GLN A 1 10 ? -4.88307  30.29935  1.76277   1.000 71.69764  ? 383 GLN A NE2 1 
ATOM   71  N  N   . ASN A 1 11 ? -5.07542  29.59945  7.41399   1.000 31.93379  ? 384 ASN A N   1 
ATOM   72  C  CA  . ASN A 1 11 ? -4.80215  28.78935  8.59522   1.000 36.86080  ? 384 ASN A CA  1 
ATOM   73  C  C   . ASN A 1 11 ? -5.70902  27.56415  8.66294   1.000 39.12212  ? 384 ASN A C   1 
ATOM   74  O  O   . ASN A 1 11 ? -5.23640  26.45537  8.93878   1.000 32.29560  ? 384 ASN A O   1 
ATOM   75  C  CB  . ASN A 1 11 ? -4.95484  29.63421  9.84772   1.000 34.99068  ? 384 ASN A CB  1 
ATOM   76  C  CG  . ASN A 1 11 ? -3.75822  30.51894  10.08278  1.000 54.79166  ? 384 ASN A CG  1 
ATOM   77  O  OD1 . ASN A 1 11 ? -2.89795  30.65808  9.21002   1.000 60.37033  ? 384 ASN A OD1 1 
ATOM   78  N  ND2 . ASN A 1 11 ? -3.70789  31.14947  11.25054  1.000 57.88512  ? 384 ASN A ND2 1 
ATOM   79  N  N   . LEU A 1 12 ? -7.01406  27.75111  8.44642   1.000 29.49344  ? 385 LEU A N   1 
ATOM   80  C  CA  . LEU A 1 12 ? -7.95909  26.62250  8.46621   1.000 26.21982  ? 385 LEU A CA  1 
ATOM   81  C  C   . LEU A 1 12 ? -7.61650  25.59560  7.38293   1.000 25.98295  ? 385 LEU A C   1 
ATOM   82  O  O   . LEU A 1 12 ? -7.61605  24.36424  7.63066   1.000 25.20335  ? 385 LEU A O   1 
ATOM   83  C  CB  . LEU A 1 12 ? -9.38870  27.16240  8.28772   1.000 26.82798  ? 385 LEU A CB  1 
ATOM   84  C  CG  . LEU A 1 12 ? -9.89604  27.99633  9.47620   1.000 30.96478  ? 385 LEU A CG  1 
ATOM   85  C  CD1 . LEU A 1 12 ? -11.25178 28.69848  9.21087   1.000 27.21681  ? 385 LEU A CD1 1 
ATOM   86  C  CD2 . LEU A 1 12 ? -10.00814 27.03490  10.67060  1.000 31.07864  ? 385 LEU A CD2 1 
ATOM   87  N  N   . SER A 1 13 ? -7.34512  26.07442  6.16530   1.000 29.68050  ? 386 SER A N   1 
ATOM   88  C  CA  . SER A 1 13 ? -6.97586  25.16753  5.06967   1.000 29.74505  ? 386 SER A CA  1 
ATOM   89  C  C   . SER A 1 13 ? -5.70115  24.39430  5.40063   1.000 36.23189  ? 386 SER A C   1 
ATOM   90  O  O   . SER A 1 13 ? -5.58868  23.18239  5.10902   1.000 30.81842  ? 386 SER A O   1 
ATOM   91  C  CB  . SER A 1 13 ? -6.81053  25.96123  3.78310   1.000 44.47824  ? 386 SER A CB  1 
ATOM   92  O  OG  . SER A 1 13 ? -6.20742  25.15473  2.78935   1.000 54.39520  ? 386 SER A OG  1 
ATOM   93  N  N   . SER A 1 14 ? -4.73459  25.07116  6.02625   1.000 30.54298  ? 387 SER A N   1 
ATOM   94  C  CA  . SER A 1 14 ? -3.50771  24.39862  6.45618   1.000 39.37375  ? 387 SER A CA  1 
ATOM   95  C  C   . SER A 1 14 ? -3.78111  23.33622  7.51836   1.000 31.48691  ? 387 SER A C   1 
ATOM   96  O  O   . SER A 1 14 ? -3.24055  22.22399  7.44518   1.000 32.55239  ? 387 SER A O   1 
ATOM   97  C  CB  . SER A 1 14 ? -2.49907  25.42933  6.97711   1.000 44.39633  ? 387 SER A CB  1 
ATOM   98  O  OG  . SER A 1 14 ? -1.25149  24.76781  7.17160   1.000 55.54285  ? 387 SER A OG  1 
ATOM   99  N  N   . SER A 1 15 ? -4.62862  23.65061  8.50440   1.000 23.78812  ? 388 SER A N   1 
ATOM   100 C  CA  . SER A 1 15 ? -5.06133  22.65250  9.47882   1.000 28.72229  ? 388 SER A CA  1 
ATOM   101 C  C   . SER A 1 15 ? -5.76231  21.46456  8.80155   1.000 28.36402  ? 388 SER A C   1 
ATOM   102 O  O   . SER A 1 15 ? -5.44020  20.30047  9.08841   1.000 27.38273  ? 388 SER A O   1 
ATOM   103 C  CB  . SER A 1 15 ? -5.94536  23.31560  10.54382  1.000 31.40874  ? 388 SER A CB  1 
ATOM   104 O  OG  . SER A 1 15 ? -5.12566  24.18264  11.31991  1.000 33.80322  ? 388 SER A OG  1 
ATOM   105 N  N   . HIS A 1 16 ? -6.68854  21.72159  7.86703   1.000 25.33700  ? 389 HIS A N   1 
ATOM   106 C  CA  . HIS A 1 16 ? -7.33889  20.59282  7.19405   1.000 29.54243  ? 389 HIS A CA  1 
ATOM   107 C  C   . HIS A 1 16 ? -6.34332  19.76082  6.38152   1.000 31.22610  ? 389 HIS A C   1 
ATOM   108 O  O   . HIS A 1 16 ? -6.43642  18.51455  6.35927   1.000 31.27002  ? 389 HIS A O   1 
ATOM   109 C  CB  . HIS A 1 16 ? -8.49135  21.07578  6.32569   1.000 29.08408  ? 389 HIS A CB  1 
ATOM   110 C  CG  . HIS A 1 16 ? -9.60650  21.67423  7.12269   1.000 38.18254  ? 389 HIS A CG  1 
ATOM   111 N  ND1 . HIS A 1 16 ? -10.26236 22.82000  6.72452   1.000 31.32807  ? 389 HIS A ND1 1 
ATOM   112 C  CD2 . HIS A 1 16 ? -10.16188 21.31654  8.30862   1.000 29.86252  ? 389 HIS A CD2 1 
ATOM   113 C  CE1 . HIS A 1 16 ? -11.16548 23.14682  7.63080   1.000 33.41338  ? 389 HIS A CE1 1 
ATOM   114 N  NE2 . HIS A 1 16 ? -11.11533 22.26922  8.61511   1.000 35.17987  ? 389 HIS A NE2 1 
ATOM   115 N  N   . ARG A 1 17 ? -5.38797  20.41283  5.70739   1.000 30.54207  ? 390 ARG A N   1 
ATOM   116 C  CA  . ARG A 1 17 ? -4.34243  19.67656  4.98793   1.000 31.92411  ? 390 ARG A CA  1 
ATOM   117 C  C   . ARG A 1 17 ? -3.56268  18.77613  5.92853   1.000 32.04952  ? 390 ARG A C   1 
ATOM   118 O  O   . ARG A 1 17 ? -3.19611  17.66073  5.55721   1.000 29.32746  ? 390 ARG A O   1 
ATOM   119 C  CB  . ARG A 1 17 ? -3.37987  20.63146  4.29563   1.000 36.66223  ? 390 ARG A CB  1 
ATOM   120 C  CG  . ARG A 1 17 ? -2.35979  19.92041  3.38398   1.000 34.05998  ? 390 ARG A CG  1 
ATOM   121 C  CD  . ARG A 1 17 ? -1.75959  20.85143  2.38264   1.000 47.19142  ? 390 ARG A CD  1 
ATOM   122 N  NE  . ARG A 1 17 ? -0.58036  20.27560  1.75122   1.000 56.10198  ? 390 ARG A NE  1 
ATOM   123 C  CZ  . ARG A 1 17 ? -0.62601  19.51043  0.66677   1.000 62.24411  ? 390 ARG A CZ  1 
ATOM   124 N  NH1 . ARG A 1 17 ? -1.79739  19.25383  0.09824   1.000 58.33768  ? 390 ARG A NH1 1 
ATOM   125 N  NH2 . ARG A 1 17 ? 0.49405   19.00556  0.15079   1.000 64.61328  ? 390 ARG A NH2 1 
ATOM   126 N  N   . ALA A 1 18 ? -3.26505  19.25601  7.13738   1.000 27.75443  ? 391 ALA A N   1 
ATOM   127 C  CA  . ALA A 1 18 ? -2.50625  18.43087  8.08407   1.000 30.17534  ? 391 ALA A CA  1 
ATOM   128 C  C   . ALA A 1 18 ? -3.30626  17.19947  8.49109   1.000 24.59800  ? 391 ALA A C   1 
ATOM   129 O  O   . ALA A 1 18 ? -2.76552  16.07383  8.53293   1.000 28.37101  ? 391 ALA A O   1 
ATOM   130 C  CB  . ALA A 1 18 ? -2.12942  19.27614  9.30501   1.000 33.54754  ? 391 ALA A CB  1 
ATOM   131 N  N   . LEU A 1 19 ? -4.60080  17.37895  8.76506   1.000 26.11679  ? 392 LEU A N   1 
ATOM   132 C  CA  . LEU A 1 19 ? -5.47138  16.24134  9.09187   1.000 24.39177  ? 392 LEU A CA  1 
ATOM   133 C  C   . LEU A 1 19 ? -5.50615  15.21959  7.95592   1.000 25.91497  ? 392 LEU A C   1 
ATOM   134 O  O   . LEU A 1 19 ? -5.40470  14.00404  8.18419   1.000 26.63311  ? 392 LEU A O   1 
ATOM   135 C  CB  . LEU A 1 19 ? -6.87157  16.74341  9.39353   1.000 24.21231  ? 392 LEU A CB  1 
ATOM   136 C  CG  . LEU A 1 19 ? -6.99269  17.48660  10.72051  1.000 31.00453  ? 392 LEU A CG  1 
ATOM   137 C  CD1 . LEU A 1 19 ? -8.23496  18.35378  10.69868  1.000 31.35643  ? 392 LEU A CD1 1 
ATOM   138 C  CD2 . LEU A 1 19 ? -7.09003  16.47490  11.82409  1.000 36.44096  ? 392 LEU A CD2 1 
ATOM   139 N  N   . GLU A 1 20 ? -5.67012  15.69990  6.72809   1.000 25.53697  ? 393 GLU A N   1 
ATOM   140 C  CA  . GLU A 1 20 ? -5.66856  14.84242  5.55348   1.000 29.29053  ? 393 GLU A CA  1 
ATOM   141 C  C   . GLU A 1 20 ? -4.41476  13.98664  5.50061   1.000 31.34877  ? 393 GLU A C   1 
ATOM   142 O  O   . GLU A 1 20 ? -4.49153  12.76800  5.29889   1.000 28.96022  ? 393 GLU A O   1 
ATOM   143 C  CB  . GLU A 1 20 ? -5.74402  15.71045  4.29675   1.000 41.75092  ? 393 GLU A CB  1 
ATOM   144 C  CG  . GLU A 1 20 ? -7.12910  16.07858  3.85248   1.000 48.80364  ? 393 GLU A CG  1 
ATOM   145 C  CD  . GLU A 1 20 ? -7.14853  16.60231  2.42682   1.000 65.23883  ? 393 GLU A CD  1 
ATOM   146 O  OE1 . GLU A 1 20 ? -6.12857  16.44194  1.70987   1.000 71.74243  ? 393 GLU A OE1 1 
ATOM   147 O  OE2 . GLU A 1 20 ? -8.19037  17.15826  2.02554   1.000 61.98620  ? 393 GLU A OE2 1 
ATOM   148 N  N   . LYS A 1 21 ? -3.24522  14.61279  5.66037   1.000 30.61833  ? 394 LYS A N   1 
ATOM   149 C  CA  . LYS A 1 21 ? -1.98879  13.85792  5.59032   1.000 27.57636  ? 394 LYS A CA  1 
ATOM   150 C  C   . LYS A 1 21 ? -1.91056  12.81241  6.69549   1.000 28.75750  ? 394 LYS A C   1 
ATOM   151 O  O   . LYS A 1 21 ? -1.45448  11.67741  6.45513   1.000 27.40738  ? 394 LYS A O   1 
ATOM   152 C  CB  . LYS A 1 21 ? -0.79478  14.80941  5.65944   1.000 39.50649  ? 394 LYS A CB  1 
ATOM   153 N  N   . GLN A 1 22 ? -2.36314  13.16893  7.90213   1.000 29.23828  ? 395 GLN A N   1 
ATOM   154 C  CA  . GLN A 1 22 ? -2.42322  12.22160  9.02932   1.000 37.39356  ? 395 GLN A CA  1 
ATOM   155 C  C   . GLN A 1 22 ? -3.27945  10.99756  8.71893   1.000 31.93498  ? 395 GLN A C   1 
ATOM   156 O  O   . GLN A 1 22 ? -2.88138  9.85317   9.00239   1.000 35.77683  ? 395 GLN A O   1 
ATOM   157 C  CB  . GLN A 1 22 ? -2.97661  12.95087  10.25024  1.000 42.64332  ? 395 GLN A CB  1 
ATOM   158 C  CG  . GLN A 1 22 ? -2.81922  12.24731  11.56563  1.000 48.10420  ? 395 GLN A CG  1 
ATOM   159 C  CD  . GLN A 1 22 ? -3.18239  13.15377  12.72360  1.000 47.47007  ? 395 GLN A CD  1 
ATOM   160 O  OE1 . GLN A 1 22 ? -3.73254  14.23704  12.52117  1.000 45.53594  ? 395 GLN A OE1 1 
ATOM   161 N  NE2 . GLN A 1 22 ? -2.88345  12.71655  13.94217  1.000 44.54407  ? 395 GLN A NE2 1 
ATOM   162 N  N   . ILE A 1 23 ? -4.48560  11.21593  8.20157   1.000 28.64434  ? 396 ILE A N   1 
ATOM   163 C  CA  . ILE A 1 23 ? -5.34318  10.10759  7.80991   1.000 30.04961  ? 396 ILE A CA  1 
ATOM   164 C  C   . ILE A 1 23 ? -4.67528  9.30182   6.70658   1.000 34.77432  ? 396 ILE A C   1 
ATOM   165 O  O   . ILE A 1 23 ? -4.69617  8.05123   6.71670   1.000 30.89249  ? 396 ILE A O   1 
ATOM   166 C  CB  . ILE A 1 23 ? -6.72954  10.62451  7.38226   1.000 30.48708  ? 396 ILE A CB  1 
ATOM   167 C  CG1 . ILE A 1 23 ? -7.42430  11.29620  8.58172   1.000 34.13143  ? 396 ILE A CG1 1 
ATOM   168 C  CG2 . ILE A 1 23 ? -7.55287  9.47852   6.80020   1.000 30.92912  ? 396 ILE A CG2 1 
ATOM   169 C  CD1 . ILE A 1 23 ? -8.54957  12.30011  8.23008   1.000 25.36787  ? 396 ILE A CD1 1 
ATOM   170 N  N   . ASP A 1 24 ? -4.02487  9.98934   5.75937   1.000 30.62610  ? 397 ASP A N   1 
ATOM   171 C  CA  . ASP A 1 24 ? -3.30945  9.25460   4.71009   1.000 40.70607  ? 397 ASP A CA  1 
ATOM   172 C  C   . ASP A 1 24 ? -2.24855  8.32004   5.29631   1.000 35.62074  ? 397 ASP A C   1 
ATOM   173 O  O   . ASP A 1 24 ? -2.08556  7.17582   4.83471   1.000 32.39796  ? 397 ASP A O   1 
ATOM   174 C  CB  . ASP A 1 24 ? -2.68087  10.23206  3.71901   1.000 52.12458  ? 397 ASP A CB  1 
ATOM   175 C  CG  . ASP A 1 24 ? -1.56780  9.60232   2.90512   1.000 84.17263  ? 397 ASP A CG  1 
ATOM   176 O  OD1 . ASP A 1 24 ? -0.40073  10.03597  3.04378   1.000 94.53840  ? 397 ASP A OD1 1 
ATOM   177 O  OD2 . ASP A 1 24 ? -1.86348  8.67852   2.11560   1.000 97.70772  ? 397 ASP A OD2 1 
ATOM   178 N  N   . THR A 1 25 ? -1.48600  8.78553   6.28777   1.000 33.14219  ? 398 THR A N   1 
ATOM   179 C  CA  . THR A 1 25 ? -0.47593  7.89878   6.87678   1.000 41.08438  ? 398 THR A CA  1 
ATOM   180 C  C   . THR A 1 25 ? -1.11950  6.72708   7.61333   1.000 40.03834  ? 398 THR A C   1 
ATOM   181 O  O   . THR A 1 25 ? -0.57859  5.60429   7.60862   1.000 36.06600  ? 398 THR A O   1 
ATOM   182 C  CB  . THR A 1 25 ? 0.43791   8.68451   7.81742   1.000 51.00349  ? 398 THR A CB  1 
ATOM   183 O  OG1 . THR A 1 25 ? -0.30855  9.14375   8.95016   1.000 65.40920  ? 398 THR A OG1 1 
ATOM   184 C  CG2 . THR A 1 25 ? 1.02789   9.87678   7.10641   1.000 45.70714  ? 398 THR A CG2 1 
ATOM   185 N  N   . LEU A 1 26 ? -2.26105  6.96359   8.25918   1.000 35.89003  ? 399 LEU A N   1 
ATOM   186 C  CA  . LEU A 1 26 ? -3.04177  5.86150   8.83068   1.000 36.92244  ? 399 LEU A CA  1 
ATOM   187 C  C   . LEU A 1 26 ? -3.46707  4.86368   7.75823   1.000 32.41837  ? 399 LEU A C   1 
ATOM   188 O  O   . LEU A 1 26 ? -3.38792  3.63214   7.96068   1.000 33.90500  ? 399 LEU A O   1 
ATOM   189 C  CB  . LEU A 1 26 ? -4.25866  6.43790   9.55212   1.000 38.27456  ? 399 LEU A CB  1 
ATOM   190 C  CG  . LEU A 1 26 ? -5.08738  5.60403   10.51294  1.000 46.85171  ? 399 LEU A CG  1 
ATOM   191 C  CD1 . LEU A 1 26 ? -4.19280  4.79452   11.44726  1.000 56.99901  ? 399 LEU A CD1 1 
ATOM   192 C  CD2 . LEU A 1 26 ? -5.98539  6.54895   11.28773  1.000 51.09825  ? 399 LEU A CD2 1 
ATOM   193 N  N   . ALA A 1 27 ? -3.92950  5.36408   6.60260   1.000 25.11289  ? 400 ALA A N   1 
ATOM   194 C  CA  . ALA A 1 27 ? -4.23029  4.46336   5.48610   1.000 36.48817  ? 400 ALA A CA  1 
ATOM   195 C  C   . ALA A 1 27 ? -3.02356  3.60345   5.11211   1.000 35.56861  ? 400 ALA A C   1 
ATOM   196 O  O   . ALA A 1 27 ? -3.15453  2.38519   4.87850   1.000 37.27491  ? 400 ALA A O   1 
ATOM   197 C  CB  . ALA A 1 27 ? -4.70382  5.27291   4.27999   1.000 38.14999  ? 400 ALA A CB  1 
ATOM   198 N  N   . GLY A 1 28 ? -1.83576  4.20769   5.03934   1.000 34.91804  ? 401 GLY A N   1 
ATOM   199 C  CA  . GLY A 1 28 ? -0.64879  3.43117   4.69165   1.000 37.56966  ? 401 GLY A CA  1 
ATOM   200 C  C   . GLY A 1 28 ? -0.31610  2.36576   5.72219   1.000 37.69854  ? 401 GLY A C   1 
ATOM   201 O  O   . GLY A 1 28 ? 0.11665   1.25777   5.36950   1.000 45.48188  ? 401 GLY A O   1 
ATOM   202 N  N   . LYS A 1 29 ? -0.51915  2.67590   7.00600   1.000 40.49406  ? 402 LYS A N   1 
ATOM   203 C  CA  . LYS A 1 29 ? -0.30781  1.67008   8.04651   1.000 45.46753  ? 402 LYS A CA  1 
ATOM   204 C  C   . LYS A 1 29 ? -1.24464  0.47488   7.86390   1.000 43.95788  ? 402 LYS A C   1 
ATOM   205 O  O   . LYS A 1 29 ? -0.85660  -0.67625  8.10545   1.000 43.13690  ? 402 LYS A O   1 
ATOM   206 C  CB  . LYS A 1 29 ? -0.49089  2.30207   9.42325   1.000 42.37699  ? 402 LYS A CB  1 
ATOM   207 C  CG  . LYS A 1 29 ? 0.60054   3.31729   9.75711   1.000 49.58386  ? 402 LYS A CG  1 
ATOM   208 C  CD  . LYS A 1 29 ? 0.52773   3.82835   11.19114  1.000 44.58807  ? 402 LYS A CD  1 
ATOM   209 C  CE  . LYS A 1 29 ? 1.74444   4.68808   11.48587  1.000 50.88862  ? 402 LYS A CE  1 
ATOM   210 N  NZ  . LYS A 1 29 ? 2.16879   4.57582   12.90868  1.000 57.21750  ? 402 LYS A NZ  1 
ATOM   211 N  N   . LEU A 1 30 ? -2.48414  0.72845   7.45701   1.000 42.22191  ? 403 LEU A N   1 
ATOM   212 C  CA  . LEU A 1 30 ? -3.42096  -0.36324  7.20770   1.000 34.40716  ? 403 LEU A CA  1 
ATOM   213 C  C   . LEU A 1 30 ? -3.03753  -1.15480  5.97261   1.000 39.65457  ? 403 LEU A C   1 
ATOM   214 O  O   . LEU A 1 30 ? -3.17885  -2.39053  5.95336   1.000 37.46934  ? 403 LEU A O   1 
ATOM   215 C  CB  . LEU A 1 30 ? -4.83585  0.18238   7.03882   1.000 40.53652  ? 403 LEU A CB  1 
ATOM   216 C  CG  . LEU A 1 30 ? -5.89301  -0.22520  8.05624   1.000 48.73416  ? 403 LEU A CG  1 
ATOM   217 C  CD1 . LEU A 1 30 ? -7.28505  0.07646   7.48535   1.000 46.98675  ? 403 LEU A CD1 1 
ATOM   218 C  CD2 . LEU A 1 30 ? -5.76677  -1.71260  8.41489   1.000 47.21509  ? 403 LEU A CD2 1 
ATOM   219 N  N   . ASP A 1 31 ? -2.59265  -0.47156  4.91063   1.000 36.68943  ? 404 ASP A N   1 
ATOM   220 C  CA  . ASP A 1 31 ? -2.06328  -1.21036  3.76679   1.000 36.75609  ? 404 ASP A CA  1 
ATOM   221 C  C   . ASP A 1 31 ? -0.90507  -2.09415  4.19943   1.000 45.92201  ? 404 ASP A C   1 
ATOM   222 O  O   . ASP A 1 31 ? -0.84450  -3.27359  3.83208   1.000 48.59915  ? 404 ASP A O   1 
ATOM   223 C  CB  . ASP A 1 31 ? -1.61827  -0.26719  2.64743   1.000 47.49283  ? 404 ASP A CB  1 
ATOM   224 C  CG  . ASP A 1 31 ? -2.75656  0.59932   2.09762   1.000 50.36721  ? 404 ASP A CG  1 
ATOM   225 O  OD1 . ASP A 1 31 ? -3.93940  0.20822   2.20205   1.000 49.42105  ? 404 ASP A OD1 1 
ATOM   226 O  OD2 . ASP A 1 31 ? -2.45786  1.66115   1.50294   1.000 50.33479  ? 404 ASP A OD2 1 
ATOM   227 N  N   . ALA A 1 32 ? 0.00189   -1.54930  5.01478   1.000 46.54778  ? 405 ALA A N   1 
ATOM   228 C  CA  . ALA A 1 32 ? 1.11252   -2.32600  5.56067   1.000 51.31446  ? 405 ALA A CA  1 
ATOM   229 C  C   . ALA A 1 32 ? 0.62913   -3.57374  6.29013   1.000 45.51729  ? 405 ALA A C   1 
ATOM   230 O  O   . ALA A 1 32 ? 1.12040   -4.69038  6.04301   1.000 54.02944  ? 405 ALA A O   1 
ATOM   231 C  CB  . ALA A 1 32 ? 1.92771   -1.44730  6.50450   1.000 55.90272  ? 405 ALA A CB  1 
ATOM   232 N  N   . LEU A 1 33 ? -0.32078  -3.40728  7.21741   1.000 40.42029  ? 406 LEU A N   1 
ATOM   233 C  CA  . LEU A 1 33 ? -0.85310  -4.57309  7.92456   1.000 43.19981  ? 406 LEU A CA  1 
ATOM   234 C  C   . LEU A 1 33 ? -1.43119  -5.58208  6.94832   1.000 46.88825  ? 406 LEU A C   1 
ATOM   235 O  O   . LEU A 1 33 ? -1.14207  -6.77891  7.03287   1.000 46.21928  ? 406 LEU A O   1 
ATOM   236 C  CB  . LEU A 1 33 ? -1.90603  -4.16015  8.94493   1.000 48.76460  ? 406 LEU A CB  1 
ATOM   237 C  CG  . LEU A 1 33 ? -2.54577  -5.30296  9.71319   1.000 54.69626  ? 406 LEU A CG  1 
ATOM   238 C  CD1 . LEU A 1 33 ? -1.47527  -6.26346  10.27136  1.000 61.68889  ? 406 LEU A CD1 1 
ATOM   239 C  CD2 . LEU A 1 33 ? -3.42010  -4.75112  10.81310  1.000 59.33918  ? 406 LEU A CD2 1 
ATOM   240 N  N   . THR A 1 34 ? -2.22709  -5.11173  5.99365   1.000 47.37962  ? 407 THR A N   1 
ATOM   241 C  CA  . THR A 1 34 ? -2.87659  -6.02953  5.06409   1.000 43.35022  ? 407 THR A CA  1 
ATOM   242 C  C   . THR A 1 34 ? -1.86228  -6.82875  4.24061   1.000 48.24278  ? 407 THR A C   1 
ATOM   243 O  O   . THR A 1 34 ? -2.10300  -8.00618  3.91795   1.000 45.85706  ? 407 THR A O   1 
ATOM   244 C  CB  . THR A 1 34 ? -3.82224  -5.23147  4.17607   1.000 37.28880  ? 407 THR A CB  1 
ATOM   245 O  OG1 . THR A 1 34 ? -4.77917  -4.56502  5.01149   1.000 31.44984  ? 407 THR A OG1 1 
ATOM   246 C  CG2 . THR A 1 34 ? -4.56594  -6.15287  3.22791   1.000 46.92975  ? 407 THR A CG2 1 
ATOM   247 N  N   . GLU A 1 35 ? -0.71420  -6.23102  3.91202   1.000 54.83881  ? 408 GLU A N   1 
ATOM   248 C  CA  . GLU A 1 35 ? 0.34614   -6.98939  3.24785   1.000 63.39133  ? 408 GLU A CA  1 
ATOM   249 C  C   . GLU A 1 35 ? 0.92291   -8.05080  4.17690   1.000 64.75162  ? 408 GLU A C   1 
ATOM   250 O  O   . GLU A 1 35 ? 1.09341   -9.21524  3.78430   1.000 75.95270  ? 408 GLU A O   1 
ATOM   251 C  CB  . GLU A 1 35 ? 1.44950   -6.04312  2.76883   1.000 75.56702  ? 408 GLU A CB  1 
ATOM   252 C  CG  . GLU A 1 35 ? 1.31645   -5.59113  1.32125   1.000 88.50492  ? 408 GLU A CG  1 
ATOM   253 C  CD  . GLU A 1 35 ? 0.69395   -6.64897  0.42997   1.000 98.95150  ? 408 GLU A CD  1 
ATOM   254 O  OE1 . GLU A 1 35 ? -0.50369  -6.51816  0.09908   1.000 97.60576  ? 408 GLU A OE1 1 
ATOM   255 O  OE2 . GLU A 1 35 ? 1.39907   -7.61151  0.05942   1.000 105.76512 ? 408 GLU A OE2 1 
ATOM   256 N  N   . LEU A 1 36 ? 1.26191   -7.65185  5.40771   1.000 58.57352  ? 409 LEU A N   1 
ATOM   257 C  CA  . LEU A 1 36 ? 1.72854   -8.59156  6.42119   1.000 69.03322  ? 409 LEU A CA  1 
ATOM   258 C  C   . LEU A 1 36 ? 0.86092   -9.84259  6.46632   1.000 66.88583  ? 409 LEU A C   1 
ATOM   259 O  O   . LEU A 1 36 ? 1.36095   -10.96863 6.37829   1.000 74.56438  ? 409 LEU A O   1 
ATOM   260 C  CB  . LEU A 1 36 ? 1.73573   -7.91293  7.79108   1.000 59.37502  ? 409 LEU A CB  1 
ATOM   261 C  CG  . LEU A 1 36 ? 2.46003   -8.79102  8.80943   1.000 67.95851  ? 409 LEU A CG  1 
ATOM   262 C  CD1 . LEU A 1 36 ? 3.89348   -9.04957  8.34307   1.000 77.89636  ? 409 LEU A CD1 1 
ATOM   263 C  CD2 . LEU A 1 36 ? 2.42439   -8.20670  10.21558  1.000 56.71014  ? 409 LEU A CD2 1 
ATOM   264 N  N   . LEU A 1 37 ? -0.45076  -9.65760  6.60945   1.000 57.75393  ? 410 LEU A N   1 
ATOM   265 C  CA  . LEU A 1 37 ? -1.35805  -10.80171 6.66232   1.000 46.92825  ? 410 LEU A CA  1 
ATOM   266 C  C   . LEU A 1 37 ? -1.46785  -11.49188 5.30810   1.000 49.51976  ? 410 LEU A C   1 
ATOM   267 O  O   . LEU A 1 37 ? -1.54446  -12.73046 5.23765   1.000 51.03878  ? 410 LEU A O   1 
ATOM   268 C  CB  . LEU A 1 37 ? -2.73109  -10.32667 7.15276   1.000 44.42881  ? 410 LEU A CB  1 
ATOM   269 C  CG  . LEU A 1 37 ? -2.68511  -9.80087  8.59517   1.000 47.49477  ? 410 LEU A CG  1 
ATOM   270 C  CD1 . LEU A 1 37 ? -3.91364  -8.97258  8.96250   1.000 44.93798  ? 410 LEU A CD1 1 
ATOM   271 C  CD2 . LEU A 1 37 ? -2.52108  -10.97700 9.56205   1.000 62.12076  ? 410 LEU A CD2 1 
ATOM   272 N  N   . SER A 1 38 ? -1.46606  -10.72497 4.21270   1.000 52.10691  ? 411 SER A N   1 
ATOM   273 C  CA  . SER A 1 38 ? -1.73544  -11.34686 2.91675   1.000 62.39983  ? 411 SER A CA  1 
ATOM   274 C  C   . SER A 1 38 ? -0.62800  -12.31203 2.49945   1.000 67.32531  ? 411 SER A C   1 
ATOM   275 O  O   . SER A 1 38 ? -0.90009  -13.30494 1.81629   1.000 69.05102  ? 411 SER A O   1 
ATOM   276 C  CB  . SER A 1 38 ? -1.95556  -10.28251 1.84363   1.000 64.76416  ? 411 SER A CB  1 
ATOM   277 O  OG  . SER A 1 38 ? -3.23417  -9.68073  1.98973   1.000 67.07602  ? 411 SER A OG  1 
ATOM   278 N  N   . THR A 1 39 ? 0.61408   -12.05866 2.90113   1.000 68.76046  ? 412 THR A N   1 
ATOM   279 C  CA  . THR A 1 39 ? 1.68838   -12.98370 2.56054   1.000 76.07058  ? 412 THR A CA  1 
ATOM   280 C  C   . THR A 1 39 ? 1.82196   -14.11062 3.57400   1.000 76.72732  ? 412 THR A C   1 
ATOM   281 O  O   . THR A 1 39 ? 2.15337   -15.24219 3.19874   1.000 90.84158  ? 412 THR A O   1 
ATOM   282 C  CB  . THR A 1 39 ? 3.02310   -12.23767 2.44346   1.000 77.29629  ? 412 THR A CB  1 
ATOM   283 O  OG1 . THR A 1 39 ? 2.88764   -11.14672 1.52489   1.000 83.45845  ? 412 THR A OG1 1 
ATOM   284 C  CG2 . THR A 1 39 ? 4.12518   -13.16930 1.93545   1.000 79.27852  ? 412 THR A CG2 1 
ATOM   285 N  N   . ALA A 1 40 ? 1.55698   -13.82516 4.84685   1.000 67.81967  ? 413 ALA A N   1 
ATOM   286 C  CA  . ALA A 1 40 ? 1.67448   -14.84066 5.87679   1.000 69.56450  ? 413 ALA A CA  1 
ATOM   287 C  C   . ALA A 1 40 ? 0.50054   -15.81724 5.85256   1.000 67.96721  ? 413 ALA A C   1 
ATOM   288 O  O   . ALA A 1 40 ? 0.66472   -16.97298 6.25123   1.000 72.14169  ? 413 ALA A O   1 
ATOM   289 C  CB  . ALA A 1 40 ? 1.81102   -14.17758 7.25388   1.000 63.81069  ? 413 ALA A CB  1 
ATOM   290 N  N   . LEU A 1 41 ? -0.66720  -15.39134 5.36079   1.000 58.99290  ? 414 LEU A N   1 
ATOM   291 C  CA  . LEU A 1 41 ? -1.89835  -16.17524 5.52821   1.000 63.21930  ? 414 LEU A CA  1 
ATOM   292 C  C   . LEU A 1 41 ? -2.50479  -16.73431 4.23608   1.000 60.18377  ? 414 LEU A C   1 
ATOM   293 O  O   . LEU A 1 41 ? -2.23080  -16.25084 3.14020   1.000 63.12610  ? 414 LEU A O   1 
ATOM   294 C  CB  . LEU A 1 41 ? -2.96188  -15.32323 6.24865   1.000 58.59828  ? 414 LEU A CB  1 
ATOM   295 C  CG  . LEU A 1 41 ? -2.75430  -15.01226 7.73842   1.000 63.47380  ? 414 LEU A CG  1 
ATOM   296 C  CD1 . LEU A 1 41 ? -4.00488  -14.40247 8.34409   1.000 53.36854  ? 414 LEU A CD1 1 
ATOM   297 C  CD2 . LEU A 1 41 ? -2.35350  -16.25742 8.51614   1.000 65.02170  ? 414 LEU A CD2 1 
HETATM 298 N  N   . MSE B 1 3  ? 13.02836  -38.67828 0.96049   1.000 47.08494  ? 376 MSE B N   1 
HETATM 299 C  CA  . MSE B 1 3  ? 12.16648  -38.61137 -0.21765  1.000 52.10953  ? 376 MSE B CA  1 
HETATM 300 C  C   . MSE B 1 3  ? 12.61044  -37.51345 -1.16448  1.000 54.63030  ? 376 MSE B C   1 
HETATM 301 O  O   . MSE B 1 3  ? 11.93377  -36.51016 -1.31112  1.000 53.28092  ? 376 MSE B O   1 
HETATM 302 C  CB  . MSE B 1 3  ? 10.71546  -38.39060 0.19868   1.000 59.80534  ? 376 MSE B CB  1 
HETATM 303 C  CG  . MSE B 1 3  ? 10.20190  -39.44825 1.16617   1.000 72.03190  ? 376 MSE B CG  1 
HETATM 304 SE SE  . MSE B 1 3  ? 8.28378   -39.32709 1.49666   1.000 80.23937  ? 376 MSE B SE  1 
HETATM 305 C  CE  . MSE B 1 3  ? 8.18592   -37.41609 1.95886   1.000 80.97244  ? 376 MSE B CE  1 
ATOM   306 N  N   . ILE B 1 4  ? 13.73206  -37.76016 -1.84194  1.000 54.46824  ? 377 ILE B N   1 
ATOM   307 C  CA  . ILE B 1 4  ? 14.45075  -36.72388 -2.58388  1.000 47.16748  ? 377 ILE B CA  1 
ATOM   308 C  C   . ILE B 1 4  ? 13.55726  -36.05650 -3.62742  1.000 43.20372  ? 377 ILE B C   1 
ATOM   309 O  O   . ILE B 1 4  ? 13.60747  -34.83143 -3.81767  1.000 53.01509  ? 377 ILE B O   1 
ATOM   310 C  CB  . ILE B 1 4  ? 15.71181  -37.34507 -3.21844  1.000 55.34830  ? 377 ILE B CB  1 
ATOM   311 C  CG1 . ILE B 1 4  ? 16.45229  -38.17074 -2.16934  1.000 51.69501  ? 377 ILE B CG1 1 
ATOM   312 C  CG2 . ILE B 1 4  ? 16.64844  -36.28093 -3.76045  1.000 57.81938  ? 377 ILE B CG2 1 
ATOM   313 C  CD1 . ILE B 1 4  ? 17.10895  -37.30806 -1.10091  1.000 52.05826  ? 377 ILE B CD1 1 
ATOM   314 N  N   . LEU B 1 5  ? 12.72600  -36.83323 -4.31512  1.000 39.75931  ? 378 LEU B N   1 
ATOM   315 C  CA  . LEU B 1 5  ? 11.96467  -36.27488 -5.42434  1.000 35.56000  ? 378 LEU B CA  1 
ATOM   316 C  C   . LEU B 1 5  ? 10.75601  -35.48194 -4.93620  1.000 42.00507  ? 378 LEU B C   1 
ATOM   317 O  O   . LEU B 1 5  ? 10.53859  -34.33653 -5.36764  1.000 40.31836  ? 378 LEU B O   1 
ATOM   318 C  CB  . LEU B 1 5  ? 11.52472  -37.36819 -6.38613  1.000 44.94421  ? 378 LEU B CB  1 
ATOM   319 C  CG  . LEU B 1 5  ? 11.35704  -37.00055 -7.85798  1.000 50.87918  ? 378 LEU B CG  1 
ATOM   320 C  CD1 . LEU B 1 5  ? 12.31143  -35.89185 -8.24944  1.000 51.09485  ? 378 LEU B CD1 1 
ATOM   321 C  CD2 . LEU B 1 5  ? 11.64647  -38.22655 -8.67270  1.000 53.25106  ? 378 LEU B CD2 1 
ATOM   322 N  N   . TYR B 1 6  ? 9.95419   -36.08301 -4.05477  1.000 38.32536  ? 379 TYR B N   1 
ATOM   323 C  CA  . TYR B 1 6  ? 8.80403   -35.39357 -3.46243  1.000 39.08618  ? 379 TYR B CA  1 
ATOM   324 C  C   . TYR B 1 6  ? 9.22886   -34.09930 -2.78502  1.000 37.48171  ? 379 TYR B C   1 
ATOM   325 O  O   . TYR B 1 6  ? 8.58640   -33.05880 -2.96279  1.000 36.58233  ? 379 TYR B O   1 
ATOM   326 C  CB  . TYR B 1 6  ? 8.10237   -36.30633 -2.44066  1.000 46.11984  ? 379 TYR B CB  1 
ATOM   327 C  CG  . TYR B 1 6  ? 6.98858   -35.59657 -1.68758  1.000 46.97535  ? 379 TYR B CG  1 
ATOM   328 C  CD1 . TYR B 1 6  ? 7.22081   -35.00978 -0.44764  1.000 43.99712  ? 379 TYR B CD1 1 
ATOM   329 C  CD2 . TYR B 1 6  ? 5.70944   -35.52835 -2.21303  1.000 54.06096  ? 379 TYR B CD2 1 
ATOM   330 C  CE1 . TYR B 1 6  ? 6.20978   -34.37126 0.24344   1.000 55.22350  ? 379 TYR B CE1 1 
ATOM   331 C  CE2 . TYR B 1 6  ? 4.68802   -34.90045 -1.52391  1.000 64.77649  ? 379 TYR B CE2 1 
ATOM   332 C  CZ  . TYR B 1 6  ? 4.94342   -34.32225 -0.29553  1.000 63.10268  ? 379 TYR B CZ  1 
ATOM   333 O  OH  . TYR B 1 6  ? 3.92517   -33.68424 0.38670   1.000 64.96975  ? 379 TYR B OH  1 
ATOM   334 N  N   . ASP B 1 7  ? 10.31238  -34.14337 -2.00558  1.000 41.98508  ? 380 ASP B N   1 
ATOM   335 C  CA  . ASP B 1 7  ? 10.79551  -32.93006 -1.33725  1.000 40.51624  ? 380 ASP B CA  1 
ATOM   336 C  C   . ASP B 1 7  ? 11.23483  -31.86703 -2.34182  1.000 40.62063  ? 380 ASP B C   1 
ATOM   337 O  O   . ASP B 1 7  ? 10.95492  -30.67521 -2.15968  1.000 40.54713  ? 380 ASP B O   1 
ATOM   338 C  CB  . ASP B 1 7  ? 11.94833  -33.28624 -0.39797  1.000 55.89259  ? 380 ASP B CB  1 
ATOM   339 C  CG  . ASP B 1 7  ? 11.49342  -34.06985 0.81879   1.000 65.66526  ? 380 ASP B CG  1 
ATOM   340 O  OD1 . ASP B 1 7  ? 10.26964  -34.19640 1.04310   1.000 71.59107  ? 380 ASP B OD1 1 
ATOM   341 O  OD2 . ASP B 1 7  ? 12.37284  -34.53838 1.56862   1.000 76.87422  ? 380 ASP B OD2 1 
ATOM   342 N  N   . LEU B 1 8  ? 11.95404  -32.27903 -3.38804  1.000 37.23952  ? 381 LEU B N   1 
ATOM   343 C  CA  . LEU B 1 8  ? 12.31976  -31.38329 -4.47274  1.000 34.77172  ? 381 LEU B CA  1 
ATOM   344 C  C   . LEU B 1 8  ? 11.09851  -30.65222 -4.99593  1.000 41.75433  ? 381 LEU B C   1 
ATOM   345 O  O   . LEU B 1 8  ? 11.08260  -29.40556 -5.09059  1.000 34.65302  ? 381 LEU B O   1 
ATOM   346 C  CB  . LEU B 1 8  ? 12.99283  -32.18050 -5.59262  1.000 44.16752  ? 381 LEU B CB  1 
ATOM   347 C  CG  . LEU B 1 8  ? 13.30845  -31.39578 -6.86280  1.000 46.56656  ? 381 LEU B CG  1 
ATOM   348 C  CD1 . LEU B 1 8  ? 14.37691  -30.37422 -6.55412  1.000 46.46013  ? 381 LEU B CD1 1 
ATOM   349 C  CD2 . LEU B 1 8  ? 13.74251  -32.30491 -8.01573  1.000 47.09820  ? 381 LEU B CD2 1 
ATOM   350 N  N   . GLN B 1 9  ? 10.04758  -31.41108 -5.32411  1.000 30.32906  ? 382 GLN B N   1 
ATOM   351 C  CA  . GLN B 1 9  ? 8.83134   -30.77601 -5.83660  1.000 30.51991  ? 382 GLN B CA  1 
ATOM   352 C  C   . GLN B 1 9  ? 8.23573   -29.79326 -4.81491  1.000 35.78460  ? 382 GLN B C   1 
ATOM   353 O  O   . GLN B 1 9  ? 7.75709   -28.70281 -5.18349  1.000 37.98348  ? 382 GLN B O   1 
ATOM   354 C  CB  . GLN B 1 9  ? 7.83265   -31.85872 -6.25328  1.000 41.83626  ? 382 GLN B CB  1 
ATOM   355 C  CG  . GLN B 1 9  ? 6.38355   -31.44806 -6.35981  1.000 51.44259  ? 382 GLN B CG  1 
ATOM   356 C  CD  . GLN B 1 9  ? 5.66732   -32.16947 -7.49157  1.000 70.24459  ? 382 GLN B CD  1 
ATOM   357 O  OE1 . GLN B 1 9  ? 5.78970   -31.77653 -8.65816  1.000 77.83854  ? 382 GLN B OE1 1 
ATOM   358 N  NE2 . GLN B 1 9  ? 4.95882   -33.25942 -7.16391  1.000 71.20137  ? 382 GLN B NE2 1 
ATOM   359 N  N   . GLN B 1 10 ? 8.30830   -30.12516 -3.52426  1.000 39.39833  ? 383 GLN B N   1 
ATOM   360 C  CA  . GLN B 1 10 ? 7.80756   -29.21373 -2.49202  1.000 35.92376  ? 383 GLN B CA  1 
ATOM   361 C  C   . GLN B 1 10 ? 8.65104   -27.94709 -2.42449  1.000 37.15577  ? 383 GLN B C   1 
ATOM   362 O  O   . GLN B 1 10 ? 8.11431   -26.82633 -2.35705  1.000 34.84171  ? 383 GLN B O   1 
ATOM   363 C  CB  . GLN B 1 10 ? 7.80197   -29.91512 -1.12929  1.000 42.40454  ? 383 GLN B CB  1 
ATOM   364 C  CG  . GLN B 1 10 ? 6.56494   -30.74966 -0.81922  1.000 58.48159  ? 383 GLN B CG  1 
ATOM   365 C  CD  . GLN B 1 10 ? 6.26832   -30.77951 0.67868   1.000 72.01750  ? 383 GLN B CD  1 
ATOM   366 O  OE1 . GLN B 1 10 ? 7.12107   -30.41924 1.50272   1.000 76.69436  ? 383 GLN B OE1 1 
ATOM   367 N  NE2 . GLN B 1 10 ? 5.05208   -31.18678 1.03624   1.000 74.16983  ? 383 GLN B NE2 1 
ATOM   368 N  N   . ASN B 1 11 ? 9.97945   -28.10764 -2.42095  1.000 33.03746  ? 384 ASN B N   1 
ATOM   369 C  CA  . ASN B 1 11 ? 10.87507  -26.94887 -2.41511  1.000 33.29266  ? 384 ASN B CA  1 
ATOM   370 C  C   . ASN B 1 11 ? 10.57039  -26.00915 -3.58038  1.000 36.55332  ? 384 ASN B C   1 
ATOM   371 O  O   . ASN B 1 11 ? 10.43887  -24.79063 -3.39228  1.000 33.57271  ? 384 ASN B O   1 
ATOM   372 C  CB  . ASN B 1 11 ? 12.32907  -27.41409 -2.46982  1.000 36.57747  ? 384 ASN B CB  1 
ATOM   373 C  CG  . ASN B 1 11 ? 13.33296  -26.25547 -2.46627  1.000 53.71184  ? 384 ASN B CG  1 
ATOM   374 O  OD1 . ASN B 1 11 ? 13.66128  -25.69794 -3.51623  1.000 58.67597  ? 384 ASN B OD1 1 
ATOM   375 N  ND2 . ASN B 1 11 ? 13.82634  -25.89986 -1.28544  1.000 65.32310  ? 384 ASN B ND2 1 
ATOM   376 N  N   . LEU B 1 12 ? 10.44135  -26.55800 -4.79195  1.000 30.93988  ? 385 LEU B N   1 
ATOM   377 C  CA  . LEU B 1 12 ? 10.22830  -25.71957 -5.97446  1.000 30.94840  ? 385 LEU B CA  1 
ATOM   378 C  C   . LEU B 1 12 ? 8.83578   -25.09542 -5.98396  1.000 29.26803  ? 385 LEU B C   1 
ATOM   379 O  O   . LEU B 1 12 ? 8.67817   -23.91771 -6.36234  1.000 27.76483  ? 385 LEU B O   1 
ATOM   380 C  CB  . LEU B 1 12 ? 10.45934  -26.54162 -7.24347  1.000 28.37488  ? 385 LEU B CB  1 
ATOM   381 C  CG  . LEU B 1 12 ? 11.77336  -27.34599 -7.28010  1.000 30.79875  ? 385 LEU B CG  1 
ATOM   382 C  CD1 . LEU B 1 12 ? 11.79708  -28.24323 -8.50970  1.000 25.47117  ? 385 LEU B CD1 1 
ATOM   383 C  CD2 . LEU B 1 12 ? 12.96288  -26.39222 -7.29083  1.000 34.30167  ? 385 LEU B CD2 1 
ATOM   384 N  N   . SER B 1 13 ? 7.81363   -25.85551 -5.57507  1.000 27.86692  ? 386 SER B N   1 
ATOM   385 C  CA  . SER B 1 13 ? 6.45017   -25.31663 -5.51400  1.000 37.08594  ? 386 SER B CA  1 
ATOM   386 C  C   . SER B 1 13 ? 6.36840   -24.14617 -4.53689  1.000 34.89140  ? 386 SER B C   1 
ATOM   387 O  O   . SER B 1 13 ? 5.78206   -23.09521 -4.84015  1.000 33.34895  ? 386 SER B O   1 
ATOM   388 C  CB  . SER B 1 13 ? 5.46947   -26.42460 -5.11569  1.000 49.53292  ? 386 SER B CB  1 
ATOM   389 O  OG  . SER B 1 13 ? 5.49712   -27.49272 -6.05624  1.000 50.21160  ? 386 SER B OG  1 
ATOM   390 N  N   . SER B 1 14 ? 6.95958   -24.31283 -3.35476  1.000 31.97941  ? 387 SER B N   1 
ATOM   391 C  CA  . SER B 1 14 ? 7.01540   -23.22873 -2.37977  1.000 36.69713  ? 387 SER B CA  1 
ATOM   392 C  C   . SER B 1 14 ? 7.67939   -21.97760 -2.95929  1.000 33.66864  ? 387 SER B C   1 
ATOM   393 O  O   . SER B 1 14 ? 7.19371   -20.85626 -2.74177  1.000 33.04173  ? 387 SER B O   1 
ATOM   394 C  CB  . SER B 1 14 ? 7.75187   -23.70349 -1.13219  1.000 39.07111  ? 387 SER B CB  1 
ATOM   395 O  OG  . SER B 1 14 ? 8.24334   -22.61626 -0.37095  1.000 45.69674  ? 387 SER B OG  1 
ATOM   396 N  N   . SER B 1 15 ? 8.79934   -22.14945 -3.66883  1.000 26.03881  ? 388 SER B N   1 
ATOM   397 C  CA  . SER B 1 15 ? 9.50135   -21.03058 -4.29236  1.000 29.76262  ? 388 SER B CA  1 
ATOM   398 C  C   . SER B 1 15 ? 8.62495   -20.35227 -5.33707  1.000 30.13512  ? 388 SER B C   1 
ATOM   399 O  O   . SER B 1 15 ? 8.53152   -19.11504 -5.37603  1.000 32.20192  ? 388 SER B O   1 
ATOM   400 C  CB  . SER B 1 15 ? 10.81566  -21.50590 -4.93599  1.000 28.91153  ? 388 SER B CB  1 
ATOM   401 O  OG  . SER B 1 15 ? 11.89551  -21.47677 -4.01370  1.000 37.46598  ? 388 SER B OG  1 
ATOM   402 N  N   . HIS B 1 16 ? 7.96182   -21.14082 -6.18729  1.000 25.43781  ? 389 HIS B N   1 
ATOM   403 C  CA  . HIS B 1 16 ? 7.12364   -20.55492 -7.23319  1.000 33.29506  ? 389 HIS B CA  1 
ATOM   404 C  C   . HIS B 1 16 ? 5.92295   -19.81130 -6.63946  1.000 34.04178  ? 389 HIS B C   1 
ATOM   405 O  O   . HIS B 1 16 ? 5.51515   -18.74668 -7.14453  1.000 31.26120  ? 389 HIS B O   1 
ATOM   406 C  CB  . HIS B 1 16 ? 6.66860   -21.64370 -8.21253  1.000 30.97425  ? 389 HIS B CB  1 
ATOM   407 C  CG  . HIS B 1 16 ? 7.77192   -22.17677 -9.08584  1.000 32.89077  ? 389 HIS B CG  1 
ATOM   408 N  ND1 . HIS B 1 16 ? 7.71065   -23.43223 -9.65962  1.000 33.24486  ? 389 HIS B ND1 1 
ATOM   409 C  CD2 . HIS B 1 16 ? 8.95323   -21.63959 -9.48041  1.000 33.40675  ? 389 HIS B CD2 1 
ATOM   410 C  CE1 . HIS B 1 16 ? 8.79949   -23.63734 -10.38053 1.000 36.32683  ? 389 HIS B CE1 1 
ATOM   411 N  NE2 . HIS B 1 16 ? 9.58035   -22.57945 -10.27853 1.000 31.55810  ? 389 HIS B NE2 1 
ATOM   412 N  N   . ARG B 1 17 ? 5.34120   -20.35323 -5.57288  1.000 29.49098  ? 390 ARG B N   1 
ATOM   413 C  CA  . ARG B 1 17 ? 4.23480   -19.67853 -4.89683  1.000 35.83743  ? 390 ARG B CA  1 
ATOM   414 C  C   . ARG B 1 17 ? 4.68156   -18.34304 -4.30298  1.000 37.19243  ? 390 ARG B C   1 
ATOM   415 O  O   . ARG B 1 17 ? 3.97938   -17.32558 -4.42989  1.000 34.35709  ? 390 ARG B O   1 
ATOM   416 C  CB  . ARG B 1 17 ? 3.66020   -20.59683 -3.81954  1.000 36.95346  ? 390 ARG B CB  1 
ATOM   417 C  CG  . ARG B 1 17 ? 2.27875   -20.21340 -3.35923  1.000 35.63935  ? 390 ARG B CG  1 
ATOM   418 C  CD  . ARG B 1 17 ? 2.00585   -20.82973 -2.03468  1.000 37.18340  ? 390 ARG B CD  1 
ATOM   419 N  NE  . ARG B 1 17 ? 0.58581   -20.85947 -1.69153  1.000 50.13122  ? 390 ARG B NE  1 
ATOM   420 C  CZ  . ARG B 1 17 ? 0.00134   -19.98355 -0.87993  1.000 57.94158  ? 390 ARG B CZ  1 
ATOM   421 N  NH1 . ARG B 1 17 ? 0.71594   -19.00421 -0.33403  1.000 62.13212  ? 390 ARG B NH1 1 
ATOM   422 N  NH2 . ARG B 1 17 ? -1.29479  -20.08395 -0.61548  1.000 59.17635  ? 390 ARG B NH2 1 
ATOM   423 N  N   . ALA B 1 18 ? 5.84924   -18.32702 -3.64381  1.000 36.59857  ? 391 ALA B N   1 
ATOM   424 C  CA  . ALA B 1 18 ? 6.37022   -17.06985 -3.08937  1.000 34.41375  ? 391 ALA B CA  1 
ATOM   425 C  C   . ALA B 1 18 ? 6.64834   -16.04389 -4.18624  1.000 28.19280  ? 391 ALA B C   1 
ATOM   426 O  O   . ALA B 1 18 ? 6.33535   -14.84619 -4.02135  1.000 32.17040  ? 391 ALA B O   1 
ATOM   427 C  CB  . ALA B 1 18 ? 7.64081   -17.33792 -2.28765  1.000 38.66331  ? 391 ALA B CB  1 
ATOM   428 N  N   . LEU B 1 19 ? 7.21547   -16.48304 -5.32390  1.000 23.85281  ? 392 LEU B N   1 
ATOM   429 C  CA  . LEU B 1 19 ? 7.43534   -15.52893 -6.42637  1.000 30.01003  ? 392 LEU B CA  1 
ATOM   430 C  C   . LEU B 1 19 ? 6.11231   -14.94591 -6.92074  1.000 30.74179  ? 392 LEU B C   1 
ATOM   431 O  O   . LEU B 1 19 ? 5.96820   -13.70676 -7.08179  1.000 28.15629  ? 392 LEU B O   1 
ATOM   432 C  CB  . LEU B 1 19 ? 8.18934   -16.20513 -7.57642  1.000 26.48556  ? 392 LEU B CB  1 
ATOM   433 C  CG  . LEU B 1 19 ? 9.70590   -16.34014 -7.42364  1.000 30.52881  ? 392 LEU B CG  1 
ATOM   434 C  CD1 . LEU B 1 19 ? 10.20543  -17.36047 -8.46751  1.000 41.99551  ? 392 LEU B CD1 1 
ATOM   435 C  CD2 . LEU B 1 19 ? 10.46302  -14.97418 -7.53091  1.000 28.60529  ? 392 LEU B CD2 1 
ATOM   436 N  N   . GLU B 1 20 ? 5.12272   -15.81306 -7.14469  1.000 26.14183  ? 393 GLU B N   1 
ATOM   437 C  CA  . GLU B 1 20 ? 3.79375   -15.35417 -7.54190  1.000 30.87039  ? 393 GLU B CA  1 
ATOM   438 C  C   . GLU B 1 20 ? 3.22208   -14.31286 -6.56772  1.000 31.21352  ? 393 GLU B C   1 
ATOM   439 O  O   . GLU B 1 20 ? 2.59988   -13.32589 -6.99100  1.000 39.45254  ? 393 GLU B O   1 
ATOM   440 C  CB  . GLU B 1 20 ? 2.84411   -16.54773 -7.65614  1.000 37.58623  ? 393 GLU B CB  1 
ATOM   441 C  CG  . GLU B 1 20 ? 1.40940   -16.07555 -7.86437  1.000 47.15678  ? 393 GLU B CG  1 
ATOM   442 C  CD  . GLU B 1 20 ? 0.35580   -17.09544 -7.51081  1.000 60.73139  ? 393 GLU B CD  1 
ATOM   443 O  OE1 . GLU B 1 20 ? 0.44836   -17.70663 -6.42298  1.000 71.50990  ? 393 GLU B OE1 1 
ATOM   444 O  OE2 . GLU B 1 20 ? -0.59116  -17.25088 -8.31014  1.000 61.21392  ? 393 GLU B OE2 1 
ATOM   445 N  N   . LYS B 1 21 ? 3.39199   -14.53252 -5.25958  1.000 33.31451  ? 394 LYS B N   1 
ATOM   446 C  CA  . LYS B 1 21 ? 2.91324   -13.57078 -4.26581  1.000 36.25585  ? 394 LYS B CA  1 
ATOM   447 C  C   . LYS B 1 21 ? 3.69593   -12.26189 -4.32210  1.000 38.46688  ? 394 LYS B C   1 
ATOM   448 O  O   . LYS B 1 21 ? 3.09439   -11.16403 -4.26122  1.000 31.79816  ? 394 LYS B O   1 
ATOM   449 C  CB  . LYS B 1 21 ? 2.98915   -14.18194 -2.86629  1.000 39.44162  ? 394 LYS B CB  1 
ATOM   450 C  CG  . LYS B 1 21 ? 1.66245   -14.73631 -2.36395  1.000 53.00792  ? 394 LYS B CG  1 
ATOM   451 C  CD  . LYS B 1 21 ? 1.27421   -16.01670 -3.08647  1.000 65.06324  ? 394 LYS B CD  1 
ATOM   452 C  CE  . LYS B 1 21 ? -0.02723  -16.57275 -2.53378  1.000 72.20242  ? 394 LYS B CE  1 
ATOM   453 N  NZ  . LYS B 1 21 ? -0.95429  -17.02035 -3.61472  1.000 73.56225  ? 394 LYS B NZ  1 
ATOM   454 N  N   . GLN B 1 22 ? 5.02753   -12.34604 -4.44455  1.000 28.52007  ? 395 GLN B N   1 
ATOM   455 C  CA  . GLN B 1 22 ? 5.84252   -11.14352 -4.62754  1.000 36.46557  ? 395 GLN B CA  1 
ATOM   456 C  C   . GLN B 1 22 ? 5.34477   -10.31697 -5.80228  1.000 35.90940  ? 395 GLN B C   1 
ATOM   457 O  O   . GLN B 1 22 ? 5.20294   -9.08220  -5.70994  1.000 32.50140  ? 395 GLN B O   1 
ATOM   458 C  CB  . GLN B 1 22 ? 7.29802   -11.51073 -4.87403  1.000 28.95982  ? 395 GLN B CB  1 
ATOM   459 C  CG  . GLN B 1 22 ? 8.26075   -11.30904 -3.75939  1.000 37.79778  ? 395 GLN B CG  1 
ATOM   460 C  CD  . GLN B 1 22 ? 9.67244   -11.59684 -4.23697  1.000 43.17796  ? 395 GLN B CD  1 
ATOM   461 O  OE1 . GLN B 1 22 ? 9.95335   -12.69183 -4.73770  1.000 47.43246  ? 395 GLN B OE1 1 
ATOM   462 N  NE2 . GLN B 1 22 ? 10.56315  -10.61542 -4.10193  1.000 36.72341  ? 395 GLN B NE2 1 
ATOM   463 N  N   . ILE B 1 23 ? 5.08773   -10.98462 -6.92850  1.000 30.75976  ? 396 ILE B N   1 
ATOM   464 C  CA  . ILE B 1 23 ? 4.66985   -10.24273 -8.11886  1.000 39.20668  ? 396 ILE B CA  1 
ATOM   465 C  C   . ILE B 1 23 ? 3.28031   -9.65427  -7.92383  1.000 34.63377  ? 396 ILE B C   1 
ATOM   466 O  O   . ILE B 1 23 ? 3.00562   -8.51513  -8.33987  1.000 34.99979  ? 396 ILE B O   1 
ATOM   467 C  CB  . ILE B 1 23 ? 4.73704   -11.16662 -9.34829  1.000 35.56909  ? 396 ILE B CB  1 
ATOM   468 C  CG1 . ILE B 1 23 ? 6.19835   -11.51217 -9.62691  1.000 29.01938  ? 396 ILE B CG1 1 
ATOM   469 C  CG2 . ILE B 1 23 ? 4.06167   -10.49883 -10.55856 1.000 30.79358  ? 396 ILE B CG2 1 
ATOM   470 C  CD1 . ILE B 1 23 ? 6.43228   -12.71072 -10.53330 1.000 25.47552  ? 396 ILE B CD1 1 
ATOM   471 N  N   . ASP B 1 24 ? 2.37202   -10.41579 -7.30103  1.000 32.00035  ? 397 ASP B N   1 
ATOM   472 C  CA  . ASP B 1 24 ? 1.04211   -9.86960  -6.98348  1.000 39.49950  ? 397 ASP B CA  1 
ATOM   473 C  C   . ASP B 1 24 ? 1.13283   -8.56999  -6.18255  1.000 38.11020  ? 397 ASP B C   1 
ATOM   474 O  O   . ASP B 1 24 ? 0.38102   -7.60524  -6.44146  1.000 37.00065  ? 397 ASP B O   1 
ATOM   475 C  CB  . ASP B 1 24 ? 0.22922   -10.90664 -6.20413  1.000 48.63296  ? 397 ASP B CB  1 
ATOM   476 C  CG  . ASP B 1 24 ? -0.53964  -11.84643 -7.10693  1.000 55.15104  ? 397 ASP B CG  1 
ATOM   477 O  OD1 . ASP B 1 24 ? -0.54438  -11.62719 -8.33678  1.000 60.67543  ? 397 ASP B OD1 1 
ATOM   478 O  OD2 . ASP B 1 24 ? -1.15525  -12.79891 -6.57861  1.000 68.26959  ? 397 ASP B OD2 1 
ATOM   479 N  N   . THR B 1 25 ? 2.00800   -8.53911  -5.17319  1.000 35.02256  ? 398 THR B N   1 
ATOM   480 C  CA  . THR B 1 25 ? 2.22220   -7.32565  -4.39388  1.000 36.79855  ? 398 THR B CA  1 
ATOM   481 C  C   . THR B 1 25 ? 2.69210   -6.18155  -5.27862  1.000 40.22016  ? 398 THR B C   1 
ATOM   482 O  O   . THR B 1 25 ? 2.18892   -5.06098  -5.15737  1.000 39.55062  ? 398 THR B O   1 
ATOM   483 C  CB  . THR B 1 25 ? 3.24418   -7.56840  -3.29082  1.000 44.19282  ? 398 THR B CB  1 
ATOM   484 O  OG1 . THR B 1 25 ? 2.83375   -8.67711  -2.48497  1.000 45.93097  ? 398 THR B OG1 1 
ATOM   485 C  CG2 . THR B 1 25 ? 3.37316   -6.34172  -2.41481  1.000 46.22622  ? 398 THR B CG2 1 
ATOM   486 N  N   . LEU B 1 26 ? 3.69193   -6.44000  -6.13213  1.000 34.97624  ? 399 LEU B N   1 
ATOM   487 C  CA  . LEU B 1 26 ? 4.11782   -5.49265  -7.16653  1.000 36.51667  ? 399 LEU B CA  1 
ATOM   488 C  C   . LEU B 1 26 ? 2.93403   -4.96726  -7.97105  1.000 32.93764  ? 399 LEU B C   1 
ATOM   489 O  O   . LEU B 1 26 ? 2.78300   -3.74625  -8.16767  1.000 34.88343  ? 399 LEU B O   1 
ATOM   490 C  CB  . LEU B 1 26 ? 5.11816   -6.17548  -8.09568  1.000 42.62377  ? 399 LEU B CB  1 
ATOM   491 C  CG  . LEU B 1 26 ? 6.40332   -5.54599  -8.59346  1.000 48.50851  ? 399 LEU B CG  1 
ATOM   492 C  CD1 . LEU B 1 26 ? 6.99813   -4.68142  -7.51087  1.000 61.42235  ? 399 LEU B CD1 1 
ATOM   493 C  CD2 . LEU B 1 26 ? 7.36815   -6.64069  -8.97497  1.000 49.72156  ? 399 LEU B CD2 1 
ATOM   494 N  N   . ALA B 1 27 ? 2.07783   -5.88330  -8.44441  1.000 27.83805  ? 400 ALA B N   1 
ATOM   495 C  CA  . ALA B 1 27 ? 0.94408   -5.48845  -9.27151  1.000 34.74622  ? 400 ALA B CA  1 
ATOM   496 C  C   . ALA B 1 27 ? -0.00290  -4.56901  -8.51260  1.000 39.78962  ? 400 ALA B C   1 
ATOM   497 O  O   . ALA B 1 27 ? -0.45230  -3.54529  -9.04900  1.000 43.96966  ? 400 ALA B O   1 
ATOM   498 C  CB  . ALA B 1 27 ? 0.19730   -6.72465  -9.76592  1.000 38.00722  ? 400 ALA B CB  1 
ATOM   499 N  N   . GLY B 1 28 ? -0.32086  -4.90549  -7.26038  1.000 34.08053  ? 401 GLY B N   1 
ATOM   500 C  CA  . GLY B 1 28 ? -1.17621  -4.01121  -6.48327  1.000 43.38678  ? 401 GLY B CA  1 
ATOM   501 C  C   . GLY B 1 28 ? -0.57040  -2.63296  -6.30528  1.000 40.52257  ? 401 GLY B C   1 
ATOM   502 O  O   . GLY B 1 28 ? -1.27078  -1.61431  -6.39270  1.000 41.57382  ? 401 GLY B O   1 
ATOM   503 N  N   . LYS B 1 29 ? 0.74085   -2.57785  -6.04992  1.000 41.02140  ? 402 LYS B N   1 
ATOM   504 C  CA  . LYS B 1 29 ? 1.46276   -1.31996  -5.91656  1.000 43.12131  ? 402 LYS B CA  1 
ATOM   505 C  C   . LYS B 1 29 ? 1.35454   -0.47350  -7.18717  1.000 47.26469  ? 402 LYS B C   1 
ATOM   506 O  O   . LYS B 1 29 ? 1.09810   0.74348   -7.12627  1.000 43.62901  ? 402 LYS B O   1 
ATOM   507 C  CB  . LYS B 1 29 ? 2.93050   -1.59792  -5.60157  1.000 40.53627  ? 402 LYS B CB  1 
ATOM   508 C  CG  . LYS B 1 29 ? 3.28319   -1.91369  -4.12892  1.000 46.04187  ? 402 LYS B CG  1 
ATOM   509 C  CD  . LYS B 1 29 ? 4.71281   -2.49435  -4.07842  1.000 49.36759  ? 402 LYS B CD  1 
ATOM   510 C  CE  . LYS B 1 29 ? 5.27072   -2.58982  -2.65308  1.000 55.87003  ? 402 LYS B CE  1 
ATOM   511 N  NZ  . LYS B 1 29 ? 4.37841   -3.34018  -1.72247  1.000 53.58670  ? 402 LYS B NZ  1 
ATOM   512 N  N   . LEU B 1 30 ? 1.59511   -1.09616  -8.34637  1.000 33.48694  ? 403 LEU B N   1 
ATOM   513 C  CA  . LEU B 1 30 ? 1.41487   -0.40003  -9.61520  1.000 41.34657  ? 403 LEU B CA  1 
ATOM   514 C  C   . LEU B 1 30 ? -0.02547  0.06128   -9.79569  1.000 41.03040  ? 403 LEU B C   1 
ATOM   515 O  O   . LEU B 1 30 ? -0.28032  1.18854   -10.25688 1.000 40.83514  ? 403 LEU B O   1 
ATOM   516 C  CB  . LEU B 1 30 ? 1.81852   -1.33423  -10.74203 1.000 34.44002  ? 403 LEU B CB  1 
ATOM   517 C  CG  . LEU B 1 30 ? 1.94477   -0.86405  -12.18081 1.000 44.62632  ? 403 LEU B CG  1 
ATOM   518 C  CD1 . LEU B 1 30 ? 2.80327   0.37027   -12.26944 1.000 41.13535  ? 403 LEU B CD1 1 
ATOM   519 C  CD2 . LEU B 1 30 ? 2.56288   -2.01693  -12.96835 1.000 50.13786  ? 403 LEU B CD2 1 
ATOM   520 N  N   . ASP B 1 31 ? -0.98601  -0.81165  -9.45790  1.000 37.69690  ? 404 ASP B N   1 
ATOM   521 C  CA  . ASP B 1 31 ? -2.39674  -0.46667  -9.59465  1.000 42.25710  ? 404 ASP B CA  1 
ATOM   522 C  C   . ASP B 1 31 ? -2.70935  0.81179   -8.84216  1.000 40.91694  ? 404 ASP B C   1 
ATOM   523 O  O   . ASP B 1 31 ? -3.44613  1.68821   -9.33519  1.000 39.46041  ? 404 ASP B O   1 
ATOM   524 C  CB  . ASP B 1 31 ? -3.26934  -1.59437  -9.05429  1.000 46.40268  ? 404 ASP B CB  1 
ATOM   525 C  CG  . ASP B 1 31 ? -3.58529  -2.63983  -10.09090 1.000 54.29454  ? 404 ASP B CG  1 
ATOM   526 O  OD1 . ASP B 1 31 ? -3.20718  -2.44512  -11.26832 1.000 51.62398  ? 404 ASP B OD1 1 
ATOM   527 O  OD2 . ASP B 1 31 ? -4.21647  -3.66481  -9.71983  1.000 56.10262  ? 404 ASP B OD2 1 
ATOM   528 N  N   . ALA B 1 32 ? -2.16746  0.92995   -7.63125  1.000 41.73735  ? 405 ALA B N   1 
ATOM   529 C  CA  . ALA B 1 32 ? -2.42976  2.11990   -6.82281  1.000 53.62405  ? 405 ALA B CA  1 
ATOM   530 C  C   . ALA B 1 32 ? -1.82945  3.35725   -7.47367  1.000 54.35178  ? 405 ALA B C   1 
ATOM   531 O  O   . ALA B 1 32 ? -2.51619  4.37076   -7.65960  1.000 67.72187  ? 405 ALA B O   1 
ATOM   532 C  CB  . ALA B 1 32 ? -1.87390  1.91823   -5.41203  1.000 62.73393  ? 405 ALA B CB  1 
ATOM   533 N  N   . LEU B 1 33 ? -0.54051  3.28406   -7.81990  1.000 52.25824  ? 406 LEU B N   1 
ATOM   534 C  CA  . LEU B 1 33 ? 0.13563   4.30627   -8.60606  1.000 53.06039  ? 406 LEU B CA  1 
ATOM   535 C  C   . LEU B 1 33 ? -0.73833  4.83039   -9.74269  1.000 49.63929  ? 406 LEU B C   1 
ATOM   536 O  O   . LEU B 1 33 ? -0.98780  6.03977   -9.84682  1.000 44.76730  ? 406 LEU B O   1 
ATOM   537 C  CB  . LEU B 1 33 ? 1.44651   3.73531   -9.15389  1.000 56.18597  ? 406 LEU B CB  1 
ATOM   538 C  CG  . LEU B 1 33 ? 2.47969   4.77077   -9.58782  1.000 57.13077  ? 406 LEU B CG  1 
ATOM   539 C  CD1 . LEU B 1 33 ? 2.41187   5.96760   -8.67044  1.000 58.55713  ? 406 LEU B CD1 1 
ATOM   540 C  CD2 . LEU B 1 33 ? 3.87563   4.18079   -9.62729  1.000 50.63729  ? 406 LEU B CD2 1 
ATOM   541 N  N   . THR B 1 34 ? -1.22052  3.92874   -10.60087 1.000 39.41059  ? 407 THR B N   1 
ATOM   542 C  CA  . THR B 1 34 ? -2.08401  4.32539   -11.71136 1.000 44.38995  ? 407 THR B CA  1 
ATOM   543 C  C   . THR B 1 34 ? -3.29803  5.10817   -11.22226 1.000 45.19546  ? 407 THR B C   1 
ATOM   544 O  O   . THR B 1 34 ? -3.57719  6.22700   -11.70074 1.000 41.35465  ? 407 THR B O   1 
ATOM   545 C  CB  . THR B 1 34 ? -2.52783  3.08857   -12.49020 1.000 43.98503  ? 407 THR B CB  1 
ATOM   546 O  OG1 . THR B 1 34 ? -1.38522  2.29065   -12.81281 1.000 38.59422  ? 407 THR B OG1 1 
ATOM   547 C  CG2 . THR B 1 34 ? -3.22683  3.49316   -13.77159 1.000 35.44991  ? 407 THR B CG2 1 
ATOM   548 N  N   . GLU B 1 35 ? -4.02943  4.53658   -10.25735 1.000 43.31995  ? 408 GLU B N   1 
ATOM   549 C  CA  . GLU B 1 35 ? -5.24578  5.17942   -9.75295  1.000 52.82963  ? 408 GLU B CA  1 
ATOM   550 C  C   . GLU B 1 35 ? -4.95374  6.57046   -9.19731  1.000 53.93330  ? 408 GLU B C   1 
ATOM   551 O  O   . GLU B 1 35 ? -5.73466  7.51541   -9.40701  1.000 54.70115  ? 408 GLU B O   1 
ATOM   552 C  CB  . GLU B 1 35 ? -5.89678  4.29420   -8.69051  1.000 63.24484  ? 408 GLU B CB  1 
ATOM   553 C  CG  . GLU B 1 35 ? -7.42461  4.23822   -8.75471  1.000 79.92421  ? 408 GLU B CG  1 
ATOM   554 C  CD  . GLU B 1 35 ? -8.08805  5.33249   -7.93334  1.000 97.06271  ? 408 GLU B CD  1 
ATOM   555 O  OE1 . GLU B 1 35 ? -9.33670  5.35506   -7.85895  1.000 102.89996 ? 408 GLU B OE1 1 
ATOM   556 O  OE2 . GLU B 1 35 ? -7.35832  6.16951   -7.36143  1.000 101.60380 ? 408 GLU B OE2 1 
ATOM   557 N  N   . LEU B 1 36 ? -3.83227  6.72202   -8.48866  1.000 54.60405  ? 409 LEU B N   1 
ATOM   558 C  CA  . LEU B 1 36 ? -3.44515  8.03673   -7.97776  1.000 65.88236  ? 409 LEU B CA  1 
ATOM   559 C  C   . LEU B 1 36 ? -3.29632  9.05218   -9.10949  1.000 61.23743  ? 409 LEU B C   1 
ATOM   560 O  O   . LEU B 1 36 ? -3.80448  10.18133  -9.02831  1.000 59.42577  ? 409 LEU B O   1 
ATOM   561 C  CB  . LEU B 1 36 ? -2.14127  7.91782   -7.18158  1.000 74.00051  ? 409 LEU B CB  1 
ATOM   562 C  CG  . LEU B 1 36 ? -2.17279  7.59846   -5.67917  1.000 83.88948  ? 409 LEU B CG  1 
ATOM   563 C  CD1 . LEU B 1 36 ? -2.73193  6.20136   -5.36146  1.000 81.03361  ? 409 LEU B CD1 1 
ATOM   564 C  CD2 . LEU B 1 36 ? -0.78104  7.76216   -5.07055  1.000 83.31642  ? 409 LEU B CD2 1 
ATOM   565 N  N   . LEU B 1 37 ? -2.58769  8.67107   -10.17201 1.000 58.99349  ? 410 LEU B N   1 
ATOM   566 C  CA  . LEU B 1 37 ? -2.28170  9.59540   -11.25783 1.000 55.64470  ? 410 LEU B CA  1 
ATOM   567 C  C   . LEU B 1 37 ? -3.49584  9.82620   -12.14861 1.000 56.90967  ? 410 LEU B C   1 
ATOM   568 O  O   . LEU B 1 37 ? -3.72768  10.95311  -12.61717 1.000 60.90268  ? 410 LEU B O   1 
ATOM   569 C  CB  . LEU B 1 37 ? -1.08756  9.07014   -12.06283 1.000 57.34983  ? 410 LEU B CB  1 
ATOM   570 C  CG  . LEU B 1 37 ? 0.16460   8.80452   -11.20633 1.000 56.44383  ? 410 LEU B CG  1 
ATOM   571 C  CD1 . LEU B 1 37 ? 0.98143   7.58749   -11.67513 1.000 52.45392  ? 410 LEU B CD1 1 
ATOM   572 C  CD2 . LEU B 1 37 ? 1.05135   10.02895  -11.13847 1.000 58.52235  ? 410 LEU B CD2 1 
ATOM   573 N  N   . SER B 1 38 ? -4.30158  8.78546   -12.34905 1.000 52.31378  ? 411 SER B N   1 
ATOM   574 C  CA  . SER B 1 38 ? -5.53931  8.91066   -13.10921 1.000 58.91479  ? 411 SER B CA  1 
ATOM   575 C  C   . SER B 1 38 ? -6.46481  9.95532   -12.49448 1.000 64.77476  ? 411 SER B C   1 
ATOM   576 O  O   . SER B 1 38 ? -7.05435  10.77449  -13.20539 1.000 66.02568  ? 411 SER B O   1 
ATOM   577 C  CB  . SER B 1 38 ? -6.23712  7.54967   -13.18486 1.000 66.49239  ? 411 SER B CB  1 
ATOM   578 O  OG  . SER B 1 38 ? -7.64732  7.70490   -13.21986 1.000 68.09419  ? 411 SER B OG  1 
ATOM   579 N  N   . THR B 1 39 ? -6.62530  9.92797   -11.16929 1.000 62.05946  ? 412 THR B N   1 
ATOM   580 C  CA  . THR B 1 39 ? -7.43874  10.94938  -10.52259 1.000 69.31183  ? 412 THR B CA  1 
ATOM   581 C  C   . THR B 1 39 ? -6.72901  12.30020  -10.50441 1.000 63.84136  ? 412 THR B C   1 
ATOM   582 O  O   . THR B 1 39 ? -7.38857  13.35151  -10.53617 1.000 70.08354  ? 412 THR B O   1 
ATOM   583 C  CB  . THR B 1 39 ? -7.80684  10.50050  -9.10462  1.000 73.01204  ? 412 THR B CB  1 
ATOM   584 O  OG1 . THR B 1 39 ? -6.63309  10.03509  -8.43524  1.000 73.48595  ? 412 THR B OG1 1 
ATOM   585 C  CG2 . THR B 1 39 ? -8.80466  9.34762   -9.15550  1.000 66.41664  ? 412 THR B CG2 1 
ATOM   586 N  N   . ALA B 1 40 ? -5.39349  12.30574  -10.49340 1.000 56.45808  ? 413 ALA B N   1 
ATOM   587 C  CA  . ALA B 1 40 ? -4.67575  13.57788  -10.36857 1.000 67.73042  ? 413 ALA B CA  1 
ATOM   588 C  C   . ALA B 1 40 ? -4.57305  14.30232  -11.70429 1.000 60.37426  ? 413 ALA B C   1 
ATOM   589 O  O   . ALA B 1 40 ? -4.72912  15.53141  -11.76700 1.000 59.41648  ? 413 ALA B O   1 
ATOM   590 C  CB  . ALA B 1 40 ? -3.27868  13.33708  -9.78307  1.000 66.58274  ? 413 ALA B CB  1 
ATOM   591 N  N   . LEU B 1 41 ? -4.30495  13.56165  -12.77442 1.000 60.79584  ? 414 LEU B N   1 
ATOM   592 C  CA  . LEU B 1 41 ? -4.14529  14.13269  -14.10535 1.000 67.55743  ? 414 LEU B CA  1 
ATOM   593 C  C   . LEU B 1 41 ? -5.44247  14.01916  -14.89873 1.000 63.92322  ? 414 LEU B C   1 
ATOM   594 O  O   . LEU B 1 41 ? -6.36518  13.31148  -14.49691 1.000 59.86427  ? 414 LEU B O   1 
ATOM   595 C  CB  . LEU B 1 41 ? -2.99553  13.43275  -14.84453 1.000 66.71020  ? 414 LEU B CB  1 
ATOM   596 C  CG  . LEU B 1 41 ? -1.60086  13.67383  -14.24915 1.000 68.76432  ? 414 LEU B CG  1 
ATOM   597 C  CD1 . LEU B 1 41 ? -0.83980  12.37352  -14.03919 1.000 62.34952  ? 414 LEU B CD1 1 
ATOM   598 C  CD2 . LEU B 1 41 ? -0.78716  14.62655  -15.10858 1.000 70.43265  ? 414 LEU B CD2 1 
HETATM 599 CU CU  . CU  C 2 .  ? -12.36693 22.13141  10.28684  0.25  29.08866  ? 501 CU  A CU  1 
HETATM 600 CU CU  . CU  D 2 .  ? 11.32200  -22.29352 -11.23033 0.25  29.89003  ? 501 CU  B CU  1 
HETATM 601 O  O   . HOH E 3 .  ? -2.30284  32.63589  7.95016   1.000 49.33417  ? 601 HOH A O   1 
HETATM 602 O  O   . HOH E 3 .  ? 1.27622   21.43481  2.86843   1.000 61.60888  ? 602 HOH A O   1 
HETATM 603 O  O   . HOH E 3 .  ? -1.68404  6.22376   1.93737   1.000 38.31960  ? 603 HOH A O   1 
HETATM 604 O  O   . HOH E 3 .  ? -9.94800  18.68481  3.09538   1.000 39.30026  ? 604 HOH A O   1 
HETATM 605 O  O   . HOH E 3 .  ? 1.31440   -1.29442  9.53400   1.000 49.32044  ? 605 HOH A O   1 
HETATM 606 O  O   . HOH E 3 .  ? -1.91500  10.21247  13.85065  1.000 45.87851  ? 606 HOH A O   1 
HETATM 607 O  O   . HOH E 3 .  ? 1.88665   5.12043   6.56249   1.000 47.75058  ? 607 HOH A O   1 
HETATM 608 O  O   . HOH E 3 .  ? -3.02232  26.31929  10.55829  1.000 49.59649  ? 608 HOH A O   1 
HETATM 609 O  O   . HOH E 3 .  ? -9.66759  14.90136  2.59908   1.000 65.20683  ? 609 HOH A O   1 
HETATM 610 O  O   . HOH E 3 .  ? -0.59727  21.67625  6.64066   1.000 41.20551  ? 610 HOH A O   1 
HETATM 611 O  O   . HOH E 3 .  ? 0.65812   -18.69785 3.98988   1.000 37.05380  ? 611 HOH A O   1 
HETATM 612 O  O   . HOH E 3 .  ? -7.09179  25.52155  12.92112  1.000 30.76058  ? 612 HOH A O   1 
HETATM 613 O  O   . HOH E 3 .  ? 0.31591   2.01694   0.80621   1.000 56.78109  ? 613 HOH A O   1 
HETATM 614 O  O   . HOH E 3 .  ? -9.86209  18.99843  0.54745   1.000 46.76199  ? 614 HOH A O   1 
HETATM 615 O  O   . HOH E 3 .  ? -0.04783  15.88517  9.57003   1.000 34.58765  ? 615 HOH A O   1 
HETATM 616 O  O   . HOH E 3 .  ? -6.85375  22.24652  2.58653   1.000 38.32260  ? 616 HOH A O   1 
HETATM 617 O  O   . HOH E 3 .  ? 0.17803   23.86003  4.72259   1.000 38.96535  ? 617 HOH A O   1 
HETATM 618 O  O   . HOH E 3 .  ? -10.01586 27.15859  4.23762   1.000 54.14041  ? 618 HOH A O   1 
HETATM 619 O  O   . HOH E 3 .  ? -2.08888  23.93941  11.06932  1.000 53.48473  ? 619 HOH A O   1 
HETATM 620 O  O   . HOH E 3 .  ? -1.69572  39.60057  9.47341   1.000 55.47624  ? 620 HOH A O   1 
HETATM 621 O  O   . HOH E 3 .  ? 0.90184   11.27221  10.91890  1.000 43.31457  ? 621 HOH A O   1 
HETATM 622 O  O   . HOH E 3 .  ? -0.99434  28.72026  7.55289   1.000 57.01053  ? 622 HOH A O   1 
HETATM 623 O  O   . HOH E 3 .  ? -12.91536 24.48512  10.20303  0.25  15.52733  ? 623 HOH A O   1 
HETATM 624 O  O   . HOH E 3 .  ? 0.58453   22.37369  8.55991   1.000 65.87949  ? 624 HOH A O   1 
HETATM 625 O  O   . HOH E 3 .  ? 5.35083   -11.50930 -0.91991  1.000 51.04997  ? 625 HOH A O   1 
HETATM 626 O  O   . HOH E 3 .  ? 0.23940   19.44037  6.04856   1.000 32.85347  ? 626 HOH A O   1 
HETATM 627 O  O   . HOH E 3 .  ? 1.82588   6.21376   3.60185   1.000 64.43505  ? 627 HOH A O   1 
HETATM 628 O  O   . HOH E 3 .  ? 1.25523   18.22314  8.49066   1.000 45.98118  ? 628 HOH A O   1 
HETATM 629 O  O   . HOH F 3 .  ? 10.11302  -14.84571 -3.78794  1.000 59.80192  ? 601 HOH B O   1 
HETATM 630 O  O   . HOH F 3 .  ? -0.16394  -10.57033 -10.44472 1.000 57.04310  ? 602 HOH B O   1 
HETATM 631 O  O   . HOH F 3 .  ? -7.83535  8.29383   -6.36051  1.000 40.42712  ? 603 HOH B O   1 
HETATM 632 O  O   . HOH F 3 .  ? 1.44757   2.40801   -5.22083  1.000 44.21850  ? 604 HOH B O   1 
HETATM 633 O  O   . HOH F 3 .  ? 13.72247  -23.39207 -4.87275  1.000 34.49875  ? 605 HOH B O   1 
HETATM 634 O  O   . HOH F 3 .  ? 11.58042  -23.54270 -1.24014  1.000 39.33650  ? 606 HOH B O   1 
HETATM 635 O  O   . HOH F 3 .  ? 14.48828  -23.09706 -1.97896  1.000 73.01383  ? 607 HOH B O   1 
HETATM 636 O  O   . HOH F 3 .  ? 6.04978   -13.89328 -1.21854  1.000 53.85270  ? 608 HOH B O   1 
HETATM 637 O  O   . HOH F 3 .  ? 1.25276   -11.37813 -1.82456  1.000 67.34484  ? 609 HOH B O   1 
HETATM 638 O  O   . HOH F 3 .  ? 11.87134  -24.65109 -11.14639 0.25  16.34666  ? 610 HOH B O   1 
HETATM 639 O  O   . HOH F 3 .  ? -2.62172  -6.98940  -5.37775  1.000 52.40242  ? 611 HOH B O   1 
HETATM 640 O  O   . HOH F 3 .  ? 0.49034   -23.24560 -4.83001  1.000 50.58985  ? 612 HOH B O   1 
HETATM 641 O  O   . HOH F 3 .  ? -0.91129  0.12542   -2.58431  1.000 52.03257  ? 613 HOH B O   1 
HETATM 642 O  O   . HOH F 3 .  ? -3.98419  0.35755   -16.52653 1.000 63.70081  ? 614 HOH B O   1 
# 
loop_
_atom_site_anisotrop.id 
_atom_site_anisotrop.type_symbol 
_atom_site_anisotrop.pdbx_label_atom_id 
_atom_site_anisotrop.pdbx_label_alt_id 
_atom_site_anisotrop.pdbx_label_comp_id 
_atom_site_anisotrop.pdbx_label_asym_id 
_atom_site_anisotrop.pdbx_label_seq_id 
_atom_site_anisotrop.pdbx_PDB_ins_code 
_atom_site_anisotrop.U[1][1] 
_atom_site_anisotrop.U[2][2] 
_atom_site_anisotrop.U[3][3] 
_atom_site_anisotrop.U[1][2] 
_atom_site_anisotrop.U[1][3] 
_atom_site_anisotrop.U[2][3] 
_atom_site_anisotrop.pdbx_auth_seq_id 
_atom_site_anisotrop.pdbx_auth_comp_id 
_atom_site_anisotrop.pdbx_auth_asym_id 
_atom_site_anisotrop.pdbx_auth_atom_id 
1   N  N   . MSE A 3  ? 0.85129 0.89714 1.54176 -0.07519 0.05136  -0.09259 376 MSE A N   
2   C  CA  . MSE A 3  ? 0.79388 0.85021 1.43816 -0.07477 0.03605  -0.08352 376 MSE A CA  
3   C  C   . MSE A 3  ? 0.69695 0.68099 1.30034 -0.06421 0.03986  -0.04524 376 MSE A C   
4   O  O   . MSE A 3  ? 0.76247 0.71279 1.35593 -0.04845 0.01706  -0.04111 376 MSE A O   
5   C  CB  . MSE A 3  ? 0.94809 1.04012 1.55417 -0.06509 0.00203  -0.10999 376 MSE A CB  
6   C  CG  . MSE A 3  ? 1.14664 1.27334 1.68144 -0.06786 -0.00297 -0.12090 376 MSE A CG  
7   SE SE  . MSE A 3  ? 1.27799 1.42101 1.74694 -0.07002 -0.00967 -0.10227 376 MSE A SE  
8   C  CE  . MSE A 3  ? 1.32507 1.45441 1.80850 -0.06022 -0.03271 -0.09701 376 MSE A CE  
9   N  N   . ILE A 4  ? 0.60089 0.55110 1.14653 -0.06371 0.06667  -0.01489 377 ILE A N   
10  C  CA  . ILE A 4  ? 0.53559 0.40192 0.98675 -0.04730 0.07208  0.02618  377 ILE A CA  
11  C  C   . ILE A 4  ? 0.56590 0.44485 0.93887 -0.03563 0.04674  0.02988  377 ILE A C   
12  O  O   . ILE A 4  ? 0.50117 0.41134 0.85583 -0.04272 0.06009  0.02762  377 ILE A O   
13  C  CB  . ILE A 4  ? 0.60587 0.41733 1.03479 -0.05710 0.12418  0.05534  377 ILE A CB  
14  C  CG1 . ILE A 4  ? 0.53683 0.34283 1.05528 -0.07115 0.14949  0.04749  377 ILE A CG1 
15  C  CG2 . ILE A 4  ? 0.68140 0.39391 0.99919 -0.04397 0.12871  0.09798  377 ILE A CG2 
16  C  CD1 . ILE A 4  ? 0.69457 0.46645 1.21767 -0.08640 0.20576  0.06572  377 ILE A CD1 
17  N  N   . LEU A 5  ? 0.49199 0.34546 0.82519 -0.01732 0.00852  0.03495  378 LEU A N   
18  C  CA  . LEU A 5  ? 0.50075 0.36191 0.76028 -0.00561 -0.01894 0.03801  378 LEU A CA  
19  C  C   . LEU A 5  ? 0.59076 0.41049 0.76146 -0.00704 0.01012  0.06757  378 LEU A C   
20  O  O   . LEU A 5  ? 0.57049 0.42480 0.70728 -0.00724 0.00389  0.06036  378 LEU A O   
21  C  CB  . LEU A 5  ? 0.76960 0.58832 0.99822 0.01553  -0.06188 0.04714  378 LEU A CB  
22  C  CG  . LEU A 5  ? 0.73185 0.61728 1.03544 0.01878  -0.09880 0.00594  378 LEU A CG  
23  C  CD1 . LEU A 5  ? 0.78733 0.62966 1.06843 0.04177  -0.14317 0.01546  378 LEU A CD1 
24  C  CD2 . LEU A 5  ? 0.64107 0.60128 0.94021 0.00959  -0.10516 -0.02036 378 LEU A CD2 
25  N  N   . TYR A 6  ? 0.61831 0.36283 0.75196 -0.01038 0.04587  0.09905  379 TYR A N   
26  C  CA  . TYR A 6  ? 0.69849 0.39905 0.74815 -0.01502 0.08183  0.12355  379 TYR A CA  
27  C  C   . TYR A 6  ? 0.62689 0.39607 0.72929 -0.02942 0.11038  0.10262  379 TYR A C   
28  O  O   . TYR A 6  ? 0.65584 0.43261 0.70635 -0.02821 0.11557  0.10471  379 TYR A O   
29  C  CB  . TYR A 6  ? 0.88933 0.49666 0.89662 -0.02191 0.12290  0.15722  379 TYR A CB  
30  C  CG  . TYR A 6  ? 1.03527 0.59888 0.96981 -0.03303 0.17478  0.17634  379 TYR A CG  
31  C  CD1 . TYR A 6  ? 1.16765 0.65498 0.96885 -0.02676 0.17193  0.20423  379 TYR A CD1 
32  C  CD2 . TYR A 6  ? 0.93185 0.52920 0.93451 -0.05085 0.22666  0.16411  379 TYR A CD2 
33  C  CE1 . TYR A 6  ? 1.22838 0.67316 0.96199 -0.03942 0.22453  0.21754  379 TYR A CE1 
34  C  CE2 . TYR A 6  ? 1.04523 0.60325 0.99267 -0.06167 0.27895  0.17719  379 TYR A CE2 
35  C  CZ  . TYR A 6  ? 1.21060 0.70133 1.02463 -0.05541 0.27521  0.19908  379 TYR A CZ  
36  O  OH  . TYR A 6  ? 1.33075 0.81129 1.10148 -0.06312 0.31328  0.19468  379 TYR A OH  
37  N  N   . ASP A 7  ? 0.53902 0.35512 0.74618 -0.04335 0.12760  0.08263  380 ASP A N   
38  C  CA  . ASP A 7  ? 0.62035 0.50590 0.89075 -0.05658 0.14324  0.06096  380 ASP A CA  
39  C  C   . ASP A 7  ? 0.46286 0.41268 0.72587 -0.05177 0.10184  0.03969  380 ASP A C   
40  O  O   . ASP A 7  ? 0.41717 0.39364 0.67156 -0.05519 0.11002  0.03629  380 ASP A O   
41  C  CB  . ASP A 7  ? 0.63498 0.56364 1.02087 -0.07207 0.15341  0.03939  380 ASP A CB  
42  C  CG  . ASP A 7  ? 0.66919 0.54181 1.07579 -0.08141 0.20283  0.05765  380 ASP A CG  
43  O  OD1 . ASP A 7  ? 0.69391 0.48816 1.01710 -0.07724 0.23073  0.08848  380 ASP A OD1 
44  O  OD2 . ASP A 7  ? 0.74842 0.65382 1.25232 -0.09536 0.21449  0.04012  380 ASP A OD2 
45  N  N   . LEU A 8  ? 0.39112 0.36680 0.66466 -0.04529 0.05894  0.02309  381 LEU A N   
46  C  CA  . LEU A 8  ? 0.32342 0.35474 0.58550 -0.04313 0.02122  0.00193  381 LEU A CA  
47  C  C   . LEU A 8  ? 0.37153 0.37222 0.53776 -0.03144 0.01865  0.02099  381 LEU A C   
48  O  O   . LEU A 8  ? 0.30367 0.34284 0.46187 -0.03555 0.01363  0.01184  381 LEU A O   
49  C  CB  . LEU A 8  ? 0.37360 0.42229 0.65574 -0.03699 -0.01726 -0.01755 381 LEU A CB  
50  C  CG  . LEU A 8  ? 0.46862 0.56948 0.73529 -0.03653 -0.05367 -0.04112 381 LEU A CG  
51  C  CD1 . LEU A 8  ? 0.39702 0.56462 0.70590 -0.05690 -0.05261 -0.06423 381 LEU A CD1 
52  C  CD2 . LEU A 8  ? 0.51132 0.62504 0.80862 -0.03074 -0.08473 -0.06316 381 LEU A CD2 
53  N  N   . GLN A 9  ? 0.41836 0.34479 0.50800 -0.01793 0.02085  0.04835  382 GLN A N   
54  C  CA  . GLN A 9  ? 0.49545 0.38294 0.48486 -0.00896 0.02140  0.06710  382 GLN A CA  
55  C  C   . GLN A 9  ? 0.46919 0.35416 0.45115 -0.01895 0.06619  0.07369  382 GLN A C   
56  O  O   . GLN A 9  ? 0.46999 0.36822 0.41087 -0.01671 0.06213  0.07125  382 GLN A O   
57  C  CB  . GLN A 9  ? 0.65695 0.45320 0.56083 0.00332  0.01738  0.09812  382 GLN A CB  
58  C  CG  . GLN A 9  ? 0.84322 0.57705 0.63215 0.00687  0.03343  0.12258  382 GLN A CG  
59  C  CD  . GLN A 9  ? 1.09107 0.72969 0.78459 0.01728  0.01834  0.15390  382 GLN A CD  
60  O  OE1 . GLN A 9  ? 1.16009 0.79370 0.83199 0.03187  -0.03333 0.15304  382 GLN A OE1 
61  N  NE2 . GLN A 9  ? 1.18388 0.74358 0.82161 0.00843  0.06261  0.18148  382 GLN A NE2 
62  N  N   . GLN A 10 ? 0.50359 0.36872 0.52798 -0.03002 0.11102  0.08121  383 GLN A N   
63  C  CA  . GLN A 10 ? 0.50433 0.36843 0.53591 -0.03950 0.15699  0.08381  383 GLN A CA  
64  C  C   . GLN A 10 ? 0.40665 0.35618 0.51571 -0.04600 0.14251  0.05740  383 GLN A C   
65  O  O   . GLN A 10 ? 0.40631 0.36391 0.49910 -0.04628 0.15601  0.05639  383 GLN A O   
66  C  CB  . GLN A 10 ? 0.66883 0.49666 0.74217 -0.05200 0.21020  0.09406  383 GLN A CB  
67  C  CG  . GLN A 10 ? 0.91686 0.64962 0.90991 -0.04979 0.22852  0.12377  383 GLN A CG  
68  C  CD  . GLN A 10 ? 1.10444 0.77342 0.96160 -0.03827 0.21370  0.14490  383 GLN A CD  
69  O  OE1 . GLN A 10 ? 1.21039 0.84600 1.01510 -0.02627 0.17308  0.15664  383 GLN A OE1 
70  N  NE2 . GLN A 10 ? 1.09041 0.74022 0.89356 -0.04213 0.24541  0.14856  383 GLN A NE2 
71  N  N   . ASN A 11 ? 0.33808 0.34735 0.52791 -0.05235 0.11398  0.03579  384 ASN A N   
72  C  CA  . ASN A 11 ? 0.35510 0.43938 0.60606 -0.06097 0.09040  0.01216  384 ASN A CA  
73  C  C   . ASN A 11 ? 0.39904 0.50052 0.58690 -0.05310 0.05676  0.00803  384 ASN A C   
74  O  O   . ASN A 11 ? 0.29913 0.42929 0.49866 -0.05655 0.05495  0.00246  384 ASN A O   
75  C  CB  . ASN A 11 ? 0.28970 0.42266 0.61712 -0.07195 0.06477  -0.01039 384 ASN A CB  
76  C  CG  . ASN A 11 ? 0.51517 0.64769 0.91897 -0.08212 0.09302  -0.01294 384 ASN A CG  
77  O  OD1 . ASN A 11 ? 0.59644 0.69058 1.00678 -0.08292 0.13802  0.00321  384 ASN A OD1 
78  N  ND2 . ASN A 11 ? 0.54418 0.69734 0.95786 -0.08212 0.06340  -0.03106 384 ASN A ND2 
79  N  N   . LEU A 12 ? 0.30226 0.38743 0.43093 -0.04275 0.02801  0.00950  385 LEU A N   
80  C  CA  . LEU A 12 ? 0.27567 0.37533 0.34524 -0.03599 -0.00349 0.00434  385 LEU A CA  
81  C  C   . LEU A 12 ? 0.30909 0.36845 0.30968 -0.02860 0.01957  0.02212  385 LEU A C   
82  O  O   . LEU A 12 ? 0.29424 0.38048 0.28289 -0.02972 0.00848  0.01497  385 LEU A O   
83  C  CB  . LEU A 12 ? 0.30199 0.38564 0.33172 -0.02518 -0.03554 0.00253  385 LEU A CB  
84  C  CG  . LEU A 12 ? 0.31516 0.44625 0.41511 -0.03387 -0.05959 -0.02323 385 LEU A CG  
85  C  CD1 . LEU A 12 ? 0.28101 0.39226 0.36086 -0.02120 -0.08733 -0.02635 385 LEU A CD1 
86  C  CD2 . LEU A 12 ? 0.29209 0.47782 0.41095 -0.04626 -0.07902 -0.04436 385 LEU A CD2 
87  N  N   . SER A 13 ? 0.39615 0.38611 0.34547 -0.02266 0.05246  0.04492  386 SER A N   
88  C  CA  . SER A 13 ? 0.43641 0.38021 0.31356 -0.01891 0.08177  0.05948  386 SER A CA  
89  C  C   . SER A 13 ? 0.48637 0.46261 0.42766 -0.02811 0.11210  0.05047  386 SER A C   
90  O  O   . SER A 13 ? 0.42797 0.40467 0.33832 -0.02561 0.11676  0.04859  386 SER A O   
91  C  CB  . SER A 13 ? 0.67433 0.53211 0.48352 -0.01677 0.11612  0.08491  386 SER A CB  
92  O  OG  . SER A 13 ? 0.83507 0.64793 0.58376 -0.01894 0.15677  0.09482  386 SER A OG  
93  N  N   . SER A 14 ? 0.37283 0.37705 0.41062 -0.03855 0.13045  0.04337  387 SER A N   
94  C  CA  . SER A 14 ? 0.44519 0.48632 0.56451 -0.04673 0.15147  0.03263  387 SER A CA  
95  C  C   . SER A 14 ? 0.31480 0.41875 0.46281 -0.04790 0.10632  0.01623  387 SER A C   
96  O  O   . SER A 14 ? 0.32046 0.43473 0.48165 -0.04720 0.11432  0.01308  387 SER A O   
97  C  CB  . SER A 14 ? 0.46794 0.52842 0.69048 -0.05841 0.17269  0.02680  387 SER A CB  
98  O  OG  . SER A 14 ? 0.57568 0.66070 0.87400 -0.06346 0.19325  0.01748  387 SER A OG  
99  N  N   . SER A 15 ? 0.20160 0.34419 0.35805 -0.05108 0.06013  0.00496  388 SER A N   
100 C  CA  . SER A 15 ? 0.24582 0.43783 0.40767 -0.05547 0.01691  -0.00900 388 SER A CA  
101 C  C   . SER A 15 ? 0.27721 0.44725 0.35325 -0.04489 0.00963  -0.00299 388 SER A C   
102 O  O   . SER A 15 ? 0.25423 0.44474 0.34145 -0.04667 0.00044  -0.00725 388 SER A O   
103 C  CB  . SER A 15 ? 0.26460 0.49080 0.43799 -0.06340 -0.02241 -0.02415 388 SER A CB  
104 O  OG  . SER A 15 ? 0.28045 0.49681 0.50710 -0.06632 -0.01855 -0.01983 388 SER A OG  
105 N  N   . HIS A 16 ? 0.28225 0.40698 0.27346 -0.03385 0.01199  0.00745  389 HIS A N   
106 C  CA  . HIS A 16 ? 0.37035 0.47250 0.27963 -0.02496 0.00412  0.01169  389 HIS A CA  
107 C  C   . HIS A 16 ? 0.40389 0.47713 0.30543 -0.02261 0.04499  0.01910  389 HIS A C   
108 O  O   . HIS A 16 ? 0.40895 0.49011 0.28907 -0.02052 0.03593  0.01469  389 HIS A O   
109 C  CB  . HIS A 16 ? 0.40895 0.46471 0.23139 -0.01405 -0.00620 0.02167  389 HIS A CB  
110 C  CG  . HIS A 16 ? 0.50885 0.58952 0.35239 -0.01353 -0.04615 0.00832  389 HIS A CG  
111 N  ND1 . HIS A 16 ? 0.43796 0.49646 0.25590 -0.00800 -0.05531 0.01563  389 HIS A ND1 
112 C  CD2 . HIS A 16 ? 0.38156 0.46790 0.28519 -0.01403 -0.06213 -0.00880 389 HIS A CD2 
113 C  CE1 . HIS A 16 ? 0.44450 0.51075 0.31432 -0.00658 -0.07874 -0.00356 389 HIS A CE1 
114 N  NE2 . HIS A 16 ? 0.45068 0.52162 0.36436 -0.01116 -0.07591 -0.01369 389 HIS A NE2 
115 N  N   . ARG A 17 ? 0.40030 0.43856 0.32160 -0.02422 0.09294  0.02838  390 ARG A N   
116 C  CA  . ARG A 17 ? 0.42303 0.43682 0.35312 -0.02475 0.13988  0.02999  390 ARG A CA  
117 C  C   . ARG A 17 ? 0.37408 0.44489 0.39877 -0.02910 0.12784  0.01572  390 ARG A C   
118 O  O   . ARG A 17 ? 0.34358 0.40704 0.36368 -0.02591 0.14244  0.01222  390 ARG A O   
119 C  CB  . ARG A 17 ? 0.48868 0.46231 0.44200 -0.03040 0.19634  0.03844  390 ARG A CB  
120 C  CG  . ARG A 17 ? 0.46652 0.40602 0.42159 -0.03264 0.25342  0.03671  390 ARG A CG  
121 C  CD  . ARG A 17 ? 0.65872 0.54040 0.59394 -0.03646 0.29041  0.04354  390 ARG A CD  
122 N  NE  . ARG A 17 ? 0.76607 0.62903 0.73652 -0.03898 0.32856  0.03206  390 ARG A NE  
123 C  CZ  . ARG A 17 ? 0.88307 0.70004 0.78189 -0.03709 0.34418  0.03059  390 ARG A CZ  
124 N  NH1 . ARG A 17 ? 0.87809 0.66748 0.67100 -0.03158 0.31637  0.03998  390 ARG A NH1 
125 N  NH2 . ARG A 17 ? 0.90512 0.70486 0.84503 -0.04127 0.38350  0.01763  390 ARG A NH2 
126 N  N   . ALA A 18 ? 0.27293 0.39690 0.38471 -0.03718 0.10049  0.00720  391 ALA A N   
127 C  CA  . ALA A 18 ? 0.25755 0.43107 0.45791 -0.04254 0.08030  -0.00383 391 ALA A CA  
128 C  C   . ALA A 18 ? 0.19699 0.38727 0.35035 -0.04008 0.03807  -0.00733 391 ALA A C   
129 O  O   . ALA A 18 ? 0.23213 0.43025 0.41558 -0.03798 0.03776  -0.01058 391 ALA A O   
130 C  CB  . ALA A 18 ? 0.25581 0.47618 0.54266 -0.05462 0.05406  -0.01183 391 ALA A CB  
131 N  N   . LEU A 19 ? 0.23810 0.43225 0.32197 -0.04046 0.00376  -0.00780 392 LEU A N   
132 C  CA  . LEU A 19 ? 0.22940 0.43557 0.26183 -0.04011 -0.03287 -0.01191 392 LEU A CA  
133 C  C   . LEU A 19 ? 0.28182 0.44735 0.25546 -0.02877 -0.00809 -0.00675 392 LEU A C   
134 O  O   . LEU A 19 ? 0.28570 0.46173 0.26452 -0.02863 -0.02235 -0.01043 392 LEU A O   
135 C  CB  . LEU A 19 ? 0.25904 0.42150 0.23942 -0.03225 -0.04581 -0.01168 392 LEU A CB  
136 C  CG  . LEU A 19 ? 0.33859 0.48670 0.35273 -0.03305 -0.05353 -0.01565 392 LEU A CG  
137 C  CD1 . LEU A 19 ? 0.35387 0.49349 0.34404 -0.03068 -0.05078 -0.01643 392 LEU A CD1 
138 C  CD2 . LEU A 19 ? 0.40770 0.55392 0.42297 -0.03510 -0.05806 -0.01623 392 LEU A CD2 
139 N  N   . GLU A 20 ? 0.31464 0.42896 0.22669 -0.02069 0.02783  0.00183  393 GLU A N   
140 C  CA  . GLU A 20 ? 0.39995 0.46712 0.24582 -0.01276 0.05703  0.00520  393 GLU A CA  
141 C  C   . GLU A 20 ? 0.40031 0.47331 0.31750 -0.01310 0.08632  -0.00082 393 GLU A C   
142 O  O   . GLU A 20 ? 0.37858 0.44597 0.27581 -0.00938 0.08291  -0.00573 393 GLU A O   
143 C  CB  . GLU A 20 ? 0.60178 0.60641 0.37814 -0.00905 0.09663  0.01700  393 GLU A CB  
144 C  CG  . GLU A 20 ? 0.70000 0.71035 0.44396 -0.00430 0.05408  0.02102  393 GLU A CG  
145 C  CD  . GLU A 20 ? 0.94113 0.89714 0.64051 -0.00331 0.07685  0.03080  393 GLU A CD  
146 O  OE1 . GLU A 20 ? 1.04167 0.95563 0.72859 -0.00506 0.12208  0.03247  393 GLU A OE1 
147 O  OE2 . GLU A 20 ? 0.90436 0.86143 0.58940 -0.00163 0.05181  0.03529  393 GLU A OE2 
148 N  N   . LYS A 21 ? 0.35726 0.44102 0.36507 -0.01739 0.11587  -0.00209 394 LYS A N   
149 C  CA  . LYS A 21 ? 0.28712 0.37838 0.38228 -0.01688 0.14543  -0.01067 394 LYS A CA  
150 C  C   . LYS A 21 ? 0.26651 0.40533 0.42080 -0.01755 0.09555  -0.01701 394 LYS A C   
151 O  O   . LYS A 21 ? 0.24269 0.37611 0.42256 -0.01259 0.10557  -0.02331 394 LYS A O   
152 C  CB  . LYS A 21 ? 0.40245 0.50235 0.59626 -0.02272 0.18171  -0.01285 394 LYS A CB  
153 N  N   . GLN A 22 ? 0.25255 0.43338 0.42499 -0.02513 0.04221  -0.01582 395 GLN A N   
154 C  CA  . GLN A 22 ? 0.33167 0.54984 0.53928 -0.03015 -0.01140 -0.01877 395 GLN A CA  
155 C  C   . GLN A 22 ? 0.29514 0.49549 0.42274 -0.02520 -0.02675 -0.01872 395 GLN A C   
156 O  O   . GLN A 22 ? 0.32899 0.53636 0.49401 -0.02361 -0.04218 -0.02100 395 GLN A O   
157 C  CB  . GLN A 22 ? 0.39890 0.62637 0.59498 -0.03950 -0.05571 -0.01510 395 GLN A CB  
158 C  CG  . GLN A 22 ? 0.49110 0.65724 0.67940 -0.02990 -0.08312 -0.01917 395 GLN A CG  
159 C  CD  . GLN A 22 ? 0.49057 0.66104 0.65204 -0.02891 -0.08703 -0.03412 395 GLN A CD  
160 O  OE1 . GLN A 22 ? 0.47466 0.63370 0.62179 -0.03530 -0.08626 -0.01994 395 GLN A OE1 
161 N  NE2 . GLN A 22 ? 0.44690 0.65062 0.59497 -0.03944 -0.09279 -0.03179 395 GLN A NE2 
162 N  N   . ILE A 23 ? 0.29593 0.47403 0.31839 -0.02313 -0.02810 -0.01642 396 ILE A N   
163 C  CA  . ILE A 23 ? 0.34611 0.50504 0.29061 -0.01897 -0.04039 -0.01801 396 ILE A CA  
164 C  C   . ILE A 23 ? 0.41872 0.53994 0.36261 -0.00888 0.00474  -0.02105 396 ILE A C   
165 O  O   . ILE A 23 ? 0.37138 0.48904 0.31335 -0.00634 -0.00595 -0.02533 396 ILE A O   
166 C  CB  . ILE A 23 ? 0.39489 0.48657 0.27691 -0.01182 -0.03762 -0.01180 396 ILE A CB  
167 C  CG1 . ILE A 23 ? 0.42645 0.52337 0.34702 -0.01585 -0.05044 -0.01029 396 ILE A CG1 
168 C  CG2 . ILE A 23 ? 0.42802 0.47233 0.27483 -0.00568 -0.03757 -0.01144 396 ILE A CG2 
169 C  CD1 . ILE A 23 ? 0.32520 0.41114 0.22753 -0.01390 -0.04543 -0.00896 396 ILE A CD1 
170 N  N   . ASP A 24 ? 0.37491 0.46516 0.32358 -0.00490 0.05871  -0.02035 397 ASP A N   
171 C  CA  . ASP A 24 ? 0.51430 0.56650 0.46584 0.00118  0.11030  -0.02759 397 ASP A CA  
172 C  C   . ASP A 24 ? 0.40141 0.48198 0.47003 0.00301  0.10585  -0.03613 397 ASP A C   
173 O  O   . ASP A 24 ? 0.36784 0.42938 0.43375 0.00841  0.11981  -0.04462 397 ASP A O   
174 C  CB  . ASP A 24 ? 0.67414 0.68807 0.61829 0.00005  0.17269  -0.02618 397 ASP A CB  
175 C  CG  . ASP A 24 ? 1.07365 1.06025 1.06427 0.00179  0.23386  -0.03900 397 ASP A CG  
176 O  OD1 . ASP A 24 ? 1.16442 1.16608 1.26152 -0.00092 0.26569  -0.04460 397 ASP A OD1 
177 O  OD2 . ASP A 24 ? 1.27955 1.22935 1.20355 0.00489  0.25202  -0.04596 397 ASP A OD2 
178 N  N   . THR A 25 ? 0.31977 0.44323 0.49625 -0.00130 0.08553  -0.03486 398 THR A N   
179 C  CA  . THR A 25 ? 0.37249 0.52128 0.66724 0.00136  0.07208  -0.04151 398 THR A CA  
180 C  C   . THR A 25 ? 0.36316 0.52454 0.63358 0.00075  0.01432  -0.03807 398 THR A C   
181 O  O   . THR A 25 ? 0.29519 0.45350 0.62166 0.00690  0.01213  -0.04401 398 THR A O   
182 C  CB  . THR A 25 ? 0.44517 0.63557 0.85716 -0.00458 0.05443  -0.04026 398 THR A CB  
183 O  OG1 . THR A 25 ? 0.62805 0.84856 1.00864 -0.01495 -0.00568 -0.03071 398 THR A OG1 
184 C  CG2 . THR A 25 ? 0.37538 0.55165 0.80963 -0.00609 0.11284  -0.04348 398 THR A CG2 
185 N  N   . LEU A 26 ? 0.33249 0.50652 0.52464 -0.00761 -0.03119 -0.02973 399 LEU A N   
186 C  CA  . LEU A 26 ? 0.35935 0.53685 0.50668 -0.01143 -0.07879 -0.02693 399 LEU A CA  
187 C  C   . LEU A 26 ? 0.33757 0.47543 0.41875 -0.00218 -0.05130 -0.03361 399 LEU A C   
188 O  O   . LEU A 26 ? 0.35185 0.48528 0.45110 -0.00004 -0.07043 -0.03552 399 LEU A O   
189 C  CB  . LEU A 26 ? 0.41181 0.56727 0.47518 -0.02083 -0.10730 -0.01692 399 LEU A CB  
190 C  CG  . LEU A 26 ? 0.55213 0.65238 0.57565 -0.00858 -0.11202 -0.02261 399 LEU A CG  
191 C  CD1 . LEU A 26 ? 0.64583 0.80888 0.71099 -0.01834 -0.11294 -0.01958 399 LEU A CD1 
192 C  CD2 . LEU A 26 ? 0.61577 0.71425 0.61148 -0.01479 -0.10640 -0.01779 399 LEU A CD2 
193 N  N   . ALA A 27 ? 0.28324 0.38744 0.28349 0.00238  -0.00848 -0.03692 400 ALA A N   
194 C  CA  . ALA A 27 ? 0.46374 0.52442 0.39822 0.00946  0.02224  -0.04550 400 ALA A CA  
195 C  C   . ALA A 27 ? 0.42630 0.47557 0.44957 0.01700  0.05697  -0.05685 400 ALA A C   
196 O  O   . ALA A 27 ? 0.45728 0.48963 0.46936 0.02097  0.05417  -0.06432 400 ALA A O   
197 C  CB  . ALA A 27 ? 0.53070 0.55011 0.36871 0.01110  0.06401  -0.04569 400 ALA A CB  
198 N  N   . GLY A 28 ? 0.38303 0.44128 0.50242 0.01884  0.09163  -0.06058 401 GLY A N   
199 C  CA  . GLY A 28 ? 0.38476 0.43567 0.60705 0.02616  0.12770  -0.07545 401 GLY A CA  
200 C  C   . GLY A 28 ? 0.34714 0.42674 0.65849 0.02934  0.07414  -0.07358 401 GLY A C   
201 O  O   . GLY A 28 ? 0.43661 0.49976 0.79174 0.03700  0.08936  -0.08591 401 GLY A O   
202 N  N   . LYS A 29 ? 0.36158 0.47969 0.69733 0.02214  0.01033  -0.05839 402 LYS A N   
203 C  CA  . LYS A 29 ? 0.39696 0.53364 0.79696 0.02171  -0.04915 -0.05196 402 LYS A CA  
204 C  C   . LYS A 29 ? 0.41488 0.52594 0.72938 0.02210  -0.06732 -0.05201 402 LYS A C   
205 O  O   . LYS A 29 ? 0.38730 0.49205 0.75964 0.02738  -0.08718 -0.05387 402 LYS A O   
206 C  CB  . LYS A 29 ? 0.34139 0.51519 0.75355 0.00846  -0.11232 -0.03567 402 LYS A CB  
207 C  CG  . LYS A 29 ? 0.40640 0.58866 0.88890 0.00736  -0.09576 -0.03457 402 LYS A CG  
208 C  CD  . LYS A 29 ? 0.36950 0.54218 0.78247 -0.00508 -0.13030 -0.01780 402 LYS A CD  
209 C  CE  . LYS A 29 ? 0.42285 0.59824 0.91244 -0.00405 -0.11992 -0.02034 402 LYS A CE  
210 N  NZ  . LYS A 29 ? 0.51398 0.67481 0.98521 -0.01004 -0.15325 -0.00982 402 LYS A NZ  
211 N  N   . LEU A 30 ? 0.44196 0.53766 0.62462 0.01652  -0.06370 -0.05025 403 LEU A N   
212 C  CA  . LEU A 30 ? 0.37868 0.44980 0.47884 0.01577  -0.07781 -0.05276 403 LEU A CA  
213 C  C   . LEU A 30 ? 0.45753 0.48949 0.55967 0.02744  -0.02324 -0.07087 403 LEU A C   
214 O  O   . LEU A 30 ? 0.43502 0.45033 0.53831 0.03026  -0.03636 -0.07574 403 LEU A O   
215 C  CB  . LEU A 30 ? 0.50132 0.56804 0.47084 0.00720  -0.08761 -0.04917 403 LEU A CB  
216 C  CG  . LEU A 30 ? 0.61444 0.69411 0.54314 -0.01357 -0.12320 -0.02935 403 LEU A CG  
217 C  CD1 . LEU A 30 ? 0.62704 0.66506 0.49318 -0.03012 -0.08842 -0.01556 403 LEU A CD1 
218 C  CD2 . LEU A 30 ? 0.58905 0.66168 0.54323 -0.01042 -0.14059 -0.03047 403 LEU A CD2 
219 N  N   . ASP A 31 ? 0.42917 0.44109 0.52378 0.03212  0.04039  -0.08200 404 ASP A N   
220 C  CA  . ASP A 31 ? 0.43945 0.41195 0.54516 0.04001  0.09943  -0.10310 404 ASP A CA  
221 C  C   . ASP A 31 ? 0.50185 0.48752 0.75546 0.04867  0.09542  -0.11132 404 ASP A C   
222 O  O   . ASP A 31 ? 0.53990 0.50164 0.80500 0.05435  0.10472  -0.12449 404 ASP A O   
223 C  CB  . ASP A 31 ? 0.59276 0.53857 0.67318 0.03929  0.17172  -0.11327 404 ASP A CB  
224 C  CG  . ASP A 31 ? 0.68616 0.60954 0.61802 0.03211  0.17389  -0.10405 404 ASP A CG  
225 O  OD1 . ASP A 31 ? 0.70729 0.62499 0.54550 0.02942  0.13491  -0.09843 404 ASP A OD1 
226 O  OD2 . ASP A 31 ? 0.69801 0.60574 0.60874 0.02886  0.21621  -0.10328 404 ASP A OD2 
227 N  N   . ALA A 32 ? 0.45773 0.48112 0.82975 0.04983  0.07682  -0.10399 405 ALA A N   
228 C  CA  . ALA A 32 ? 0.46110 0.50069 0.98791 0.05885  0.05971  -0.10929 405 ALA A CA  
229 C  C   . ALA A 32 ? 0.39095 0.42709 0.91141 0.05943  -0.00329 -0.09926 405 ALA A C   
230 O  O   . ALA A 32 ? 0.48161 0.50016 1.07110 0.06930  0.00534  -0.11232 405 ALA A O   
231 C  CB  . ALA A 32 ? 0.46852 0.55161 1.10392 0.05686  0.03075  -0.09823 405 ALA A CB  
232 N  N   . LEU A 33 ? 0.34778 0.39857 0.78943 0.04750  -0.06588 -0.07703 406 LEU A N   
233 C  CA  . LEU A 33 ? 0.39274 0.43441 0.81424 0.04374  -0.12404 -0.06590 406 LEU A CA  
234 C  C   . LEU A 33 ? 0.47582 0.47726 0.82847 0.04854  -0.09165 -0.08190 406 LEU A C   
235 O  O   . LEU A 33 ? 0.45522 0.43927 0.86163 0.05509  -0.10601 -0.08611 406 LEU A O   
236 C  CB  . LEU A 33 ? 0.48842 0.54733 0.81710 0.02553  -0.18291 -0.04409 406 LEU A CB  
237 C  CG  . LEU A 33 ? 0.58584 0.62525 0.86712 0.01584  -0.23174 -0.03039 406 LEU A CG  
238 C  CD1 . LEU A 33 ? 0.64561 0.66687 1.03142 0.02223  -0.25150 -0.02475 406 LEU A CD1 
239 C  CD2 . LEU A 33 ? 0.68526 0.72302 0.84633 -0.00368 -0.21903 -0.00932 406 LEU A CD2 
240 N  N   . THR A 34 ? 0.52713 0.51033 0.76275 0.04532  -0.04926 -0.09141 407 THR A N   
241 C  CA  . THR A 34 ? 0.51621 0.45899 0.67190 0.04721  -0.02262 -0.10725 407 THR A CA  
242 C  C   . THR A 34 ? 0.55750 0.47409 0.80142 0.06039  0.02993  -0.13209 407 THR A C   
243 O  O   . THR A 34 ? 0.54116 0.42905 0.77215 0.06338  0.03133  -0.14352 407 THR A O   
244 C  CB  . THR A 34 ? 0.49062 0.41684 0.50934 0.04108  0.00961  -0.11190 407 THR A CB  
245 O  OG1 . THR A 34 ? 0.42942 0.38275 0.38277 0.02943  -0.04098 -0.09211 407 THR A OG1 
246 C  CG2 . THR A 34 ? 0.65793 0.54083 0.58435 0.04084  0.03108  -0.12851 407 THR A CG2 
247 N  N   . GLU A 35 ? 0.60553 0.53152 0.94658 0.06737  0.07516  -0.14308 408 GLU A N   
248 C  CA  . GLU A 35 ? 0.68429 0.59053 1.13375 0.07902  0.12623  -0.17021 408 GLU A CA  
249 C  C   . GLU A 35 ? 0.65414 0.57326 1.23286 0.08821  0.07252  -0.16421 408 GLU A C   
250 O  O   . GLU A 35 ? 0.79324 0.68476 1.40786 0.09578  0.08645  -0.18176 408 GLU A O   
251 C  CB  . GLU A 35 ? 0.80692 0.72382 1.34048 0.08176  0.18722  -0.18415 408 GLU A CB  
252 C  CG  . GLU A 35 ? 1.01794 0.89528 1.44956 0.07346  0.26953  -0.20319 408 GLU A CG  
253 C  CD  . GLU A 35 ? 1.19713 1.02901 1.53357 0.07041  0.29063  -0.21829 408 GLU A CD  
254 O  OE1 . GLU A 35 ? 1.23840 1.04346 1.42671 0.06537  0.28506  -0.21621 408 GLU A OE1 
255 O  OE2 . GLU A 35 ? 1.26177 1.08664 1.67019 0.07077  0.30943  -0.23151 408 GLU A OE2 
256 N  N   . LEU A 36 ? 0.53906 0.49640 1.19007 0.08702  0.00979  -0.13973 409 LEU A N   
257 C  CA  . LEU A 36 ? 0.63310 0.59774 1.39210 0.09316  -0.05622 -0.12682 409 LEU A CA  
258 C  C   . LEU A 36 ? 0.64150 0.57311 1.32675 0.09055  -0.08573 -0.12320 409 LEU A C   
259 O  O   . LEU A 36 ? 0.71647 0.62772 1.48891 0.10174  -0.08856 -0.13416 409 LEU A O   
260 C  CB  . LEU A 36 ? 0.49307 0.49379 1.26912 0.08370  -0.13074 -0.09509 409 LEU A CB  
261 C  CG  . LEU A 36 ? 0.57745 0.57407 1.43059 0.07320  -0.18986 -0.07976 409 LEU A CG  
262 C  CD1 . LEU A 36 ? 0.65680 0.65896 1.64395 0.07545  -0.14964 -0.10031 409 LEU A CD1 
263 C  CD2 . LEU A 36 ? 0.45295 0.44809 1.25369 0.05128  -0.24884 -0.05035 409 LEU A CD2 
264 N  N   . LEU A 37 ? 0.57918 0.50525 1.10996 0.07551  -0.10783 -0.10922 410 LEU A N   
265 C  CA  . LEU A 37 ? 0.47753 0.37300 0.93253 0.07011  -0.13492 -0.10637 410 LEU A CA  
266 C  C   . LEU A 37 ? 0.53339 0.39051 0.95761 0.07781  -0.06835 -0.13877 410 LEU A C   
267 O  O   . LEU A 37 ? 0.55560 0.38402 0.99962 0.08185  -0.07882 -0.14606 410 LEU A O   
268 C  CB  . LEU A 37 ? 0.49229 0.39627 0.79954 0.05052  -0.17107 -0.08703 410 LEU A CB  
269 C  CG  . LEU A 37 ? 0.51367 0.44874 0.84217 0.03838  -0.24002 -0.05652 410 LEU A CG  
270 C  CD1 . LEU A 37 ? 0.51989 0.47140 0.71613 0.01899  -0.25786 -0.04470 410 LEU A CD1 
271 C  CD2 . LEU A 37 ? 0.68799 0.60559 1.06672 0.03496  -0.30476 -0.03852 410 LEU A CD2 
272 N  N   . SER A 38 ? 0.58562 0.43649 0.95771 0.07834  0.00071  -0.15888 411 SER A N   
273 C  CA  . SER A 38 ? 0.75091 0.55819 1.06181 0.08022  0.06171  -0.18942 411 SER A CA  
274 C  C   . SER A 38 ? 0.77452 0.56231 1.22123 0.09471  0.09819  -0.21613 411 SER A C   
275 O  O   . SER A 38 ? 0.81933 0.56881 1.23550 0.09595  0.12339  -0.23801 411 SER A O   
276 C  CB  . SER A 38 ? 0.81659 0.61286 1.03130 0.07455  0.12504  -0.20256 411 SER A CB  
277 O  OG  . SER A 38 ? 0.89161 0.69320 0.96378 0.06208  0.09362  -0.18453 411 SER A OG  
278 N  N   . THR A 39 ? 0.73202 0.54606 1.33450 0.10534  0.10074  -0.21676 412 THR A N   
279 C  CA  . THR A 39 ? 0.78589 0.60605 1.49839 0.10739  0.12431  -0.22816 412 THR A CA  
280 C  C   . THR A 39 ? 0.76545 0.59021 1.55964 0.11269  0.05250  -0.21093 412 THR A C   
281 O  O   . THR A 39 ? 0.93417 0.74430 1.77310 0.11503  0.06612  -0.22451 412 THR A O   
282 C  CB  . THR A 39 ? 0.75196 0.61064 1.57431 0.10322  0.15704  -0.23056 412 THR A CB  
283 O  OG1 . THR A 39 ? 0.86157 0.71180 1.59768 0.09475  0.22014  -0.24108 412 THR A OG1 
284 C  CG2 . THR A 39 ? 0.73860 0.59987 1.67374 0.10130  0.18973  -0.25003 412 THR A CG2 
285 N  N   . ALA A 40 ? 0.64274 0.48561 1.44850 0.11173  -0.02542 -0.17947 413 ALA A N   
286 C  CA  . ALA A 40 ? 0.64502 0.48945 1.50867 0.11037  -0.09951 -0.15670 413 ALA A CA  
287 C  C   . ALA A 40 ? 0.67312 0.47066 1.43867 0.10899  -0.12394 -0.15525 413 ALA A C   
288 O  O   . ALA A 40 ? 0.71395 0.50155 1.52555 0.10870  -0.15876 -0.14711 413 ALA A O   
289 C  CB  . ALA A 40 ? 0.55381 0.42991 1.44079 0.10086  -0.17479 -0.12140 413 ALA A CB  
290 N  N   . LEU A 41 ? 0.61529 0.38965 1.23652 0.10216  -0.10469 -0.16278 414 LEU A N   
291 C  CA  . LEU A 41 ? 0.71776 0.46506 1.21922 0.08881  -0.13783 -0.15313 414 LEU A CA  
292 C  C   . LEU A 41 ? 0.72046 0.43079 1.13547 0.08803  -0.07700 -0.18667 414 LEU A C   
293 O  O   . LEU A 41 ? 0.76481 0.46978 1.16392 0.09242  -0.00538 -0.21489 414 LEU A O   
294 C  CB  . LEU A 41 ? 0.69365 0.46510 1.06771 0.06850  -0.18045 -0.12446 414 LEU A CB  
295 C  CG  . LEU A 41 ? 0.73349 0.52989 1.14834 0.06006  -0.25746 -0.08692 414 LEU A CG  
296 C  CD1 . LEU A 41 ? 0.64732 0.45851 0.92193 0.03644  -0.29080 -0.06642 414 LEU A CD1 
297 C  CD2 . LEU A 41 ? 0.73418 0.50376 1.23259 0.06307  -0.31449 -0.07131 414 LEU A CD2 
298 N  N   . MSE B 3  ? 0.80827 0.49289 0.48786 0.12027  -0.01701 0.11828  376 MSE B N   
299 C  CA  . MSE B 3  ? 0.84714 0.54344 0.58934 0.09028  -0.02758 0.11932  376 MSE B CA  
300 C  C   . MSE B 3  ? 0.85894 0.60277 0.61400 0.08317  -0.04268 0.08923  376 MSE B C   
301 O  O   . MSE B 3  ? 0.82053 0.59497 0.60893 0.06887  -0.02977 0.09398  376 MSE B O   
302 C  CB  . MSE B 3  ? 0.92826 0.62690 0.71717 0.07237  0.00062  0.15609  376 MSE B CB  
303 C  CG  . MSE B 3  ? 1.09933 0.75661 0.88095 0.07753  0.01699  0.19195  376 MSE B CG  
304 SE SE  . MSE B 3  ? 1.17506 0.84449 1.02918 0.05183  0.04971  0.24670  376 MSE B SE  
305 C  CE  . MSE B 3  ? 1.16940 0.89314 1.01404 0.06623  0.08012  0.23725  376 MSE B CE  
306 N  N   . ILE B 4  ? 0.86325 0.61336 0.59294 0.09402  -0.07040 0.06044  377 ILE B N   
307 C  CA  . ILE B 4  ? 0.75386 0.55391 0.48438 0.09309  -0.08587 0.03247  377 ILE B CA  
308 C  C   . ILE B 4  ? 0.67389 0.50194 0.46573 0.06381  -0.08911 0.03089  377 ILE B C   
309 O  O   . ILE B 4  ? 0.78041 0.65002 0.58391 0.05716  -0.08649 0.02128  377 ILE B O   
310 C  CB  . ILE B 4  ? 0.86762 0.66966 0.56571 0.11131  -0.11472 0.00810  377 ILE B CB  
311 C  CG1 . ILE B 4  ? 0.85122 0.62013 0.49283 0.13967  -0.11030 0.01446  377 ILE B CG1 
312 C  CG2 . ILE B 4  ? 0.88186 0.74152 0.57349 0.11467  -0.12961 -0.01579 377 ILE B CG2 
313 C  CD1 . ILE B 4  ? 0.86130 0.65293 0.46375 0.15472  -0.09779 0.01430  377 ILE B CD1 
314 N  N   . LEU B 5  ? 0.62531 0.42927 0.45609 0.04489  -0.09666 0.04113  378 LEU B N   
315 C  CA  . LEU B 5  ? 0.54373 0.37535 0.43203 0.01690  -0.10432 0.03810  378 LEU B CA  
316 C  C   . LEU B 5  ? 0.60646 0.45407 0.53548 0.00017  -0.07535 0.06422  378 LEU B C   
317 O  O   . LEU B 5  ? 0.56244 0.45175 0.51772 -0.01072 -0.07224 0.05659  378 LEU B O   
318 C  CB  . LEU B 5  ? 0.66586 0.46361 0.57820 0.00130  -0.12708 0.03928  378 LEU B CB  
319 C  CG  . LEU B 5  ? 0.71918 0.54435 0.66965 -0.01861 -0.15008 0.02088  378 LEU B CG  
320 C  CD1 . LEU B 5  ? 0.70751 0.58886 0.64500 -0.00783 -0.15634 -0.00636 378 LEU B CD1 
321 C  CD2 . LEU B 5  ? 0.76940 0.55077 0.70312 -0.01556 -0.18023 0.00882  378 LEU B CD2 
322 N  N   . TYR B 6  ? 0.56831 0.38455 0.50333 -0.00081 -0.05383 0.09699  379 TYR B N   
323 C  CA  . TYR B 6  ? 0.56084 0.39393 0.53032 -0.01024 -0.02187 0.12701  379 TYR B CA  
324 C  C   . TYR B 6  ? 0.54179 0.40296 0.47937 0.00799  -0.00387 0.11633  379 TYR B C   
325 O  O   . TYR B 6  ? 0.50981 0.40207 0.47808 -0.00175 0.00932  0.12124  379 TYR B O   
326 C  CB  . TYR B 6  ? 0.66205 0.45912 0.63117 -0.00681 -0.00045 0.16574  379 TYR B CB  
327 C  CG  . TYR B 6  ? 0.65638 0.47488 0.65360 -0.00847 0.03706  0.20006  379 TYR B CG  
328 C  CD1 . TYR B 6  ? 0.63363 0.45319 0.58487 0.01953  0.06538  0.20573  379 TYR B CD1 
329 C  CD2 . TYR B 6  ? 0.71659 0.55385 0.78363 -0.03611 0.04375  0.22806  379 TYR B CD2 
330 C  CE1 . TYR B 6  ? 0.76345 0.60078 0.73401 0.02378  0.10119  0.23733  379 TYR B CE1 
331 C  CE2 . TYR B 6  ? 0.83577 0.69692 0.92852 -0.03350 0.08014  0.26264  379 TYR B CE2 
332 C  CZ  . TYR B 6  ? 0.83156 0.69198 0.87408 -0.00155 0.10978  0.26665  379 TYR B CZ  
333 O  OH  . TYR B 6  ? 0.84096 0.72413 0.90346 0.00645  0.14767  0.30117  379 TYR B OH  
334 N  N   . ASP B 7  ? 0.62458 0.47243 0.49824 0.03449  -0.00485 0.10220  380 ASP B N   
335 C  CA  . ASP B 7  ? 0.61271 0.47911 0.44762 0.05087  0.00668  0.09098  380 ASP B CA  
336 C  C   . ASP B 7  ? 0.59528 0.50284 0.44528 0.03905  -0.01380 0.06299  380 ASP B C   
337 O  O   . ASP B 7  ? 0.58754 0.51446 0.43859 0.03821  -0.00197 0.06209  380 ASP B O   
338 C  CB  . ASP B 7  ? 0.83853 0.68244 0.60270 0.07853  0.00334  0.08146  380 ASP B CB  
339 C  CG  . ASP B 7  ? 0.98219 0.78823 0.72455 0.09363  0.02919  0.11125  380 ASP B CG  
340 O  OD1 . ASP B 7  ? 1.04605 0.84753 0.82656 0.08427  0.05287  0.14178  380 ASP B OD1 
341 O  OD2 . ASP B 7  ? 1.14962 0.93404 0.83721 0.11538  0.02610  0.10627  380 ASP B OD2 
342 N  N   . LEU B 8  ? 0.54579 0.46567 0.40348 0.03213  -0.04478 0.04051  381 LEU B N   
343 C  CA  . LEU B 8  ? 0.49279 0.45596 0.37241 0.01880  -0.06554 0.01717  381 LEU B CA  
344 C  C   . LEU B 8  ? 0.55486 0.53859 0.49303 -0.00435 -0.05328 0.02907  381 LEU B C   
345 O  O   . LEU B 8  ? 0.45429 0.46599 0.39638 -0.00836 -0.05067 0.02135  381 LEU B O   
346 C  CB  . LEU B 8  ? 0.60723 0.57681 0.49412 0.01565  -0.09665 -0.00182 381 LEU B CB  
347 C  CG  . LEU B 8  ? 0.61190 0.62959 0.52783 0.00103  -0.11900 -0.02336 381 LEU B CG  
348 C  CD1 . LEU B 8  ? 0.61205 0.66159 0.49163 0.01222  -0.12688 -0.03884 381 LEU B CD1 
349 C  CD2 . LEU B 8  ? 0.61549 0.63380 0.54023 -0.00004 -0.14642 -0.03847 381 LEU B CD2 
350 N  N   . GLN B 9  ? 0.39977 0.36878 0.38382 -0.02040 -0.04672 0.05003  382 GLN B N   
351 C  CA  . GLN B 9  ? 0.37411 0.36655 0.41896 -0.04313 -0.03486 0.06565  382 GLN B CA  
352 C  C   . GLN B 9  ? 0.44254 0.43938 0.47773 -0.03202 -0.00121 0.08369  382 GLN B C   
353 O  O   . GLN B 9  ? 0.45156 0.47772 0.51392 -0.04132 0.00503  0.08284  382 GLN B O   
354 C  CB  . GLN B 9  ? 0.50782 0.48095 0.60082 -0.06321 -0.03581 0.08990  382 GLN B CB  
355 C  CG  . GLN B 9  ? 0.60275 0.59426 0.75758 -0.08332 -0.01473 0.12101  382 GLN B CG  
356 C  CD  . GLN B 9  ? 0.82186 0.81236 1.03476 -0.11445 -0.03520 0.13000  382 GLN B CD  
357 O  OE1 . GLN B 9  ? 0.90111 0.91684 1.13957 -0.13041 -0.05742 0.10933  382 GLN B OE1 
358 N  NE2 . GLN B 9  ? 0.83842 0.79737 1.06953 -0.12380 -0.03071 0.16106  382 GLN B NE2 
359 N  N   . GLN B 10 ? 0.51316 0.47958 0.50422 -0.00927 0.02021  0.09881  383 GLN B N   
360 C  CA  . GLN B 10 ? 0.47690 0.44158 0.44646 0.00763  0.05252  0.11461  383 GLN B CA  
361 C  C   . GLN B 10 ? 0.50269 0.47947 0.42959 0.01769  0.04245  0.08616  383 GLN B C   
362 O  O   . GLN B 10 ? 0.46675 0.45661 0.40046 0.01852  0.05665  0.08956  383 GLN B O   
363 C  CB  . GLN B 10 ? 0.58602 0.51389 0.51128 0.03189  0.07547  0.13581  383 GLN B CB  
364 C  CG  . GLN B 10 ? 0.77784 0.69739 0.74680 0.02505  0.09967  0.17826  383 GLN B CG  
365 C  CD  . GLN B 10 ? 0.97105 0.86802 0.89727 0.05413  0.13521  0.20459  383 GLN B CD  
366 O  OE1 . GLN B 10 ? 1.05992 0.93758 0.91654 0.07948  0.13714  0.18793  383 GLN B OE1 
367 N  NE2 . GLN B 10 ? 0.98305 0.88446 0.95061 0.05064  0.16292  0.24780  383 GLN B NE2 
368 N  N   . ASN B 11 ? 0.46743 0.43917 0.34867 0.02585  0.01703  0.05997  384 ASN B N   
369 C  CA  . ASN B 11 ? 0.47914 0.46412 0.32171 0.03085  0.00086  0.03488  384 ASN B CA  
370 C  C   . ASN B 11 ? 0.49123 0.51517 0.38246 0.00797  -0.01205 0.02376  384 ASN B C   
371 O  O   . ASN B 11 ? 0.45656 0.48502 0.33403 0.01002  -0.00708 0.01954  384 ASN B O   
372 C  CB  . ASN B 11 ? 0.53406 0.51988 0.33583 0.03829  -0.02831 0.01293  384 ASN B CB  
373 C  CG  . ASN B 11 ? 0.75806 0.76099 0.52175 0.03990  -0.04982 -0.00916 384 ASN B CG  
374 O  OD1 . ASN B 11 ? 0.79866 0.83932 0.59144 0.02245  -0.07287 -0.02475 384 ASN B OD1 
375 N  ND2 . ASN B 11 ? 0.93658 0.91112 0.63429 0.05988  -0.04413 -0.00903 384 ASN B ND2 
376 N  N   . LEU B 12 ? 0.39388 0.44258 0.33911 -0.01319 -0.02953 0.01894  385 LEU B N   
377 C  CA  . LEU B 12 ? 0.36508 0.45383 0.35699 -0.03539 -0.04434 0.00754  385 LEU B CA  
378 C  C   . LEU B 12 ? 0.32732 0.42210 0.36262 -0.04413 -0.01794 0.02919  385 LEU B C   
379 O  O   . LEU B 12 ? 0.29702 0.41366 0.34426 -0.05150 -0.02033 0.02187  385 LEU B O   
380 C  CB  . LEU B 12 ? 0.31226 0.42180 0.34406 -0.05263 -0.07008 -0.00314 385 LEU B CB  
381 C  CG  . LEU B 12 ? 0.35835 0.46251 0.34936 -0.03953 -0.09372 -0.02091 385 LEU B CG  
382 C  CD1 . LEU B 12 ? 0.27526 0.39029 0.30225 -0.05238 -0.11527 -0.02879 385 LEU B CD1 
383 C  CD2 . LEU B 12 ? 0.40777 0.53164 0.36390 -0.03240 -0.11097 -0.04012 385 LEU B CD2 
384 N  N   . SER B 13 ? 0.30693 0.38458 0.36730 -0.04328 0.00696  0.05828  386 SER B N   
385 C  CA  . SER B 13 ? 0.40548 0.49431 0.50931 -0.04872 0.03517  0.08507  386 SER B CA  
386 C  C   . SER B 13 ? 0.39761 0.47345 0.45465 -0.02512 0.05758  0.08710  386 SER B C   
387 O  O   . SER B 13 ? 0.36466 0.45903 0.44342 -0.02922 0.06598  0.08971  386 SER B O   
388 C  CB  . SER B 13 ? 0.55762 0.63182 0.69258 -0.05069 0.05696  0.12088  386 SER B CB  
389 O  OG  . SER B 13 ? 0.55220 0.62940 0.72622 -0.07372 0.03257  0.11846  386 SER B OG  
390 N  N   . SER B 14 ? 0.39548 0.43574 0.38386 0.00109  0.06642  0.08554  387 SER B N   
391 C  CA  . SER B 14 ? 0.48269 0.49996 0.41167 0.02626  0.08309  0.08361  387 SER B CA  
392 C  C   . SER B 14 ? 0.44514 0.47552 0.35860 0.01772  0.05708  0.05449  387 SER B C   
393 O  O   . SER B 14 ? 0.44337 0.46783 0.34424 0.02651  0.07029  0.05696  387 SER B O   
394 C  CB  . SER B 14 ? 0.55139 0.52782 0.40532 0.05270  0.08821  0.08196  387 SER B CB  
395 O  OG  . SER B 14 ? 0.66795 0.61759 0.45073 0.07313  0.08805  0.06790  387 SER B OG  
396 N  N   . SER B 15 ? 0.34346 0.39095 0.25496 0.00242  0.02012  0.02863  388 SER B N   
397 C  CA  . SER B 15 ? 0.38729 0.45371 0.28984 -0.00946 -0.00846 0.00405  388 SER B CA  
398 C  C   . SER B 15 ? 0.35858 0.45945 0.32697 -0.03003 -0.00657 0.00804  388 SER B C   
399 O  O   . SER B 15 ? 0.38947 0.48925 0.34480 -0.02979 -0.00890 0.00139  388 SER B O   
400 C  CB  . SER B 15 ? 0.37037 0.45964 0.26850 -0.02134 -0.04626 -0.01816 388 SER B CB  
401 O  OG  . SER B 15 ? 0.51180 0.57465 0.33708 -0.00406 -0.05750 -0.02815 388 SER B OG  
402 N  N   . HIS B 16 ? 0.26690 0.39526 0.30436 -0.04826 -0.00384 0.01949  389 HIS B N   
403 C  CA  . HIS B 16 ? 0.33240 0.49664 0.43602 -0.06961 -0.00363 0.02451  389 HIS B CA  
404 C  C   . HIS B 16 ? 0.34389 0.49681 0.45275 -0.05605 0.03224  0.04815  389 HIS B C   
405 O  O   . HIS B 16 ? 0.29553 0.46628 0.42597 -0.06341 0.03182  0.04596  389 HIS B O   
406 C  CB  . HIS B 16 ? 0.27215 0.46183 0.44291 -0.09209 -0.01073 0.03300  389 HIS B CB  
407 C  CG  . HIS B 16 ? 0.30500 0.48442 0.46028 -0.08963 -0.04124 0.00363  389 HIS B CG  
408 N  ND1 . HIS B 16 ? 0.30816 0.47578 0.47922 -0.09000 -0.04463 0.00046  389 HIS B ND1 
409 C  CD2 . HIS B 16 ? 0.33154 0.48785 0.44990 -0.07291 -0.05906 -0.01746 389 HIS B CD2 
410 C  CE1 . HIS B 16 ? 0.36051 0.50823 0.51151 -0.07241 -0.06169 -0.02326 389 HIS B CE1 
411 N  NE2 . HIS B 16 ? 0.31384 0.45224 0.43298 -0.06395 -0.06932 -0.02552 389 HIS B NE2 
412 N  N   . ARG B 17 ? 0.30220 0.42717 0.39116 -0.03430 0.06425  0.07253  390 ARG B N   
413 C  CA  . ARG B 17 ? 0.38680 0.50170 0.47316 -0.01408 0.10195  0.09792  390 ARG B CA  
414 C  C   . ARG B 17 ? 0.43745 0.52203 0.45365 0.00709  0.10053  0.08015  390 ARG B C   
415 O  O   . ARG B 17 ? 0.39670 0.48593 0.42279 0.01278  0.11424  0.08691  390 ARG B O   
416 C  CB  . ARG B 17 ? 0.41256 0.50550 0.48601 0.00723  0.13520  0.12872  390 ARG B CB  
417 C  CG  . ARG B 17 ? 0.38555 0.48589 0.48270 0.02425  0.17747  0.16569  390 ARG B CG  
418 C  CD  . ARG B 17 ? 0.42847 0.49938 0.48494 0.05464  0.20943  0.19103  390 ARG B CD  
419 N  NE  . ARG B 17 ? 0.57543 0.65934 0.67001 0.06653  0.23326  0.22159  390 ARG B NE  
420 C  CZ  . ARG B 17 ? 0.69156 0.75882 0.75114 0.10026  0.25691  0.23014  390 ARG B CZ  
421 N  NH1 . ARG B 17 ? 0.78333 0.81421 0.76319 0.12470  0.26257  0.21132  390 ARG B NH1 
422 N  NH2 . ARG B 17 ? 0.68866 0.77241 0.78737 0.11104  0.27190  0.25657  390 ARG B NH2 
423 N  N   . ALA B 18 ? 0.46585 0.51637 0.40835 0.01910  0.08240  0.05822  391 ALA B N   
424 C  CA  . ALA B 18 ? 0.47462 0.48892 0.34402 0.03570  0.07349  0.03994  391 ALA B CA  
425 C  C   . ALA B 18 ? 0.37807 0.41882 0.27431 0.01105  0.04382  0.02026  391 ALA B C   
426 O  O   . ALA B 18 ? 0.44429 0.46453 0.31350 0.02165  0.04841  0.01756  391 ALA B O   
427 C  CB  . ALA B 18 ? 0.56600 0.54466 0.35836 0.04686  0.05331  0.02157  391 ALA B CB  
428 N  N   . LEU B 19 ? 0.29125 0.37626 0.23879 -0.02024 0.01343  0.00720  392 LEU B N   
429 C  CA  . LEU B 19 ? 0.34812 0.46478 0.32735 -0.04457 -0.01383 -0.00840 392 LEU B CA  
430 C  C   . LEU B 19 ? 0.33280 0.46850 0.36674 -0.04779 0.00983  0.00932  392 LEU B C   
431 O  O   . LEU B 19 ? 0.30679 0.43488 0.32813 -0.04706 0.00475  0.00295  392 LEU B O   
432 C  CB  . LEU B 19 ? 0.27166 0.43649 0.29817 -0.07350 -0.04635 -0.02207 392 LEU B CB  
433 C  CG  . LEU B 19 ? 0.34725 0.48416 0.32853 -0.06417 -0.07101 -0.03772 392 LEU B CG  
434 C  CD1 . LEU B 19 ? 0.48298 0.60698 0.50568 -0.05742 -0.07179 -0.03352 392 LEU B CD1 
435 C  CD2 . LEU B 19 ? 0.34464 0.43687 0.30537 -0.05045 -0.08325 -0.04296 392 LEU B CD2 
436 N  N   . GLU B 20 ? 0.24671 0.40581 0.34075 -0.05141 0.03488  0.03368  393 GLU B N   
437 C  CA  . GLU B 20 ? 0.28040 0.46220 0.43034 -0.05322 0.06030  0.05667  393 GLU B CA  
438 C  C   . GLU B 20 ? 0.31566 0.45770 0.41261 -0.01929 0.08896  0.06674  393 GLU B C   
439 O  O   . GLU B 20 ? 0.40938 0.56228 0.52735 -0.01975 0.09510  0.07101  393 GLU B O   
440 C  CB  . GLU B 20 ? 0.33923 0.54132 0.54756 -0.05883 0.08244  0.08507  393 GLU B CB  
441 C  CG  . GLU B 20 ? 0.45769 0.65299 0.68105 -0.05043 0.09773  0.09651  393 GLU B CG  
442 C  CD  . GLU B 20 ? 0.62658 0.81526 0.86567 -0.04273 0.11358  0.12041  393 GLU B CD  
443 O  OE1 . GLU B 20 ? 0.77197 0.94915 0.99593 -0.02488 0.13798  0.14195  393 GLU B OE1 
444 O  OE2 . GLU B 20 ? 0.62448 0.81735 0.88402 -0.05213 0.10290  0.11829  393 GLU B OE2 
445 N  N   . LYS B 21 ? 0.38189 0.47613 0.40778 0.01271  0.10767  0.07148  394 LYS B N   
446 C  CA  . LYS B 21 ? 0.45582 0.50405 0.41768 0.05066  0.13442  0.07914  394 LYS B CA  
447 C  C   . LYS B 21 ? 0.51517 0.52925 0.41714 0.05101  0.10414  0.04893  394 LYS B C   
448 O  O   . LYS B 21 ? 0.44225 0.43829 0.32765 0.06713  0.11647  0.05261  394 LYS B O   
449 C  CB  . LYS B 21 ? 0.53274 0.53723 0.42863 0.08480  0.15903  0.09029  394 LYS B CB  
450 C  CG  . LYS B 21 ? 0.68797 0.70773 0.61836 0.10650  0.20838  0.13271  394 LYS B CG  
451 C  CD  . LYS B 21 ? 0.79231 0.86554 0.81426 0.07567  0.20860  0.15239  394 LYS B CD  
452 C  CE  . LYS B 21 ? 0.86797 0.95137 0.92403 0.09254  0.24029  0.18981  394 LYS B CE  
453 N  NZ  . LYS B 21 ? 0.83990 0.96787 0.98725 0.06070  0.22239  0.19860  394 LYS B NZ  
454 N  N   . GLN B 22 ? 0.40317 0.40818 0.27229 0.03354  0.06351  0.02107  395 GLN B N   
455 C  CA  . GLN B 22 ? 0.52815 0.50759 0.34978 0.02551  0.02744  -0.00505 395 GLN B CA  
456 C  C   . GLN B 22 ? 0.48785 0.50511 0.37144 0.00338  0.01835  -0.00558 395 GLN B C   
457 O  O   . GLN B 22 ? 0.46815 0.45239 0.31435 0.01300  0.01331  -0.01222 395 GLN B O   
458 C  CB  . GLN B 22 ? 0.43545 0.42442 0.24047 0.00182  -0.01649 -0.02814 395 GLN B CB  
459 C  CG  . GLN B 22 ? 0.60016 0.52963 0.30635 0.01954  -0.03238 -0.04200 395 GLN B CG  
460 C  CD  . GLN B 22 ? 0.65138 0.61545 0.37373 -0.00923 -0.07395 -0.05864 395 GLN B CD  
461 O  OE1 . GLN B 22 ? 0.67658 0.68235 0.44330 -0.02031 -0.07856 -0.05761 395 GLN B OE1 
462 N  NE2 . GLN B 22 ? 0.56046 0.53560 0.29927 -0.01658 -0.08562 -0.06463 395 GLN B NE2 
463 N  N   . ILE B 23 ? 0.36997 0.45325 0.34552 -0.02626 0.01426  0.00093  396 ILE B N   
464 C  CA  . ILE B 23 ? 0.44263 0.56666 0.48039 -0.04986 0.00301  0.00010  396 ILE B CA  
465 C  C   . ILE B 23 ? 0.38154 0.49878 0.43561 -0.02763 0.04222  0.02378  396 ILE B C   
466 O  O   . ILE B 23 ? 0.38680 0.50040 0.44263 -0.02933 0.03596  0.01988  396 ILE B O   
467 C  CB  . ILE B 23 ? 0.34426 0.53677 0.47044 -0.08495 -0.01156 0.00110  396 ILE B CB  
468 C  CG1 . ILE B 23 ? 0.28181 0.44777 0.37303 -0.08514 -0.04536 -0.01995 396 ILE B CG1 
469 C  CG2 . ILE B 23 ? 0.27255 0.45540 0.44207 -0.08206 -0.01220 0.00194  396 ILE B CG2 
470 C  CD1 . ILE B 23 ? 0.23503 0.38092 0.35200 -0.07292 -0.04304 -0.01666 396 ILE B CD1 
471 N  N   . ASP B 24 ? 0.34323 0.46133 0.41130 -0.00592 0.08336  0.05128  397 ASP B N   
472 C  CA  . ASP B 24 ? 0.43590 0.55008 0.51482 0.02159  0.12490  0.07893  397 ASP B CA  
473 C  C   . ASP B 24 ? 0.47143 0.51826 0.45833 0.05581  0.12842  0.06782  397 ASP B C   
474 O  O   . ASP B 24 ? 0.45437 0.50045 0.45104 0.06705  0.14143  0.07638  397 ASP B O   
475 C  CB  . ASP B 24 ? 0.54516 0.66503 0.63765 0.04377  0.16724  0.11211  397 ASP B CB  
476 C  CG  . ASP B 24 ? 0.57736 0.75342 0.76472 0.01416  0.16425  0.12899  397 ASP B CG  
477 O  OD1 . ASP B 24 ? 0.62834 0.82568 0.85138 -0.01710 0.12962  0.10898  397 ASP B OD1 
478 O  OD2 . ASP B 24 ? 0.74357 0.91418 0.93618 0.02404  0.17724  0.14686  397 ASP B OD2 
479 N  N   . THR B 25 ? 0.48377 0.46974 0.37720 0.07476  0.11739  0.05005  398 THR B N   
480 C  CA  . THR B 25 ? 0.56471 0.47498 0.35849 0.10558  0.11317  0.03573  398 THR B CA  
481 C  C   . THR B 25 ? 0.60764 0.51596 0.40460 0.07981  0.07329  0.01343  398 THR B C   
482 O  O   . THR B 25 ? 0.62287 0.49447 0.38540 0.10100  0.08096  0.01401  398 THR B O   
483 C  CB  . THR B 25 ? 0.71093 0.56005 0.40815 0.12124  0.09834  0.01811  398 THR B CB  
484 O  OG1 . THR B 25 ? 0.73166 0.58511 0.42839 0.14387  0.13474  0.03993  398 THR B OG1 
485 C  CG2 . THR B 25 ? 0.80299 0.56422 0.38919 0.15595  0.09440  0.00478  398 THR B CG2 
486 N  N   . LEU B 26 ? 0.51704 0.46209 0.34980 0.03646  0.03006  -0.00560 399 LEU B N   
487 C  CA  . LEU B 26 ? 0.52289 0.48506 0.37952 0.00507  -0.00857 -0.02191 399 LEU B CA  
488 C  C   . LEU B 26 ? 0.44212 0.44151 0.36784 0.00353  0.01318  -0.00451 399 LEU B C   
489 O  O   . LEU B 26 ? 0.48434 0.45532 0.38576 0.00778  0.00251  -0.01093 399 LEU B O   
490 C  CB  . LEU B 26 ? 0.56263 0.58365 0.47322 -0.03899 -0.04635 -0.03494 399 LEU B CB  
491 C  CG  . LEU B 26 ? 0.64418 0.66513 0.53379 -0.06925 -0.10088 -0.05863 399 LEU B CG  
492 C  CD1 . LEU B 26 ? 0.86872 0.80878 0.65628 -0.04638 -0.11309 -0.07044 399 LEU B CD1 
493 C  CD2 . LEU B 26 ? 0.63044 0.68395 0.57479 -0.06503 -0.10179 -0.05888 399 LEU B CD2 
494 N  N   . ALA B 27 ? 0.32803 0.38974 0.33995 -0.00331 0.04217  0.01900  400 ALA B N   
495 C  CA  . ALA B 27 ? 0.37545 0.48210 0.46265 -0.00847 0.06176  0.03886  400 ALA B CA  
496 C  C   . ALA B 27 ? 0.47157 0.53026 0.51000 0.03695  0.09712  0.05406  400 ALA B C   
497 O  O   . ALA B 27 ? 0.51952 0.57944 0.57170 0.03701  0.09472  0.05518  400 ALA B O   
498 C  CB  . ALA B 27 ? 0.36281 0.53782 0.54347 -0.02324 0.08526  0.06441  400 ALA B CB  
499 N  N   . GLY B 28 ? 0.43364 0.44912 0.41214 0.07861  0.13093  0.06663  401 GLY B N   
500 C  CA  . GLY B 28 ? 0.58744 0.55283 0.50824 0.12863  0.16561  0.08064  401 GLY B CA  
501 C  C   . GLY B 28 ? 0.60535 0.49611 0.43822 0.13848  0.13492  0.05233  401 GLY B C   
502 O  O   . GLY B 28 ? 0.63035 0.49985 0.44942 0.16113  0.14842  0.05923  401 GLY B O   
503 N  N   . LYS B 29 ? 0.64620 0.49494 0.41749 0.12145  0.09172  0.02172  402 LYS B N   
504 C  CA  . LYS B 29 ? 0.72478 0.50090 0.41275 0.12219  0.05279  -0.00530 402 LYS B CA  
505 C  C   . LYS B 29 ? 0.74506 0.55703 0.49375 0.08984  0.02779  -0.00975 402 LYS B C   
506 O  O   . LYS B 29 ? 0.73314 0.49164 0.43293 0.10782  0.02210  -0.01520 402 LYS B O   
507 C  CB  . LYS B 29 ? 0.71914 0.46661 0.35445 0.09863  0.00697  -0.03173 402 LYS B CB  
508 C  CG  . LYS B 29 ? 0.84862 0.52214 0.37863 0.13627  0.01820  -0.03659 402 LYS B CG  
509 C  CD  . LYS B 29 ? 0.89497 0.57255 0.40822 0.10275  -0.02597 -0.05668 402 LYS B CD  
510 C  CE  . LYS B 29 ? 1.03895 0.63829 0.44556 0.13320  -0.02719 -0.06472 402 LYS B CE  
511 N  NZ  . LYS B 29 ? 1.02244 0.60922 0.40437 0.18006  0.02939  -0.04448 402 LYS B NZ  
512 N  N   . LEU B 30 ? 0.50795 0.40630 0.35810 0.04259  0.01034  -0.00851 403 LEU B N   
513 C  CA  . LEU B 30 ? 0.56996 0.51314 0.48788 0.01139  -0.00983 -0.00939 403 LEU B CA  
514 C  C   . LEU B 30 ? 0.54883 0.50646 0.50367 0.03824  0.03278  0.01618  403 LEU B C   
515 O  O   . LEU B 30 ? 0.55333 0.49432 0.50389 0.03843  0.02183  0.01314  403 LEU B O   
516 C  CB  . LEU B 30 ? 0.41867 0.45337 0.43654 -0.03704 -0.02874 -0.00959 403 LEU B CB  
517 C  CG  . LEU B 30 ? 0.50223 0.59672 0.59665 -0.07900 -0.05862 -0.01383 403 LEU B CG  
518 C  CD1 . LEU B 30 ? 0.49378 0.53985 0.52933 -0.09086 -0.10369 -0.03529 403 LEU B CD1 
519 C  CD2 . LEU B 30 ? 0.53804 0.67939 0.68758 -0.09515 -0.06429 -0.02208 403 LEU B CD2 
520 N  N   . ASP B 31 ? 0.48175 0.47396 0.47660 0.06020  0.08105  0.04431  404 ASP B N   
521 C  CA  . ASP B 31 ? 0.51762 0.53387 0.55410 0.08708  0.12480  0.07501  404 ASP B CA  
522 C  C   . ASP B 31 ? 0.56150 0.49195 0.50121 0.13492  0.13591  0.07110  404 ASP B C   
523 O  O   . ASP B 31 ? 0.53349 0.47040 0.49542 0.14466  0.14574  0.08166  404 ASP B O   
524 C  CB  . ASP B 31 ? 0.54522 0.59879 0.61908 0.10885  0.17401  0.10832  404 ASP B CB  
525 C  CG  . ASP B 31 ? 0.57250 0.72237 0.76808 0.06570  0.17378  0.12523  404 ASP B CG  
526 O  OD1 . ASP B 31 ? 0.50621 0.69682 0.75845 0.02250  0.13910  0.11151  404 ASP B OD1 
527 O  OD2 . ASP B 31 ? 0.57781 0.75222 0.80162 0.07342  0.19952  0.14903  404 ASP B OD2 
528 N  N   . ALA B 32 ? 0.63745 0.48334 0.46505 0.16724  0.13431  0.05611  405 ALA B N   
529 C  CA  . ALA B 32 ? 0.85589 0.60627 0.57532 0.21759  0.14330  0.05008  405 ALA B CA  
530 C  C   . ALA B 32 ? 0.88735 0.59815 0.57962 0.19367  0.09403  0.02424  405 ALA B C   
531 O  O   . ALA B 32 ? 1.06984 0.75512 0.74817 0.21714  0.10464  0.03072  405 ALA B O   
532 C  CB  . ALA B 32 ? 1.03875 0.70457 0.64029 0.25324  0.14625  0.03717  405 ALA B CB  
533 N  N   . LEU B 33 ? 0.86460 0.57146 0.54951 0.14746  0.03957  -0.00291 406 LEU B N   
534 C  CA  . LEU B 33 ? 0.88237 0.57144 0.56224 0.11237  -0.01291 -0.02362 406 LEU B CA  
535 C  C   . LEU B 33 ? 0.78976 0.53802 0.55828 0.10027  -0.00230 -0.00750 406 LEU B C   
536 O  O   . LEU B 33 ? 0.75937 0.45514 0.48644 0.11495  -0.01221 -0.01210 406 LEU B O   
537 C  CB  . LEU B 33 ? 0.89696 0.62737 0.61048 0.05568  -0.06224 -0.04177 406 LEU B CB  
538 C  CG  . LEU B 33 ? 0.93456 0.62592 0.61023 0.02212  -0.12461 -0.06492 406 LEU B CG  
539 C  CD1 . LEU B 33 ? 1.03557 0.60399 0.58534 0.06181  -0.13230 -0.07613 406 LEU B CD1 
540 C  CD2 . LEU B 33 ? 0.84759 0.55697 0.51942 -0.01772 -0.16884 -0.08113 406 LEU B CD2 
541 N  N   . THR B 34 ? 0.58485 0.43924 0.47333 0.07377  0.01661  0.01184  407 THR B N   
542 C  CA  . THR B 34 ? 0.59601 0.51463 0.57598 0.06010  0.02742  0.02959  407 THR B CA  
543 C  C   . THR B 34 ? 0.63111 0.50976 0.57636 0.11561  0.07076  0.04967  407 THR B C   
544 O  O   . THR B 34 ? 0.59169 0.44888 0.53071 0.11877  0.05972  0.04785  407 THR B O   
545 C  CB  . THR B 34 ? 0.51327 0.54232 0.61564 0.03059  0.04652  0.05035  407 THR B CB  
546 O  OG1 . THR B 34 ? 0.42875 0.48724 0.55041 -0.01211 0.00996  0.03146  407 THR B OG1 
547 C  CG2 . THR B 34 ? 0.34954 0.44840 0.54901 0.00651  0.04681  0.06518  407 THR B CG2 
548 N  N   . GLU B 35 ? 0.61872 0.48758 0.53966 0.16195  0.12099  0.07070  408 GLU B N   
549 C  CA  . GLU B 35 ? 0.75861 0.59916 0.64951 0.22104  0.16885  0.09526  408 GLU B CA  
550 C  C   . GLU B 35 ? 0.85294 0.57636 0.61992 0.25509  0.14906  0.07246  408 GLU B C   
551 O  O   . GLU B 35 ? 0.87093 0.57662 0.63084 0.28334  0.16507  0.08383  408 GLU B O   
552 C  CB  . GLU B 35 ? 0.89462 0.74005 0.76834 0.26565  0.22234  0.12110  408 GLU B CB  
553 C  CG  . GLU B 35 ? 1.06582 0.96901 1.00192 0.30167  0.28152  0.16696  408 GLU B CG  
554 C  CD  . GLU B 35 ? 1.34240 1.16512 1.18043 0.37296  0.31217  0.17432  408 GLU B CD  
555 O  OE1 . GLU B 35 ? 1.39068 1.25648 1.26257 0.38751  0.34592  0.21273  408 GLU B OE1 
556 O  OE2 . GLU B 35 ? 1.47530 1.19063 1.19455 0.39159  0.28354  0.14110  408 GLU B OE2 
557 N  N   . LEU B 36 ? 0.92306 0.56258 0.58907 0.25289  0.11234  0.04089  409 LEU B N   
558 C  CA  . LEU B 36 ? 1.14775 0.66615 0.68932 0.27909  0.08402  0.01679  409 LEU B CA  
559 C  C   . LEU B 36 ? 1.07432 0.59994 0.65248 0.24352  0.04492  0.00761  409 LEU B C   
560 O  O   . LEU B 36 ? 1.09079 0.55273 0.61439 0.27760  0.04901  0.00790  409 LEU B O   
561 C  CB  . LEU B 36 ? 1.30944 0.74990 0.75234 0.26831  0.04182  -0.01444 409 LEU B CB  
562 C  CG  . LEU B 36 ? 1.49757 0.86037 0.82946 0.32415  0.06961  -0.01603 409 LEU B CG  
563 C  CD1 . LEU B 36 ? 1.41182 0.85632 0.81078 0.33565  0.12120  0.01114  409 LEU B CD1 
564 C  CD2 . LEU B 36 ? 1.55210 0.82991 0.78363 0.30516  0.01406  -0.05000 409 LEU B CD2 
565 N  N   . LEU B 37 ? 0.99089 0.59224 0.65834 0.17667  0.00641  -0.00017 410 LEU B N   
566 C  CA  . LEU B 37 ? 0.93378 0.54489 0.63558 0.13726  -0.03661 -0.00961 410 LEU B CA  
567 C  C   . LEU B 37 ? 0.89372 0.57756 0.69103 0.14283  -0.00258 0.01777  410 LEU B C   
568 O  O   . LEU B 37 ? 0.95877 0.61147 0.74380 0.14545  -0.01793 0.01576  410 LEU B O   
569 C  CB  . LEU B 37 ? 0.91481 0.58696 0.67726 0.06768  -0.08730 -0.02483 410 LEU B CB  
570 C  CG  . LEU B 37 ? 0.95400 0.56261 0.62800 0.05928  -0.12291 -0.04901 410 LEU B CG  
571 C  CD1 . LEU B 37 ? 0.84897 0.54574 0.59831 0.01105  -0.13975 -0.05182 410 LEU B CD1 
572 C  CD2 . LEU B 37 ? 1.03958 0.55700 0.62700 0.04433  -0.18213 -0.07200 410 LEU B CD2 
573 N  N   . SER B 38 ? 0.77388 0.55067 0.66314 0.14594  0.04312  0.04518  411 SER B N   
574 C  CA  . SER B 38 ? 0.80204 0.65240 0.78405 0.15356  0.07923  0.07632  411 SER B CA  
575 C  C   . SER B 38 ? 0.92473 0.70292 0.83348 0.21903  0.11220  0.08841  411 SER B C   
576 O  O   . SER B 38 ? 0.92418 0.71704 0.86746 0.22073  0.11372  0.09881  411 SER B O   
577 C  CB  . SER B 38 ? 0.83384 0.78220 0.91037 0.15036  0.12261  0.10609  411 SER B CB  
578 O  OG  . SER B 38 ? 0.82739 0.81276 0.94711 0.18853  0.17500  0.14326  411 SER B OG  
579 N  N   . THR B 39 ? 0.95069 0.65099 0.75630 0.27654  0.14051  0.08831  412 THR B N   
580 C  CA  . THR B 39 ? 1.09729 0.71856 0.81769 0.34536  0.17096  0.09758  412 THR B CA  
581 C  C   . THR B 39 ? 1.09986 0.60757 0.71825 0.34510  0.11977  0.06452  412 THR B C   
582 O  O   . THR B 39 ? 1.20795 0.66754 0.78737 0.38370  0.13148  0.07104  412 THR B O   
583 C  CB  . THR B 39 ? 1.18891 0.76044 0.82476 0.40961  0.21671  0.10788  412 THR B CB  
584 O  OG1 . THR B 39 ? 1.23600 0.75386 0.80228 0.39167  0.18333  0.07802  412 THR B OG1 
585 C  CG2 . THR B 39 ? 1.03217 0.71758 0.77376 0.41805  0.27426  0.15090  412 THR B CG2 
586 N  N   . ALA B 40 ? 1.03423 0.49977 0.61115 0.30065  0.06107  0.03116  413 ALA B N   
587 C  CA  . ALA B 40 ? 1.25117 0.59987 0.72240 0.29912  0.00815  0.00169  413 ALA B CA  
588 C  C   . ALA B 40 ? 1.11914 0.50966 0.66515 0.25089  -0.02833 0.00073  413 ALA B C   
589 O  O   . ALA B 40 ? 1.15418 0.46552 0.63786 0.27022  -0.04592 -0.00638 413 ALA B O   
590 C  CB  . ALA B 40 ? 1.28258 0.56958 0.67769 0.27041  -0.04244 -0.02948 413 ALA B CB  
591 N  N   . LEU B 41 ? 1.04140 0.55207 0.71650 0.18954  -0.04091 0.00769  414 LEU B N   
592 C  CA  . LEU B 41 ? 1.08287 0.64615 0.83786 0.13929  -0.07616 0.00791  414 LEU B CA  
593 C  C   . LEU B 41 ? 0.96851 0.62713 0.83315 0.14952  -0.02948 0.04084  414 LEU B C   
594 O  O   . LEU B 41 ? 0.89270 0.59396 0.78790 0.18542  0.02719  0.06535  414 LEU B O   
595 C  CB  . LEU B 41 ? 1.02462 0.66071 0.84936 0.06643  -0.12191 -0.00487 414 LEU B CB  
596 C  CG  . LEU B 41 ? 1.11123 0.66277 0.83874 0.04583  -0.17835 -0.03477 414 LEU B CG  
597 C  CD1 . LEU B 41 ? 1.00171 0.60805 0.75924 0.01829  -0.18246 -0.04036 414 LEU B CD1 
598 C  CD2 . LEU B 41 ? 1.13443 0.67367 0.86802 -0.00400 -0.24247 -0.04715 414 LEU B CD2 
# 
